data_8YJ3
#
_entry.id   8YJ3
#
_cell.length_a   103.228
_cell.length_b   66.113
_cell.length_c   138.590
_cell.angle_alpha   90.00
_cell.angle_beta   97.81
_cell.angle_gamma   90.00
#
_symmetry.space_group_name_H-M   'P 1 21 1'
#
loop_
_entity.id
_entity.type
_entity.pdbx_description
1 polymer 'tcr beta'
2 polymer 'tcr alpha'
#
loop_
_entity_poly.entity_id
_entity_poly.type
_entity_poly.pdbx_seq_one_letter_code
_entity_poly.pdbx_strand_id
1 'polypeptide(L)'
;MEAQVTQNPRYLITVTGKKLTVTCSQNMNHEYMSWYRQDPGLGLRQIYYSMNVEVTDKGDVPEGYKVSRKEKRNFPLILE
SPSPNQTSLYFCASSLVSTPLPKETQYFGPGTRLLVLEDLKNVFPPEVAVFEPSEAEISHTQKATLVCLATGFYPDHVEL
SWWVNGKEVHSGVCTDPQPLKEQPALNDSRYALSSRLRVSATFWQNPRNHFRCQVQFYGLSENDEWTQDRAKPVTQIVSA
EAWGRAD
;
E,A,C,G
2 'polypeptide(L)'
;MAQKVTQAQSSVSMPVRKAVTLNCLYETSWWSYYIFWYKQLPSKEMIFLIRQGSDEQNAKSGRYSVNFKKAAKSVALTIS
ALQLEDSAKYFCALGDTAGKSTFGDGTTLTVKPNIQNPDPAVYQLRDSKSSDKSVCLFTDFDSQTNVSQSKDSDVYITDK
CVLDMRSMDFKSNSAVAWSNKSDFACANAFNNSIIPEDTFFPSPESS
;
D,B,F,H
#
# COMPACT_ATOMS: atom_id res chain seq x y z
N GLU A 2 26.24 -1.05 -8.34
CA GLU A 2 24.89 -1.07 -7.79
C GLU A 2 24.92 -1.64 -6.37
N ALA A 3 24.25 -0.96 -5.44
CA ALA A 3 24.33 -1.30 -4.03
C ALA A 3 23.43 -2.48 -3.67
N GLN A 4 24.02 -3.51 -3.06
CA GLN A 4 23.26 -4.67 -2.60
C GLN A 4 24.08 -5.43 -1.57
N VAL A 5 23.38 -6.05 -0.62
CA VAL A 5 23.99 -6.92 0.39
C VAL A 5 23.66 -8.36 0.04
N THR A 6 24.69 -9.19 -0.03
CA THR A 6 24.56 -10.58 -0.48
C THR A 6 24.91 -11.53 0.65
N GLN A 7 24.05 -12.50 0.87
CA GLN A 7 24.29 -13.56 1.84
C GLN A 7 24.32 -14.91 1.14
N ASN A 8 25.17 -15.81 1.65
CA ASN A 8 25.29 -17.16 1.10
C ASN A 8 25.50 -18.13 2.26
N PRO A 9 24.62 -19.13 2.42
CA PRO A 9 23.45 -19.35 1.56
C PRO A 9 22.21 -18.56 1.99
N ARG A 10 21.22 -18.47 1.10
CA ARG A 10 19.95 -17.86 1.49
C ARG A 10 19.08 -18.84 2.27
N TYR A 11 19.27 -20.14 2.02
CA TYR A 11 18.57 -21.20 2.71
C TYR A 11 19.56 -22.31 3.02
N LEU A 12 19.51 -22.83 4.24
CA LEU A 12 20.50 -23.80 4.69
C LEU A 12 19.82 -24.82 5.59
N ILE A 13 19.92 -26.08 5.22
CA ILE A 13 19.53 -27.20 6.06
C ILE A 13 20.80 -27.91 6.49
N THR A 14 20.99 -28.08 7.80
CA THR A 14 22.21 -28.65 8.35
C THR A 14 21.87 -29.65 9.44
N VAL A 15 22.85 -30.51 9.74
CA VAL A 15 22.75 -31.52 10.79
C VAL A 15 23.41 -30.98 12.04
N THR A 16 22.81 -31.27 13.19
CA THR A 16 23.31 -30.78 14.47
C THR A 16 24.81 -31.02 14.59
N GLY A 17 25.53 -29.99 15.06
CA GLY A 17 26.94 -30.12 15.35
C GLY A 17 27.87 -30.08 14.15
N LYS A 18 27.34 -29.98 12.94
CA LYS A 18 28.18 -29.90 11.75
C LYS A 18 28.54 -28.45 11.50
N LYS A 19 29.84 -28.14 11.55
CA LYS A 19 30.31 -26.77 11.45
C LYS A 19 29.83 -26.11 10.15
N LEU A 20 29.44 -24.85 10.27
CA LEU A 20 29.02 -24.08 9.10
C LEU A 20 29.39 -22.62 9.30
N THR A 21 29.57 -21.92 8.19
CA THR A 21 29.84 -20.49 8.18
C THR A 21 28.90 -19.82 7.20
N VAL A 22 28.31 -18.70 7.61
CA VAL A 22 27.42 -17.91 6.76
C VAL A 22 28.18 -16.66 6.33
N THR A 23 28.18 -16.40 5.03
CA THR A 23 28.92 -15.27 4.49
C THR A 23 28.01 -14.06 4.32
N CYS A 24 28.59 -12.89 4.50
CA CYS A 24 27.91 -11.63 4.24
C CYS A 24 28.94 -10.71 3.60
N SER A 25 28.56 -10.06 2.51
CA SER A 25 29.51 -9.22 1.79
C SER A 25 28.80 -8.01 1.23
N GLN A 26 29.58 -6.96 0.99
CA GLN A 26 29.08 -5.72 0.40
C GLN A 26 30.20 -5.08 -0.40
N ASN A 27 29.85 -4.50 -1.54
CA ASN A 27 30.82 -3.85 -2.40
C ASN A 27 30.78 -2.33 -2.27
N MET A 28 30.20 -1.83 -1.17
CA MET A 28 30.09 -0.41 -0.92
C MET A 28 31.14 0.09 0.07
N ASN A 29 32.14 -0.74 0.40
CA ASN A 29 33.21 -0.37 1.32
C ASN A 29 32.66 0.14 2.65
N HIS A 30 31.56 -0.46 3.10
CA HIS A 30 30.93 -0.03 4.35
C HIS A 30 31.79 -0.41 5.55
N GLU A 31 31.93 0.54 6.48
CA GLU A 31 32.72 0.28 7.67
C GLU A 31 31.98 -0.59 8.67
N TYR A 32 30.68 -0.36 8.84
CA TYR A 32 29.89 -1.02 9.87
C TYR A 32 29.02 -2.11 9.25
N MET A 33 29.16 -3.33 9.77
CA MET A 33 28.30 -4.44 9.40
C MET A 33 27.89 -5.20 10.65
N SER A 34 26.66 -5.73 10.65
CA SER A 34 26.06 -6.34 11.82
C SER A 34 25.27 -7.58 11.42
N TRP A 35 25.27 -8.57 12.31
CA TRP A 35 24.46 -9.77 12.18
C TRP A 35 23.33 -9.76 13.21
N TYR A 36 22.16 -10.21 12.77
CA TYR A 36 20.99 -10.29 13.64
C TYR A 36 20.32 -11.64 13.43
N ARG A 37 19.58 -12.08 14.44
CA ARG A 37 18.69 -13.23 14.28
C ARG A 37 17.28 -12.79 14.63
N GLN A 38 16.32 -13.19 13.81
CA GLN A 38 14.92 -12.91 14.02
C GLN A 38 14.20 -14.23 14.28
N ASP A 39 13.74 -14.42 15.50
CA ASP A 39 12.88 -15.56 15.72
C ASP A 39 11.46 -15.23 15.26
N PRO A 40 10.67 -16.24 14.87
CA PRO A 40 9.35 -15.96 14.30
C PRO A 40 8.46 -15.21 15.28
N GLY A 41 7.81 -14.16 14.78
CA GLY A 41 6.94 -13.33 15.60
C GLY A 41 7.64 -12.29 16.44
N LEU A 42 8.96 -12.35 16.56
CA LEU A 42 9.74 -11.49 17.44
C LEU A 42 10.58 -10.52 16.62
N GLY A 43 11.35 -9.68 17.33
CA GLY A 43 12.26 -8.77 16.68
C GLY A 43 13.63 -9.38 16.42
N LEU A 44 14.53 -8.52 15.91
CA LEU A 44 15.90 -8.93 15.61
C LEU A 44 16.76 -8.81 16.86
N ARG A 45 17.42 -9.91 17.22
CA ARG A 45 18.38 -9.93 18.32
C ARG A 45 19.79 -9.83 17.74
N GLN A 46 20.55 -8.84 18.22
CA GLN A 46 21.89 -8.56 17.69
C GLN A 46 22.89 -9.60 18.17
N ILE A 47 23.68 -10.15 17.24
CA ILE A 47 24.67 -11.18 17.57
C ILE A 47 26.07 -10.57 17.67
N TYR A 48 26.59 -10.07 16.55
CA TYR A 48 27.88 -9.40 16.51
C TYR A 48 27.82 -8.24 15.54
N TYR A 49 28.61 -7.20 15.82
CA TYR A 49 28.79 -6.09 14.91
C TYR A 49 30.26 -5.66 14.89
N SER A 50 30.63 -4.98 13.81
CA SER A 50 32.01 -4.57 13.55
C SER A 50 32.01 -3.11 13.14
N MET A 51 32.59 -2.25 13.97
CA MET A 51 32.62 -0.82 13.67
C MET A 51 33.59 -0.48 12.54
N ASN A 52 34.47 -1.42 12.18
CA ASN A 52 35.46 -1.28 11.11
C ASN A 52 36.25 -2.59 11.10
N VAL A 53 37.17 -2.70 10.14
CA VAL A 53 38.01 -3.89 10.03
C VAL A 53 38.75 -4.15 11.33
N GLU A 54 38.75 -5.42 11.76
CA GLU A 54 39.47 -5.90 12.94
C GLU A 54 38.92 -5.34 14.25
N VAL A 55 37.72 -4.77 14.23
CA VAL A 55 37.02 -4.35 15.44
C VAL A 55 35.80 -5.23 15.61
N THR A 56 35.75 -5.98 16.70
CA THR A 56 34.61 -6.85 16.99
C THR A 56 34.15 -6.61 18.42
N ASP A 57 32.83 -6.62 18.59
CA ASP A 57 32.20 -6.46 19.90
C ASP A 57 30.99 -7.37 19.97
N LYS A 58 30.78 -7.98 21.13
CA LYS A 58 29.65 -8.88 21.31
C LYS A 58 28.34 -8.11 21.43
N GLY A 59 27.31 -8.63 20.77
CA GLY A 59 25.97 -8.10 20.88
C GLY A 59 25.19 -8.74 22.00
N ASP A 60 23.87 -8.80 21.85
CA ASP A 60 23.02 -9.33 22.91
C ASP A 60 23.03 -10.85 22.97
N VAL A 61 23.25 -11.54 21.86
CA VAL A 61 23.22 -13.00 21.82
C VAL A 61 24.44 -13.55 21.08
N PRO A 62 25.66 -13.36 21.59
CA PRO A 62 26.85 -13.84 20.88
C PRO A 62 27.15 -15.32 21.09
N GLU A 63 26.50 -15.96 22.05
CA GLU A 63 26.86 -17.33 22.44
C GLU A 63 26.67 -18.30 21.28
N GLY A 64 27.66 -19.16 21.07
CA GLY A 64 27.60 -20.15 20.01
C GLY A 64 27.95 -19.64 18.64
N TYR A 65 28.40 -18.39 18.54
CA TYR A 65 28.75 -17.79 17.27
C TYR A 65 30.14 -17.18 17.36
N LYS A 66 30.84 -17.19 16.23
CA LYS A 66 32.11 -16.48 16.10
C LYS A 66 32.10 -15.73 14.79
N VAL A 67 32.83 -14.62 14.76
CA VAL A 67 32.90 -13.76 13.58
C VAL A 67 34.35 -13.39 13.34
N SER A 68 34.61 -12.86 12.15
CA SER A 68 35.90 -12.27 11.82
C SER A 68 35.65 -11.11 10.86
N ARG A 69 36.58 -10.15 10.85
CA ARG A 69 36.50 -9.01 9.96
C ARG A 69 37.89 -8.82 9.39
N LYS A 70 38.28 -9.74 8.49
CA LYS A 70 39.60 -9.69 7.91
C LYS A 70 39.72 -8.54 6.92
N GLU A 71 38.60 -8.13 6.33
CA GLU A 71 38.56 -6.96 5.46
C GLU A 71 37.19 -6.31 5.57
N LYS A 72 37.02 -5.19 4.85
CA LYS A 72 35.77 -4.44 4.92
C LYS A 72 34.64 -5.17 4.22
N ARG A 73 34.96 -5.86 3.13
CA ARG A 73 33.94 -6.45 2.26
C ARG A 73 33.19 -7.57 2.96
N ASN A 74 33.87 -8.38 3.78
CA ASN A 74 33.30 -9.61 4.30
C ASN A 74 33.11 -9.54 5.82
N PHE A 75 32.01 -10.11 6.29
CA PHE A 75 31.72 -10.23 7.73
C PHE A 75 31.02 -11.56 7.95
N PRO A 76 31.76 -12.66 7.97
CA PRO A 76 31.12 -13.97 8.03
C PRO A 76 30.66 -14.33 9.43
N LEU A 77 29.57 -15.08 9.49
CA LEU A 77 28.99 -15.56 10.73
C LEU A 77 29.31 -17.05 10.84
N ILE A 78 30.03 -17.42 11.89
CA ILE A 78 30.50 -18.79 12.08
C ILE A 78 29.73 -19.41 13.23
N LEU A 79 29.18 -20.60 12.98
CA LEU A 79 28.44 -21.37 13.98
C LEU A 79 29.30 -22.60 14.27
N GLU A 80 30.01 -22.55 15.40
CA GLU A 80 31.01 -23.58 15.67
C GLU A 80 30.37 -24.95 15.79
N SER A 81 29.23 -25.04 16.49
CA SER A 81 28.52 -26.29 16.70
C SER A 81 27.04 -25.99 16.66
N PRO A 82 26.45 -25.93 15.46
CA PRO A 82 25.03 -25.59 15.34
C PRO A 82 24.15 -26.52 16.16
N SER A 83 23.23 -25.92 16.90
CA SER A 83 22.28 -26.60 17.77
C SER A 83 20.86 -26.20 17.40
N PRO A 84 19.86 -27.01 17.76
CA PRO A 84 18.48 -26.73 17.32
C PRO A 84 17.98 -25.35 17.73
N ASN A 85 18.44 -24.81 18.85
CA ASN A 85 17.98 -23.50 19.27
C ASN A 85 18.63 -22.36 18.49
N GLN A 86 19.52 -22.67 17.54
CA GLN A 86 20.04 -21.70 16.59
C GLN A 86 19.26 -21.66 15.28
N THR A 87 18.23 -22.49 15.13
CA THR A 87 17.32 -22.37 14.00
C THR A 87 16.61 -21.03 14.07
N SER A 88 16.73 -20.24 13.01
CA SER A 88 16.16 -18.89 12.99
C SER A 88 16.32 -18.32 11.59
N LEU A 89 15.82 -17.10 11.42
CA LEU A 89 16.05 -16.30 10.23
C LEU A 89 17.12 -15.27 10.55
N TYR A 90 18.27 -15.37 9.88
CA TYR A 90 19.41 -14.53 10.18
C TYR A 90 19.53 -13.39 9.17
N PHE A 91 19.63 -12.16 9.68
CA PHE A 91 19.81 -10.99 8.85
C PHE A 91 21.19 -10.39 9.09
N CYS A 92 21.88 -10.09 8.00
CA CYS A 92 23.12 -9.31 8.05
C CYS A 92 22.83 -7.93 7.52
N ALA A 93 23.27 -6.90 8.25
CA ALA A 93 23.06 -5.52 7.88
C ALA A 93 24.40 -4.82 7.71
N SER A 94 24.38 -3.75 6.92
CA SER A 94 25.56 -2.91 6.72
C SER A 94 25.10 -1.46 6.59
N SER A 95 25.98 -0.54 6.97
CA SER A 95 25.66 0.88 6.90
C SER A 95 26.93 1.65 6.59
N LEU A 96 26.74 2.84 6.03
CA LEU A 96 27.86 3.64 5.58
C LEU A 96 28.80 3.98 6.73
N VAL A 97 28.25 4.34 7.89
CA VAL A 97 28.99 4.68 9.10
C VAL A 97 28.18 4.15 10.28
N SER A 98 28.87 3.97 11.41
CA SER A 98 28.24 3.37 12.60
C SER A 98 27.13 4.23 13.19
N THR A 99 27.06 5.52 12.86
CA THR A 99 26.00 6.42 13.31
C THR A 99 25.50 7.17 12.08
N PRO A 100 24.57 6.59 11.34
CA PRO A 100 24.18 7.15 10.03
C PRO A 100 23.63 8.57 10.09
N LEU A 101 24.02 9.39 9.12
CA LEU A 101 23.43 10.70 8.87
C LEU A 101 21.99 10.55 8.37
N PRO A 102 21.20 11.64 8.37
CA PRO A 102 19.81 11.51 7.91
C PRO A 102 19.64 10.94 6.50
N LYS A 103 20.45 11.37 5.52
CA LYS A 103 20.24 10.94 4.15
C LYS A 103 20.72 9.53 3.86
N GLU A 104 21.48 8.93 4.78
CA GLU A 104 22.16 7.68 4.51
C GLU A 104 21.29 6.49 4.94
N THR A 105 21.40 5.40 4.20
CA THR A 105 20.62 4.20 4.41
C THR A 105 21.53 3.10 4.96
N GLN A 106 21.00 2.30 5.88
CA GLN A 106 21.63 1.03 6.24
C GLN A 106 20.91 -0.09 5.50
N TYR A 107 21.66 -0.85 4.72
CA TYR A 107 21.09 -1.85 3.82
C TYR A 107 21.08 -3.22 4.49
N PHE A 108 20.03 -3.98 4.22
CA PHE A 108 19.86 -5.31 4.79
C PHE A 108 19.91 -6.35 3.69
N GLY A 109 20.54 -7.49 3.99
CA GLY A 109 20.51 -8.62 3.12
C GLY A 109 19.12 -9.24 3.07
N PRO A 110 18.97 -10.25 2.22
CA PRO A 110 17.65 -10.89 2.06
C PRO A 110 17.28 -11.82 3.19
N GLY A 111 18.17 -12.05 4.14
CA GLY A 111 17.90 -12.98 5.21
C GLY A 111 18.37 -14.38 4.89
N THR A 112 18.80 -15.09 5.94
CA THR A 112 19.24 -16.47 5.82
C THR A 112 18.34 -17.33 6.68
N ARG A 113 17.59 -18.23 6.03
CA ARG A 113 16.69 -19.14 6.73
C ARG A 113 17.50 -20.39 7.07
N LEU A 114 17.93 -20.50 8.32
CA LEU A 114 18.78 -21.58 8.77
C LEU A 114 17.98 -22.58 9.61
N LEU A 115 18.15 -23.86 9.31
CA LEU A 115 17.45 -24.93 10.01
C LEU A 115 18.48 -25.97 10.46
N VAL A 116 18.59 -26.17 11.76
CA VAL A 116 19.49 -27.16 12.35
C VAL A 116 18.66 -28.32 12.84
N LEU A 117 19.01 -29.54 12.40
CA LEU A 117 18.23 -30.72 12.70
C LEU A 117 19.12 -31.87 13.16
N GLU A 118 18.54 -32.77 13.95
CA GLU A 118 19.23 -34.00 14.33
C GLU A 118 19.54 -34.84 13.10
N ASP A 119 18.59 -34.94 12.17
CA ASP A 119 18.81 -35.66 10.92
C ASP A 119 17.88 -35.07 9.86
N LEU A 120 18.11 -35.48 8.61
CA LEU A 120 17.42 -34.90 7.47
C LEU A 120 16.36 -35.83 6.89
N LYS A 121 15.99 -36.89 7.62
CA LYS A 121 15.07 -37.89 7.10
C LYS A 121 13.66 -37.34 6.92
N ASN A 122 13.35 -36.19 7.49
CA ASN A 122 12.02 -35.60 7.39
C ASN A 122 11.92 -34.59 6.25
N VAL A 123 13.00 -34.35 5.51
CA VAL A 123 12.97 -33.43 4.38
C VAL A 123 12.23 -34.09 3.21
N PHE A 124 11.26 -33.37 2.66
CA PHE A 124 10.45 -33.86 1.55
C PHE A 124 10.27 -32.75 0.54
N PRO A 125 10.38 -33.04 -0.75
CA PRO A 125 10.12 -32.04 -1.77
C PRO A 125 8.64 -31.87 -2.00
N PRO A 126 8.22 -30.79 -2.66
CA PRO A 126 6.78 -30.55 -2.84
C PRO A 126 6.19 -31.36 -3.98
N GLU A 127 4.89 -31.62 -3.85
CA GLU A 127 4.05 -31.99 -4.97
C GLU A 127 3.23 -30.78 -5.36
N VAL A 128 3.08 -30.54 -6.65
CA VAL A 128 2.45 -29.32 -7.15
C VAL A 128 1.39 -29.72 -8.17
N ALA A 129 0.26 -29.00 -8.14
CA ALA A 129 -0.83 -29.20 -9.08
C ALA A 129 -1.46 -27.84 -9.40
N VAL A 130 -1.99 -27.73 -10.61
CA VAL A 130 -2.67 -26.52 -11.07
C VAL A 130 -4.15 -26.84 -11.21
N PHE A 131 -5.00 -25.97 -10.69
CA PHE A 131 -6.45 -26.14 -10.71
C PHE A 131 -7.08 -25.08 -11.60
N GLU A 132 -7.83 -25.52 -12.61
CA GLU A 132 -8.38 -24.65 -13.62
C GLU A 132 -9.57 -23.85 -13.08
N PRO A 133 -9.85 -22.69 -13.65
CA PRO A 133 -10.98 -21.88 -13.16
C PRO A 133 -12.32 -22.55 -13.44
N SER A 134 -13.30 -22.23 -12.59
CA SER A 134 -14.63 -22.77 -12.74
C SER A 134 -15.44 -21.97 -13.75
N GLU A 135 -16.26 -22.67 -14.54
CA GLU A 135 -17.12 -22.00 -15.51
C GLU A 135 -18.09 -21.04 -14.83
N ALA A 136 -18.38 -21.25 -13.54
CA ALA A 136 -19.33 -20.40 -12.85
C ALA A 136 -18.74 -19.02 -12.58
N GLU A 137 -17.48 -18.96 -12.15
CA GLU A 137 -16.82 -17.67 -11.99
C GLU A 137 -16.74 -16.92 -13.31
N ILE A 138 -16.41 -17.64 -14.39
CA ILE A 138 -16.39 -17.04 -15.72
C ILE A 138 -17.76 -16.45 -16.05
N SER A 139 -18.81 -17.22 -15.76
CA SER A 139 -20.17 -16.75 -16.03
C SER A 139 -20.55 -15.58 -15.12
N HIS A 140 -20.27 -15.70 -13.82
CA HIS A 140 -20.81 -14.76 -12.85
C HIS A 140 -20.06 -13.43 -12.84
N THR A 141 -18.74 -13.46 -13.07
CA THR A 141 -17.91 -12.27 -12.92
C THR A 141 -17.13 -11.88 -14.18
N GLN A 142 -17.14 -12.71 -15.22
CA GLN A 142 -16.28 -12.53 -16.40
C GLN A 142 -14.81 -12.45 -16.03
N LYS A 143 -14.42 -13.17 -14.99
CA LYS A 143 -13.02 -13.34 -14.59
C LYS A 143 -12.76 -14.82 -14.34
N ALA A 144 -11.48 -15.18 -14.26
CA ALA A 144 -11.07 -16.58 -14.10
C ALA A 144 -9.89 -16.66 -13.13
N THR A 145 -10.10 -17.34 -12.01
CA THR A 145 -9.07 -17.48 -10.98
C THR A 145 -8.47 -18.88 -11.06
N LEU A 146 -7.17 -18.96 -11.31
CA LEU A 146 -6.44 -20.21 -11.23
C LEU A 146 -5.85 -20.36 -9.84
N VAL A 147 -5.79 -21.59 -9.34
CA VAL A 147 -5.24 -21.90 -8.03
C VAL A 147 -4.13 -22.91 -8.17
N CYS A 148 -2.99 -22.64 -7.54
CA CYS A 148 -1.87 -23.57 -7.49
C CYS A 148 -1.74 -24.12 -6.08
N LEU A 149 -1.41 -25.41 -5.97
CA LEU A 149 -1.31 -26.09 -4.69
C LEU A 149 0.01 -26.84 -4.62
N ALA A 150 0.85 -26.47 -3.67
CA ALA A 150 2.08 -27.21 -3.36
C ALA A 150 1.87 -27.95 -2.05
N THR A 151 2.10 -29.26 -2.07
CA THR A 151 1.80 -30.11 -0.93
C THR A 151 2.97 -31.03 -0.63
N GLY A 152 3.03 -31.50 0.60
CA GLY A 152 3.93 -32.57 0.95
C GLY A 152 5.38 -32.18 1.11
N PHE A 153 5.69 -30.89 1.22
CA PHE A 153 7.08 -30.46 1.31
C PHE A 153 7.46 -30.15 2.75
N TYR A 154 8.75 -30.26 3.03
CA TYR A 154 9.31 -29.90 4.33
C TYR A 154 10.79 -29.58 4.13
N PRO A 155 11.30 -28.46 4.67
CA PRO A 155 10.60 -27.42 5.43
C PRO A 155 9.92 -26.41 4.52
N ASP A 156 9.53 -25.26 5.06
CA ASP A 156 8.90 -24.19 4.28
C ASP A 156 9.93 -23.28 3.61
N HIS A 157 11.04 -23.85 3.14
CA HIS A 157 12.03 -23.10 2.37
C HIS A 157 11.62 -23.19 0.90
N VAL A 158 10.62 -22.39 0.52
CA VAL A 158 10.06 -22.44 -0.83
C VAL A 158 9.78 -21.03 -1.32
N GLU A 159 9.80 -20.86 -2.64
CA GLU A 159 9.38 -19.65 -3.32
C GLU A 159 8.46 -20.04 -4.45
N LEU A 160 7.30 -19.40 -4.55
CA LEU A 160 6.33 -19.72 -5.58
C LEU A 160 6.11 -18.52 -6.49
N SER A 161 6.09 -18.78 -7.80
CA SER A 161 5.85 -17.75 -8.79
C SER A 161 4.97 -18.29 -9.91
N TRP A 162 4.33 -17.38 -10.63
CA TRP A 162 3.51 -17.70 -11.78
C TRP A 162 4.21 -17.24 -13.05
N TRP A 163 4.12 -18.06 -14.11
CA TRP A 163 4.72 -17.75 -15.40
C TRP A 163 3.67 -17.97 -16.48
N VAL A 164 3.33 -16.92 -17.20
CA VAL A 164 2.30 -16.93 -18.24
C VAL A 164 2.99 -16.70 -19.58
N ASN A 165 2.87 -17.69 -20.48
CA ASN A 165 3.55 -17.66 -21.78
C ASN A 165 5.06 -17.43 -21.62
N GLY A 166 5.63 -18.03 -20.59
CA GLY A 166 7.06 -17.95 -20.37
C GLY A 166 7.54 -16.72 -19.63
N LYS A 167 6.64 -15.81 -19.27
CA LYS A 167 6.99 -14.57 -18.58
C LYS A 167 6.38 -14.57 -17.18
N GLU A 168 7.19 -14.25 -16.18
CA GLU A 168 6.67 -14.16 -14.83
C GLU A 168 5.69 -12.99 -14.71
N VAL A 169 4.60 -13.20 -14.00
CA VAL A 169 3.60 -12.18 -13.78
C VAL A 169 3.41 -11.98 -12.28
N HIS A 170 3.10 -10.74 -11.90
CA HIS A 170 2.76 -10.38 -10.53
C HIS A 170 1.40 -9.72 -10.41
N SER A 171 0.94 -9.02 -11.45
CA SER A 171 -0.43 -8.52 -11.46
C SER A 171 -1.41 -9.68 -11.36
N GLY A 172 -2.40 -9.55 -10.49
CA GLY A 172 -3.39 -10.60 -10.33
C GLY A 172 -2.95 -11.77 -9.49
N VAL A 173 -1.83 -11.67 -8.78
CA VAL A 173 -1.26 -12.76 -8.01
C VAL A 173 -1.45 -12.48 -6.52
N CYS A 174 -1.80 -13.52 -5.76
CA CYS A 174 -1.77 -13.43 -4.30
C CYS A 174 -1.37 -14.78 -3.74
N THR A 175 -0.34 -14.78 -2.89
CA THR A 175 0.17 -16.00 -2.26
C THR A 175 0.01 -15.89 -0.74
N ASP A 176 -0.29 -17.00 -0.10
CA ASP A 176 -0.41 -17.03 1.35
C ASP A 176 0.87 -16.50 1.99
N PRO A 177 0.76 -15.74 3.09
CA PRO A 177 1.96 -15.16 3.69
C PRO A 177 2.91 -16.19 4.30
N GLN A 178 2.38 -17.21 4.95
CA GLN A 178 3.19 -18.28 5.52
C GLN A 178 2.57 -19.62 5.19
N PRO A 179 3.39 -20.64 4.96
CA PRO A 179 2.83 -21.97 4.70
C PRO A 179 2.20 -22.53 5.96
N LEU A 180 1.13 -23.29 5.78
CA LEU A 180 0.41 -23.90 6.89
C LEU A 180 0.79 -25.37 7.03
N LYS A 181 0.72 -25.85 8.27
CA LYS A 181 1.07 -27.24 8.56
C LYS A 181 -0.06 -28.18 8.17
N GLU A 182 0.29 -29.31 7.57
CA GLU A 182 -0.71 -30.30 7.22
C GLU A 182 -1.18 -31.08 8.44
N GLN A 183 -0.28 -31.36 9.38
CA GLN A 183 -0.61 -32.09 10.61
C GLN A 183 0.03 -31.38 11.78
N PRO A 184 -0.54 -30.26 12.23
CA PRO A 184 0.15 -29.36 13.17
C PRO A 184 0.71 -30.02 14.43
N ALA A 185 0.18 -31.18 14.80
CA ALA A 185 0.61 -31.84 16.03
C ALA A 185 2.10 -32.18 16.02
N LEU A 186 2.60 -32.71 14.90
CA LEU A 186 4.01 -33.06 14.77
C LEU A 186 4.87 -31.84 14.44
N ASN A 187 5.99 -31.70 15.15
CA ASN A 187 6.98 -30.71 14.75
C ASN A 187 7.48 -30.98 13.34
N ASP A 188 7.54 -32.25 12.95
CA ASP A 188 7.98 -32.66 11.63
C ASP A 188 6.83 -32.78 10.64
N SER A 189 5.76 -32.03 10.87
CA SER A 189 4.64 -32.06 9.93
C SER A 189 5.07 -31.44 8.61
N ARG A 190 4.63 -32.04 7.51
CA ARG A 190 4.84 -31.40 6.23
C ARG A 190 3.94 -30.17 6.09
N TYR A 191 4.22 -29.37 5.06
CA TYR A 191 3.58 -28.08 4.87
C TYR A 191 2.85 -28.07 3.53
N ALA A 192 1.99 -27.07 3.37
CA ALA A 192 1.30 -26.84 2.11
C ALA A 192 1.16 -25.34 1.91
N LEU A 193 1.08 -24.92 0.64
CA LEU A 193 1.01 -23.51 0.31
C LEU A 193 0.20 -23.34 -0.97
N SER A 194 -0.64 -22.30 -0.99
CA SER A 194 -1.49 -22.01 -2.13
C SER A 194 -1.27 -20.59 -2.62
N SER A 195 -1.65 -20.35 -3.87
CA SER A 195 -1.65 -19.02 -4.45
C SER A 195 -2.70 -18.95 -5.55
N ARG A 196 -3.17 -17.74 -5.82
CA ARG A 196 -4.20 -17.51 -6.83
C ARG A 196 -3.67 -16.58 -7.91
N LEU A 197 -4.06 -16.84 -9.15
CA LEU A 197 -3.82 -15.94 -10.25
C LEU A 197 -5.14 -15.75 -10.98
N ARG A 198 -5.52 -14.49 -11.19
CA ARG A 198 -6.80 -14.15 -11.81
C ARG A 198 -6.55 -13.36 -13.08
N VAL A 199 -7.19 -13.80 -14.17
CA VAL A 199 -7.11 -13.15 -15.48
C VAL A 199 -8.53 -12.93 -15.99
N SER A 200 -8.62 -12.19 -17.10
CA SER A 200 -9.92 -11.96 -17.72
C SER A 200 -10.48 -13.26 -18.29
N ALA A 201 -11.81 -13.33 -18.35
CA ALA A 201 -12.46 -14.54 -18.85
C ALA A 201 -12.04 -14.85 -20.28
N THR A 202 -11.96 -13.83 -21.13
CA THR A 202 -11.60 -14.07 -22.52
C THR A 202 -10.16 -14.53 -22.66
N PHE A 203 -9.27 -14.10 -21.75
CA PHE A 203 -7.89 -14.56 -21.79
C PHE A 203 -7.79 -16.05 -21.53
N TRP A 204 -8.56 -16.57 -20.58
CA TRP A 204 -8.53 -18.00 -20.30
C TRP A 204 -9.04 -18.81 -21.48
N GLN A 205 -9.94 -18.24 -22.27
CA GLN A 205 -10.60 -18.96 -23.35
C GLN A 205 -9.75 -19.00 -24.62
N ASN A 206 -8.59 -18.35 -24.62
CA ASN A 206 -7.65 -18.40 -25.72
C ASN A 206 -6.73 -19.60 -25.55
N PRO A 207 -6.76 -20.60 -26.43
CA PRO A 207 -5.94 -21.80 -26.22
C PRO A 207 -4.45 -21.59 -26.48
N ARG A 208 -4.04 -20.44 -27.04
CA ARG A 208 -2.63 -20.14 -27.22
C ARG A 208 -1.94 -19.67 -25.95
N ASN A 209 -2.69 -19.40 -24.88
CA ASN A 209 -2.13 -18.92 -23.62
C ASN A 209 -1.76 -20.10 -22.73
N HIS A 210 -0.56 -20.05 -22.14
CA HIS A 210 -0.02 -21.14 -21.35
C HIS A 210 0.26 -20.65 -19.94
N PHE A 211 -0.15 -21.46 -18.95
CA PHE A 211 -0.05 -21.09 -17.54
C PHE A 211 0.80 -22.11 -16.81
N ARG A 212 1.76 -21.62 -16.02
CA ARG A 212 2.68 -22.49 -15.28
C ARG A 212 2.88 -21.95 -13.87
N CYS A 213 2.65 -22.80 -12.89
CA CYS A 213 2.98 -22.50 -11.50
C CYS A 213 4.27 -23.23 -11.13
N GLN A 214 5.24 -22.50 -10.59
CA GLN A 214 6.56 -23.03 -10.31
C GLN A 214 6.88 -22.84 -8.83
N VAL A 215 7.32 -23.91 -8.18
CA VAL A 215 7.70 -23.89 -6.76
C VAL A 215 9.18 -24.22 -6.67
N GLN A 216 9.99 -23.23 -6.30
CA GLN A 216 11.41 -23.46 -6.03
C GLN A 216 11.58 -23.98 -4.61
N PHE A 217 12.03 -25.23 -4.48
CA PHE A 217 12.25 -25.86 -3.20
C PHE A 217 13.74 -25.86 -2.88
N TYR A 218 14.10 -25.42 -1.68
CA TYR A 218 15.47 -25.37 -1.23
C TYR A 218 15.72 -26.51 -0.23
N GLY A 219 16.59 -27.44 -0.60
CA GLY A 219 16.81 -28.64 0.18
C GLY A 219 18.27 -29.04 0.28
N LEU A 220 18.54 -30.34 0.15
CA LEU A 220 19.89 -30.85 0.33
C LEU A 220 20.76 -30.49 -0.87
N SER A 221 22.07 -30.57 -0.67
CA SER A 221 23.07 -30.42 -1.71
C SER A 221 23.66 -31.77 -2.09
N GLU A 222 24.34 -31.80 -3.24
CA GLU A 222 25.08 -33.00 -3.63
C GLU A 222 26.05 -33.43 -2.53
N ASN A 223 26.63 -32.45 -1.83
CA ASN A 223 27.57 -32.76 -0.75
C ASN A 223 26.88 -33.55 0.36
N ASP A 224 25.58 -33.37 0.55
CA ASP A 224 24.90 -33.97 1.68
C ASP A 224 24.72 -35.47 1.46
N GLU A 225 24.98 -36.25 2.50
CA GLU A 225 24.81 -37.70 2.43
C GLU A 225 23.33 -38.06 2.51
N TRP A 226 22.95 -39.12 1.80
CA TRP A 226 21.57 -39.57 1.81
C TRP A 226 21.56 -41.09 1.84
N THR A 227 20.81 -41.66 2.80
CA THR A 227 20.77 -43.09 3.00
C THR A 227 19.39 -43.72 2.74
N GLN A 228 18.32 -42.93 2.70
CA GLN A 228 16.99 -43.49 2.54
C GLN A 228 16.77 -44.01 1.13
N ASP A 229 15.76 -44.88 0.99
CA ASP A 229 15.45 -45.48 -0.30
C ASP A 229 14.92 -44.44 -1.29
N ARG A 230 14.07 -43.52 -0.82
CA ARG A 230 13.43 -42.56 -1.71
C ARG A 230 14.45 -41.60 -2.30
N ALA A 231 14.01 -40.89 -3.34
CA ALA A 231 14.87 -39.94 -4.05
C ALA A 231 15.40 -38.85 -3.13
N LYS A 232 16.67 -38.51 -3.30
CA LYS A 232 17.31 -37.50 -2.47
C LYS A 232 16.65 -36.15 -2.68
N PRO A 233 16.19 -35.47 -1.61
CA PRO A 233 15.43 -34.21 -1.75
C PRO A 233 16.35 -33.00 -1.96
N VAL A 234 16.98 -32.97 -3.13
CA VAL A 234 17.89 -31.87 -3.46
C VAL A 234 17.11 -30.60 -3.82
N THR A 235 17.83 -29.47 -3.81
CA THR A 235 17.33 -28.24 -4.39
C THR A 235 16.81 -28.50 -5.81
N GLN A 236 15.57 -28.12 -6.06
CA GLN A 236 14.97 -28.43 -7.34
C GLN A 236 13.77 -27.54 -7.59
N ILE A 237 13.32 -27.52 -8.85
CA ILE A 237 12.09 -26.86 -9.25
C ILE A 237 11.08 -27.94 -9.61
N VAL A 238 9.84 -27.75 -9.17
CA VAL A 238 8.74 -28.62 -9.51
C VAL A 238 7.59 -27.74 -9.96
N SER A 239 6.99 -28.08 -11.11
CA SER A 239 6.01 -27.22 -11.75
C SER A 239 4.80 -28.04 -12.16
N ALA A 240 3.69 -27.33 -12.36
CA ALA A 240 2.52 -27.87 -13.01
C ALA A 240 2.01 -26.87 -14.03
N GLU A 241 1.39 -27.37 -15.09
CA GLU A 241 1.02 -26.54 -16.22
C GLU A 241 -0.44 -26.72 -16.52
N ALA A 242 -1.00 -25.73 -17.23
CA ALA A 242 -2.35 -25.81 -17.74
C ALA A 242 -2.45 -24.90 -18.96
N TRP A 243 -3.28 -25.29 -19.91
CA TRP A 243 -3.53 -24.51 -21.12
C TRP A 243 -4.94 -23.94 -21.14
N GLY A 244 -5.10 -22.82 -21.82
CA GLY A 244 -6.42 -22.25 -22.03
C GLY A 244 -7.34 -23.18 -22.80
N ARG A 245 -8.64 -22.97 -22.63
CA ARG A 245 -9.64 -23.87 -23.18
C ARG A 245 -10.78 -23.06 -23.78
N ALA A 246 -11.07 -23.32 -25.05
CA ALA A 246 -12.24 -22.74 -25.70
C ALA A 246 -13.50 -23.09 -24.91
N ASP A 247 -14.45 -22.16 -24.90
CA ASP A 247 -15.73 -22.36 -24.21
C ASP A 247 -16.43 -23.65 -24.65
N ALA B 2 16.07 -0.52 32.46
CA ALA B 2 16.73 -1.55 31.66
C ALA B 2 16.88 -1.11 30.21
N GLN B 3 17.00 -2.08 29.31
CA GLN B 3 17.12 -1.85 27.87
C GLN B 3 15.94 -2.55 27.18
N LYS B 4 14.85 -1.83 27.00
CA LYS B 4 13.64 -2.41 26.40
C LYS B 4 13.01 -1.40 25.46
N VAL B 5 12.61 -1.88 24.29
CA VAL B 5 11.81 -1.14 23.34
C VAL B 5 10.48 -1.86 23.19
N THR B 6 9.37 -1.12 23.30
CA THR B 6 8.04 -1.71 23.38
C THR B 6 7.15 -1.14 22.28
N GLN B 7 6.59 -2.03 21.46
CA GLN B 7 5.61 -1.69 20.44
C GLN B 7 4.29 -2.32 20.85
N ALA B 8 3.39 -1.51 21.38
CA ALA B 8 2.21 -2.04 22.05
C ALA B 8 1.29 -2.77 21.07
N GLN B 9 1.13 -2.23 19.87
CA GLN B 9 0.19 -2.80 18.91
C GLN B 9 0.84 -3.98 18.18
N SER B 10 0.42 -5.19 18.52
CA SER B 10 0.90 -6.36 17.78
C SER B 10 0.32 -6.40 16.38
N SER B 11 -0.88 -5.85 16.18
CA SER B 11 -1.54 -5.88 14.88
C SER B 11 -2.51 -4.70 14.79
N VAL B 12 -2.64 -4.17 13.58
CA VAL B 12 -3.46 -3.00 13.30
C VAL B 12 -4.03 -3.17 11.90
N SER B 13 -5.30 -2.80 11.74
CA SER B 13 -5.93 -2.78 10.42
C SER B 13 -6.46 -1.38 10.15
N MET B 14 -6.38 -0.95 8.87
CA MET B 14 -6.66 0.42 8.47
C MET B 14 -7.00 0.44 6.99
N PRO B 15 -7.93 1.29 6.55
CA PRO B 15 -8.30 1.32 5.13
C PRO B 15 -7.25 2.03 4.27
N VAL B 16 -7.32 1.73 2.96
CA VAL B 16 -6.40 2.32 1.99
C VAL B 16 -6.57 3.84 1.95
N ARG B 17 -5.46 4.52 1.65
CA ARG B 17 -5.32 5.97 1.50
C ARG B 17 -5.46 6.73 2.82
N LYS B 18 -5.77 6.04 3.93
CA LYS B 18 -5.86 6.72 5.21
C LYS B 18 -4.47 6.84 5.82
N ALA B 19 -4.40 7.39 7.03
CA ALA B 19 -3.15 7.51 7.75
C ALA B 19 -3.17 6.60 8.97
N VAL B 20 -1.99 6.20 9.42
CA VAL B 20 -1.85 5.33 10.58
C VAL B 20 -0.68 5.83 11.43
N THR B 21 -0.82 5.69 12.74
CA THR B 21 0.21 6.07 13.70
C THR B 21 0.63 4.85 14.51
N LEU B 22 1.92 4.54 14.49
CA LEU B 22 2.48 3.41 15.21
C LEU B 22 3.27 3.90 16.42
N ASN B 23 2.87 3.45 17.61
CA ASN B 23 3.51 3.89 18.84
C ASN B 23 4.78 3.07 19.12
N CYS B 24 5.77 3.72 19.72
CA CYS B 24 6.99 3.05 20.15
C CYS B 24 7.45 3.68 21.44
N LEU B 25 7.53 2.88 22.50
CA LEU B 25 8.09 3.32 23.78
C LEU B 25 9.34 2.50 24.09
N TYR B 26 10.29 3.14 24.76
CA TYR B 26 11.50 2.47 25.19
C TYR B 26 11.93 2.98 26.56
N GLU B 27 12.53 2.08 27.33
CA GLU B 27 13.23 2.42 28.57
C GLU B 27 14.71 2.15 28.32
N THR B 28 15.56 3.11 28.69
CA THR B 28 16.98 2.97 28.43
C THR B 28 17.76 3.91 29.35
N SER B 29 18.94 3.46 29.74
CA SER B 29 19.88 4.28 30.48
C SER B 29 20.76 5.11 29.56
N TRP B 30 20.60 4.95 28.26
CA TRP B 30 21.32 5.77 27.28
C TRP B 30 20.65 7.13 27.18
N TRP B 31 21.46 8.19 27.17
CA TRP B 31 20.93 9.53 27.01
C TRP B 31 21.31 10.18 25.68
N SER B 32 22.15 9.54 24.88
CA SER B 32 22.37 9.92 23.49
C SER B 32 22.25 8.64 22.65
N TYR B 33 21.33 8.65 21.68
CA TYR B 33 20.93 7.41 21.02
C TYR B 33 20.16 7.75 19.73
N TYR B 34 19.79 6.70 18.99
CA TYR B 34 19.00 6.83 17.77
C TYR B 34 17.81 5.88 17.78
N ILE B 35 16.82 6.21 16.94
CA ILE B 35 15.63 5.38 16.73
C ILE B 35 15.52 5.07 15.24
N PHE B 36 15.40 3.78 14.91
CA PHE B 36 15.25 3.32 13.54
C PHE B 36 13.85 2.75 13.33
N TRP B 37 13.32 2.95 12.13
CA TRP B 37 12.06 2.33 11.71
C TRP B 37 12.30 1.47 10.48
N TYR B 38 11.83 0.22 10.53
CA TYR B 38 11.98 -0.71 9.43
C TYR B 38 10.63 -1.27 9.02
N LYS B 39 10.57 -1.71 7.76
CA LYS B 39 9.38 -2.34 7.18
C LYS B 39 9.77 -3.71 6.64
N GLN B 40 9.15 -4.76 7.18
CA GLN B 40 9.44 -6.14 6.76
C GLN B 40 8.29 -6.60 5.87
N LEU B 41 8.60 -6.83 4.59
CA LEU B 41 7.61 -7.30 3.64
C LEU B 41 7.21 -8.73 3.96
N PRO B 42 6.10 -9.22 3.40
CA PRO B 42 5.76 -10.63 3.57
C PRO B 42 6.85 -11.58 3.11
N SER B 43 7.62 -11.19 2.10
CA SER B 43 8.80 -11.96 1.69
C SER B 43 9.86 -12.04 2.78
N LYS B 44 9.68 -11.31 3.89
CA LYS B 44 10.58 -11.19 5.04
C LYS B 44 11.75 -10.26 4.71
N GLU B 45 11.78 -9.65 3.53
CA GLU B 45 12.81 -8.68 3.21
C GLU B 45 12.71 -7.47 4.13
N MET B 46 13.87 -7.00 4.60
CA MET B 46 13.96 -5.95 5.59
C MET B 46 14.39 -4.66 4.90
N ILE B 47 13.77 -3.54 5.30
CA ILE B 47 13.91 -2.28 4.60
C ILE B 47 14.01 -1.15 5.61
N PHE B 48 15.04 -0.32 5.47
CA PHE B 48 15.18 0.86 6.32
C PHE B 48 14.28 1.97 5.80
N LEU B 49 13.56 2.63 6.70
CA LEU B 49 12.64 3.70 6.34
C LEU B 49 13.20 5.07 6.73
N ILE B 50 13.49 5.27 8.01
CA ILE B 50 13.88 6.58 8.53
C ILE B 50 14.58 6.37 9.86
N ARG B 51 15.45 7.31 10.21
CA ARG B 51 16.16 7.27 11.49
C ARG B 51 15.97 8.62 12.19
N GLN B 52 15.78 8.56 13.51
CA GLN B 52 15.55 9.75 14.31
C GLN B 52 16.69 9.88 15.30
N GLY B 53 17.35 11.04 15.27
CA GLY B 53 18.41 11.30 16.24
C GLY B 53 17.83 11.87 17.54
N SER B 54 18.41 11.44 18.66
CA SER B 54 17.89 11.85 19.95
C SER B 54 18.11 13.33 20.24
N ASP B 55 18.94 14.01 19.45
CA ASP B 55 19.23 15.42 19.67
C ASP B 55 18.68 16.30 18.56
N GLU B 56 17.86 15.75 17.67
CA GLU B 56 17.36 16.43 16.50
C GLU B 56 15.86 16.60 16.58
N GLN B 57 15.32 17.47 15.73
CA GLN B 57 13.88 17.63 15.62
C GLN B 57 13.26 16.46 14.83
N ASN B 58 11.93 16.47 14.79
CA ASN B 58 11.16 15.37 14.22
C ASN B 58 11.59 15.07 12.79
N ALA B 59 12.11 13.87 12.57
CA ALA B 59 12.52 13.45 11.24
C ALA B 59 11.29 13.21 10.38
N LYS B 60 11.42 13.51 9.08
CA LYS B 60 10.34 13.31 8.14
C LYS B 60 10.92 12.99 6.77
N SER B 61 10.26 12.09 6.04
CA SER B 61 10.72 11.70 4.71
C SER B 61 9.60 11.00 3.96
N GLY B 62 9.20 11.56 2.82
CA GLY B 62 8.13 10.97 2.02
C GLY B 62 6.82 10.89 2.78
N ARG B 63 6.19 9.72 2.74
CA ARG B 63 4.91 9.51 3.40
C ARG B 63 5.07 9.15 4.87
N TYR B 64 6.29 9.17 5.39
CA TYR B 64 6.58 8.86 6.79
C TYR B 64 6.85 10.15 7.54
N SER B 65 6.47 10.15 8.82
CA SER B 65 6.77 11.28 9.70
C SER B 65 6.90 10.76 11.12
N VAL B 66 7.78 11.41 11.89
CA VAL B 66 8.13 10.98 13.24
C VAL B 66 7.63 12.01 14.24
N ASN B 67 7.05 11.54 15.33
CA ASN B 67 6.62 12.38 16.45
C ASN B 67 7.49 12.05 17.67
N PHE B 68 8.65 12.69 17.75
CA PHE B 68 9.58 12.43 18.84
C PHE B 68 9.16 13.23 20.07
N LYS B 69 8.73 12.51 21.11
CA LYS B 69 8.44 13.11 22.42
C LYS B 69 9.47 12.54 23.37
N LYS B 70 10.57 13.27 23.53
CA LYS B 70 11.75 12.75 24.21
C LYS B 70 11.48 12.52 25.70
N ALA B 71 10.67 13.37 26.31
CA ALA B 71 10.40 13.25 27.74
C ALA B 71 9.71 11.93 28.09
N ALA B 72 8.66 11.58 27.35
CA ALA B 72 7.95 10.32 27.57
C ALA B 72 8.68 9.12 26.98
N LYS B 73 9.74 9.35 26.21
CA LYS B 73 10.45 8.32 25.45
C LYS B 73 9.49 7.59 24.50
N SER B 74 8.84 8.39 23.67
CA SER B 74 7.90 7.90 22.67
C SER B 74 8.26 8.56 21.35
N VAL B 75 8.34 7.74 20.29
CA VAL B 75 8.86 8.19 19.01
C VAL B 75 8.02 7.56 17.92
N ALA B 76 6.74 7.95 17.86
CA ALA B 76 5.81 7.34 16.93
C ALA B 76 6.11 7.71 15.49
N LEU B 77 5.97 6.74 14.60
CA LEU B 77 6.09 6.95 13.16
C LEU B 77 4.69 7.01 12.57
N THR B 78 4.46 7.98 11.70
CA THR B 78 3.15 8.19 11.08
C THR B 78 3.25 7.93 9.59
N ILE B 79 2.38 7.08 9.06
CA ILE B 79 2.29 6.80 7.64
C ILE B 79 0.96 7.36 7.13
N SER B 80 1.03 8.22 6.13
CA SER B 80 -0.13 8.80 5.49
C SER B 80 -0.36 8.16 4.12
N ALA B 81 -1.59 8.26 3.63
CA ALA B 81 -1.98 7.77 2.30
C ALA B 81 -1.52 6.33 2.09
N LEU B 82 -2.03 5.45 2.96
CA LEU B 82 -1.61 4.06 2.95
C LEU B 82 -1.90 3.40 1.61
N GLN B 83 -0.94 2.61 1.14
CA GLN B 83 -1.10 1.81 -0.07
C GLN B 83 -1.11 0.33 0.32
N LEU B 84 -1.57 -0.49 -0.62
CA LEU B 84 -1.60 -1.93 -0.37
C LEU B 84 -0.19 -2.48 -0.12
N GLU B 85 0.82 -1.91 -0.78
CA GLU B 85 2.19 -2.33 -0.56
C GLU B 85 2.67 -2.03 0.86
N ASP B 86 2.01 -1.10 1.55
CA ASP B 86 2.38 -0.82 2.94
C ASP B 86 1.97 -1.92 3.90
N SER B 87 1.11 -2.85 3.50
CA SER B 87 0.76 -3.96 4.36
C SER B 87 2.00 -4.80 4.63
N ALA B 88 2.45 -4.81 5.89
CA ALA B 88 3.72 -5.42 6.26
C ALA B 88 3.91 -5.37 7.77
N LYS B 89 4.99 -5.93 8.29
CA LYS B 89 5.31 -5.84 9.71
C LYS B 89 6.37 -4.77 9.92
N TYR B 90 6.09 -3.82 10.80
CA TYR B 90 6.92 -2.64 10.98
C TYR B 90 7.63 -2.74 12.32
N PHE B 91 8.92 -2.40 12.33
CA PHE B 91 9.76 -2.56 13.50
C PHE B 91 10.34 -1.22 13.94
N CYS B 92 10.37 -1.01 15.24
CA CYS B 92 10.99 0.16 15.86
C CYS B 92 12.27 -0.30 16.55
N ALA B 93 13.35 0.42 16.34
CA ALA B 93 14.65 -0.01 16.82
C ALA B 93 15.39 1.16 17.44
N LEU B 94 16.10 0.87 18.53
CA LEU B 94 16.85 1.85 19.29
C LEU B 94 18.34 1.55 19.15
N GLY B 95 19.12 2.57 18.86
CA GLY B 95 20.55 2.40 18.69
C GLY B 95 21.35 3.48 19.40
N ASP B 96 22.58 3.12 19.75
CA ASP B 96 23.46 3.98 20.53
C ASP B 96 24.42 4.74 19.60
N THR B 97 25.50 5.27 20.17
CA THR B 97 26.47 6.07 19.43
C THR B 97 27.60 5.22 18.83
N ALA B 98 27.52 3.89 18.90
CA ALA B 98 28.61 3.05 18.44
C ALA B 98 28.09 1.75 17.84
N GLY B 99 26.95 1.81 17.16
CA GLY B 99 26.49 0.72 16.33
C GLY B 99 25.63 -0.31 17.02
N LYS B 100 25.56 -0.31 18.34
CA LYS B 100 24.71 -1.27 19.05
C LYS B 100 23.24 -0.90 18.83
N SER B 101 22.36 -1.90 18.91
CA SER B 101 20.94 -1.64 18.71
C SER B 101 20.09 -2.62 19.50
N THR B 102 18.85 -2.22 19.76
CA THR B 102 17.86 -3.02 20.49
C THR B 102 16.54 -2.91 19.74
N PHE B 103 15.98 -4.06 19.37
CA PHE B 103 14.75 -4.10 18.57
C PHE B 103 13.53 -4.43 19.43
N GLY B 104 12.42 -3.76 19.15
CA GLY B 104 11.12 -4.20 19.60
C GLY B 104 10.65 -5.41 18.81
N ASP B 105 9.48 -5.92 19.18
CA ASP B 105 8.96 -7.15 18.59
C ASP B 105 7.93 -6.91 17.48
N GLY B 106 7.79 -5.67 17.01
CA GLY B 106 7.14 -5.41 15.73
C GLY B 106 5.64 -5.21 15.82
N THR B 107 5.09 -4.78 14.67
CA THR B 107 3.66 -4.47 14.55
C THR B 107 3.21 -4.84 13.14
N THR B 108 2.25 -5.76 13.04
CA THR B 108 1.74 -6.22 11.75
C THR B 108 0.62 -5.29 11.29
N LEU B 109 0.79 -4.66 10.13
CA LEU B 109 -0.20 -3.77 9.55
C LEU B 109 -0.88 -4.45 8.37
N THR B 110 -2.20 -4.53 8.43
CA THR B 110 -3.02 -4.99 7.31
C THR B 110 -3.82 -3.81 6.79
N VAL B 111 -3.59 -3.42 5.54
CA VAL B 111 -4.34 -2.34 4.93
C VAL B 111 -5.53 -2.95 4.22
N LYS B 112 -6.74 -2.54 4.62
CA LYS B 112 -7.93 -3.11 3.99
C LYS B 112 -8.33 -2.29 2.76
N PRO B 113 -8.50 -2.93 1.61
CA PRO B 113 -8.94 -2.20 0.42
C PRO B 113 -10.44 -1.93 0.42
N ASN B 114 -10.82 -0.90 -0.34
CA ASN B 114 -12.22 -0.51 -0.49
C ASN B 114 -12.82 -1.25 -1.68
N ILE B 115 -13.60 -2.29 -1.39
CA ILE B 115 -14.26 -3.07 -2.44
C ILE B 115 -15.52 -2.31 -2.85
N GLN B 116 -15.55 -1.83 -4.10
CA GLN B 116 -16.64 -0.97 -4.54
C GLN B 116 -17.84 -1.74 -5.10
N ASN B 117 -17.65 -2.97 -5.56
CA ASN B 117 -18.74 -3.78 -6.11
C ASN B 117 -18.60 -5.22 -5.61
N PRO B 118 -18.84 -5.46 -4.33
CA PRO B 118 -18.70 -6.83 -3.80
C PRO B 118 -19.63 -7.81 -4.52
N ASP B 119 -19.18 -9.07 -4.58
CA ASP B 119 -19.91 -10.13 -5.25
C ASP B 119 -19.55 -11.48 -4.64
N PRO B 120 -19.75 -11.66 -3.32
CA PRO B 120 -19.22 -12.86 -2.65
C PRO B 120 -19.73 -14.15 -3.29
N ALA B 121 -18.80 -15.09 -3.49
CA ALA B 121 -19.16 -16.36 -4.09
C ALA B 121 -18.15 -17.42 -3.69
N VAL B 122 -18.60 -18.68 -3.67
CA VAL B 122 -17.76 -19.82 -3.42
C VAL B 122 -17.78 -20.71 -4.65
N TYR B 123 -16.63 -20.86 -5.30
CA TYR B 123 -16.52 -21.64 -6.53
C TYR B 123 -15.71 -22.90 -6.28
N GLN B 124 -16.00 -23.94 -7.05
CA GLN B 124 -15.23 -25.18 -7.03
C GLN B 124 -14.41 -25.31 -8.31
N LEU B 125 -13.15 -25.72 -8.16
CA LEU B 125 -12.21 -25.81 -9.26
C LEU B 125 -11.64 -27.22 -9.34
N ARG B 126 -11.68 -27.81 -10.53
CA ARG B 126 -11.19 -29.16 -10.73
C ARG B 126 -9.74 -29.15 -11.17
N ASP B 127 -9.03 -30.24 -10.87
CA ASP B 127 -7.61 -30.34 -11.17
C ASP B 127 -7.37 -30.40 -12.66
N SER B 128 -6.38 -29.62 -13.13
CA SER B 128 -5.97 -29.69 -14.52
C SER B 128 -5.55 -31.11 -14.90
N LYS B 129 -4.95 -31.84 -13.97
CA LYS B 129 -4.42 -33.17 -14.23
C LYS B 129 -5.29 -34.31 -13.74
N SER B 130 -5.96 -34.16 -12.58
CA SER B 130 -6.57 -35.31 -11.94
C SER B 130 -8.09 -35.24 -11.73
N SER B 131 -8.59 -36.10 -10.84
CA SER B 131 -10.00 -36.13 -10.46
C SER B 131 -10.09 -36.48 -8.98
N ASP B 132 -11.24 -36.15 -8.40
CA ASP B 132 -11.46 -36.09 -6.94
C ASP B 132 -10.78 -34.85 -6.37
N LYS B 133 -9.50 -34.67 -6.72
CA LYS B 133 -8.70 -33.56 -6.21
C LYS B 133 -9.30 -32.24 -6.67
N SER B 134 -10.02 -31.57 -5.79
CA SER B 134 -10.67 -30.29 -6.08
C SER B 134 -10.33 -29.29 -4.98
N VAL B 135 -10.72 -28.04 -5.24
CA VAL B 135 -10.45 -26.91 -4.35
C VAL B 135 -11.65 -25.98 -4.39
N CYS B 136 -11.98 -25.39 -3.23
CA CYS B 136 -13.07 -24.43 -3.13
C CYS B 136 -12.53 -23.03 -2.92
N LEU B 137 -13.10 -22.08 -3.65
CA LEU B 137 -12.57 -20.72 -3.73
C LEU B 137 -13.65 -19.71 -3.30
N PHE B 138 -13.45 -19.10 -2.14
CA PHE B 138 -14.27 -17.98 -1.71
C PHE B 138 -13.60 -16.68 -2.14
N THR B 139 -14.34 -15.82 -2.85
CA THR B 139 -13.73 -14.64 -3.43
C THR B 139 -14.77 -13.53 -3.54
N ASP B 140 -14.27 -12.31 -3.76
CA ASP B 140 -15.01 -11.10 -4.09
C ASP B 140 -15.80 -10.52 -2.93
N PHE B 141 -15.54 -10.96 -1.70
CA PHE B 141 -16.22 -10.47 -0.52
C PHE B 141 -15.59 -9.16 -0.02
N ASP B 142 -16.30 -8.50 0.89
CA ASP B 142 -15.82 -7.24 1.47
C ASP B 142 -14.70 -7.50 2.48
N SER B 143 -13.81 -6.51 2.62
CA SER B 143 -12.66 -6.66 3.50
C SER B 143 -13.05 -6.62 4.97
N GLN B 144 -14.29 -6.22 5.27
CA GLN B 144 -14.79 -6.27 6.63
C GLN B 144 -15.31 -7.64 7.00
N THR B 145 -15.62 -8.47 6.00
CA THR B 145 -15.88 -9.88 6.25
C THR B 145 -14.59 -10.54 6.70
N ASN B 146 -14.68 -11.37 7.73
CA ASN B 146 -13.51 -12.00 8.32
C ASN B 146 -13.61 -13.51 8.14
N VAL B 147 -12.61 -14.10 7.50
CA VAL B 147 -12.59 -15.54 7.28
C VAL B 147 -12.00 -16.19 8.53
N SER B 148 -12.58 -17.32 8.91
CA SER B 148 -12.27 -17.97 10.17
C SER B 148 -11.37 -19.18 9.93
N GLN B 149 -10.27 -19.25 10.68
CA GLN B 149 -9.46 -20.46 10.76
C GLN B 149 -10.36 -21.69 10.79
N SER B 150 -9.99 -22.70 10.02
CA SER B 150 -10.71 -23.97 10.08
C SER B 150 -10.59 -24.58 11.46
N LYS B 151 -11.70 -25.13 11.96
CA LYS B 151 -11.69 -25.84 13.23
C LYS B 151 -11.76 -27.35 13.03
N ASP B 152 -11.54 -27.83 11.81
CA ASP B 152 -11.53 -29.26 11.48
C ASP B 152 -10.14 -29.55 10.91
N SER B 153 -9.35 -30.36 11.62
CA SER B 153 -7.95 -30.55 11.28
C SER B 153 -7.73 -31.27 9.95
N ASP B 154 -8.75 -31.91 9.38
CA ASP B 154 -8.64 -32.53 8.07
C ASP B 154 -9.17 -31.64 6.94
N VAL B 155 -9.47 -30.38 7.24
CA VAL B 155 -9.88 -29.40 6.24
C VAL B 155 -8.96 -28.20 6.38
N TYR B 156 -8.34 -27.80 5.27
CA TYR B 156 -7.34 -26.74 5.27
C TYR B 156 -7.94 -25.49 4.63
N ILE B 157 -7.85 -24.37 5.34
CA ILE B 157 -8.37 -23.09 4.88
C ILE B 157 -7.34 -22.01 5.16
N THR B 158 -6.93 -21.29 4.13
CA THR B 158 -5.96 -20.21 4.27
C THR B 158 -6.65 -18.93 4.70
N ASP B 159 -5.85 -17.97 5.17
CA ASP B 159 -6.36 -16.65 5.49
C ASP B 159 -6.70 -15.88 4.21
N LYS B 160 -7.30 -14.72 4.39
CA LYS B 160 -7.62 -13.81 3.29
C LYS B 160 -6.42 -13.52 2.41
N CYS B 161 -6.67 -13.03 1.19
CA CYS B 161 -5.59 -12.75 0.25
C CYS B 161 -6.05 -11.64 -0.69
N VAL B 162 -5.30 -10.55 -0.71
CA VAL B 162 -5.61 -9.39 -1.54
C VAL B 162 -4.80 -9.49 -2.83
N LEU B 163 -5.48 -9.70 -3.95
CA LEU B 163 -4.87 -9.67 -5.27
C LEU B 163 -5.26 -8.38 -5.98
N ASP B 164 -4.44 -7.97 -6.95
CA ASP B 164 -4.57 -6.68 -7.61
C ASP B 164 -4.41 -6.91 -9.11
N MET B 165 -5.53 -6.92 -9.84
CA MET B 165 -5.48 -6.98 -11.29
C MET B 165 -5.23 -5.56 -11.80
N ARG B 166 -3.95 -5.25 -12.01
CA ARG B 166 -3.52 -3.89 -12.27
C ARG B 166 -4.12 -3.35 -13.56
N SER B 167 -4.25 -4.20 -14.57
CA SER B 167 -4.74 -3.75 -15.87
C SER B 167 -6.15 -3.20 -15.80
N MET B 168 -6.96 -3.65 -14.84
CA MET B 168 -8.36 -3.25 -14.74
C MET B 168 -8.64 -2.36 -13.54
N ASP B 169 -7.63 -2.03 -12.73
CA ASP B 169 -7.84 -1.29 -11.48
C ASP B 169 -8.86 -2.01 -10.61
N PHE B 170 -8.76 -3.33 -10.54
CA PHE B 170 -9.72 -4.17 -9.85
C PHE B 170 -8.99 -4.95 -8.75
N LYS B 171 -9.37 -4.72 -7.51
CA LYS B 171 -8.84 -5.46 -6.37
C LYS B 171 -9.96 -6.35 -5.82
N SER B 172 -9.59 -7.58 -5.43
CA SER B 172 -10.56 -8.49 -4.84
C SER B 172 -9.88 -9.38 -3.82
N ASN B 173 -10.63 -9.74 -2.79
CA ASN B 173 -10.15 -10.69 -1.79
C ASN B 173 -10.53 -12.09 -2.22
N SER B 174 -9.79 -13.08 -1.72
CA SER B 174 -10.11 -14.46 -2.01
C SER B 174 -9.51 -15.35 -0.93
N ALA B 175 -10.15 -16.50 -0.72
CA ALA B 175 -9.64 -17.51 0.20
C ALA B 175 -9.89 -18.90 -0.38
N VAL B 176 -9.02 -19.83 -0.01
CA VAL B 176 -8.98 -21.16 -0.60
C VAL B 176 -9.25 -22.17 0.50
N ALA B 177 -10.00 -23.23 0.16
CA ALA B 177 -10.27 -24.33 1.07
C ALA B 177 -10.31 -25.63 0.28
N TRP B 178 -9.67 -26.67 0.84
CA TRP B 178 -9.67 -27.99 0.23
C TRP B 178 -9.47 -29.01 1.34
N SER B 179 -9.70 -30.29 1.00
CA SER B 179 -9.65 -31.37 1.98
C SER B 179 -9.69 -32.70 1.24
N ASN B 180 -9.20 -33.73 1.94
CA ASN B 180 -9.20 -35.09 1.41
C ASN B 180 -10.39 -35.92 1.90
N LYS B 181 -11.20 -35.39 2.81
CA LYS B 181 -12.23 -36.22 3.44
C LYS B 181 -13.32 -36.58 2.44
N SER B 182 -14.14 -37.55 2.83
CA SER B 182 -15.30 -37.96 2.05
C SER B 182 -16.45 -36.98 2.21
N ASP B 183 -17.13 -36.71 1.10
CA ASP B 183 -18.21 -35.72 1.03
C ASP B 183 -17.81 -34.38 1.63
N PHE B 184 -16.59 -33.92 1.34
CA PHE B 184 -16.27 -32.51 1.51
C PHE B 184 -16.82 -31.71 0.35
N ALA B 185 -17.58 -30.66 0.66
CA ALA B 185 -18.28 -29.88 -0.36
C ALA B 185 -18.03 -28.40 -0.12
N CYS B 186 -18.04 -27.62 -1.21
CA CYS B 186 -17.72 -26.21 -1.11
C CYS B 186 -18.73 -25.44 -0.28
N ALA B 187 -20.00 -25.88 -0.30
CA ALA B 187 -21.01 -25.25 0.54
C ALA B 187 -20.69 -25.39 2.03
N ASN B 188 -19.97 -26.45 2.39
CA ASN B 188 -19.66 -26.76 3.78
C ASN B 188 -18.33 -26.20 4.25
N ALA B 189 -17.45 -25.82 3.31
CA ALA B 189 -16.08 -25.46 3.65
C ALA B 189 -16.02 -24.36 4.70
N PHE B 190 -16.75 -23.26 4.48
CA PHE B 190 -16.59 -22.05 5.26
C PHE B 190 -17.71 -21.88 6.28
N ASN B 191 -18.34 -22.97 6.70
CA ASN B 191 -19.37 -22.88 7.72
C ASN B 191 -18.83 -22.38 9.05
N ASN B 192 -17.53 -22.50 9.28
CA ASN B 192 -16.92 -21.99 10.51
C ASN B 192 -16.66 -20.49 10.44
N SER B 193 -16.91 -19.87 9.30
CA SER B 193 -16.74 -18.44 9.11
C SER B 193 -18.11 -17.80 8.91
N ILE B 194 -18.15 -16.48 9.01
CA ILE B 194 -19.38 -15.73 8.78
C ILE B 194 -19.31 -15.19 7.36
N ILE B 195 -20.05 -15.83 6.47
CA ILE B 195 -20.04 -15.47 5.05
C ILE B 195 -21.31 -14.64 4.82
N PRO B 196 -21.28 -13.68 3.89
CA PRO B 196 -22.48 -12.86 3.66
C PRO B 196 -23.69 -13.73 3.32
N GLU B 197 -24.87 -13.21 3.66
CA GLU B 197 -26.08 -13.98 3.44
C GLU B 197 -26.40 -14.10 1.95
N ASP B 198 -25.92 -13.15 1.15
CA ASP B 198 -26.04 -13.17 -0.31
C ASP B 198 -24.82 -13.79 -0.99
N THR B 199 -24.08 -14.65 -0.30
CA THR B 199 -22.93 -15.33 -0.90
C THR B 199 -23.40 -16.24 -2.02
N PHE B 200 -22.90 -16.00 -3.22
CA PHE B 200 -23.31 -16.80 -4.37
C PHE B 200 -22.77 -18.22 -4.24
N PHE B 201 -23.66 -19.20 -4.28
CA PHE B 201 -23.31 -20.61 -4.38
C PHE B 201 -23.92 -21.13 -5.68
N PRO B 202 -23.11 -21.47 -6.68
CA PRO B 202 -23.67 -21.84 -7.98
C PRO B 202 -24.51 -23.10 -7.89
N SER B 203 -25.67 -23.06 -8.53
CA SER B 203 -26.64 -24.14 -8.45
C SER B 203 -26.40 -25.15 -9.56
N PRO B 204 -26.09 -24.72 -10.80
CA PRO B 204 -25.70 -25.77 -11.75
C PRO B 204 -24.23 -26.18 -11.61
N GLU C 2 2.35 2.28 -16.28
CA GLU C 2 3.66 2.15 -16.91
C GLU C 2 3.55 1.95 -18.42
N ALA C 3 4.36 2.69 -19.18
CA ALA C 3 4.28 2.68 -20.62
C ALA C 3 4.96 1.43 -21.17
N GLN C 4 4.24 0.65 -21.97
CA GLN C 4 4.79 -0.56 -22.56
C GLN C 4 3.93 -0.98 -23.75
N VAL C 5 4.57 -1.61 -24.74
CA VAL C 5 3.87 -2.20 -25.87
C VAL C 5 3.93 -3.72 -25.71
N THR C 6 2.76 -4.35 -25.74
CA THR C 6 2.62 -5.78 -25.51
C THR C 6 2.08 -6.44 -26.76
N GLN C 7 2.74 -7.50 -27.21
CA GLN C 7 2.26 -8.29 -28.33
C GLN C 7 1.97 -9.70 -27.89
N ASN C 8 0.95 -10.30 -28.51
CA ASN C 8 0.54 -11.67 -28.23
C ASN C 8 0.13 -12.33 -29.55
N PRO C 9 0.77 -13.44 -29.93
CA PRO C 9 1.84 -14.08 -29.16
C PRO C 9 3.22 -13.50 -29.47
N ARG C 10 4.18 -13.78 -28.59
CA ARG C 10 5.58 -13.43 -28.85
C ARG C 10 6.26 -14.48 -29.72
N TYR C 11 5.79 -15.72 -29.67
CA TYR C 11 6.31 -16.79 -30.53
C TYR C 11 5.14 -17.63 -31.02
N LEU C 12 5.12 -17.92 -32.32
CA LEU C 12 4.00 -18.64 -32.91
C LEU C 12 4.51 -19.51 -34.05
N ILE C 13 4.24 -20.81 -33.97
CA ILE C 13 4.44 -21.75 -35.07
C ILE C 13 3.08 -22.21 -35.54
N THR C 14 2.82 -22.08 -36.84
CA THR C 14 1.51 -22.39 -37.39
C THR C 14 1.68 -23.20 -38.68
N VAL C 15 0.60 -23.83 -39.09
CA VAL C 15 0.56 -24.63 -40.32
C VAL C 15 -0.01 -23.76 -41.43
N THR C 16 0.59 -23.88 -42.63
CA THR C 16 0.22 -23.07 -43.77
C THR C 16 -1.29 -23.04 -43.98
N GLY C 17 -1.81 -21.83 -44.23
CA GLY C 17 -3.18 -21.61 -44.61
C GLY C 17 -4.19 -21.58 -43.48
N LYS C 18 -3.78 -21.80 -42.23
CA LYS C 18 -4.70 -21.72 -41.09
C LYS C 18 -4.70 -20.29 -40.57
N LYS C 19 -5.85 -19.62 -40.68
CA LYS C 19 -5.97 -18.22 -40.29
C LYS C 19 -5.59 -18.02 -38.83
N LEU C 20 -4.87 -16.93 -38.55
CA LEU C 20 -4.51 -16.56 -37.19
C LEU C 20 -4.44 -15.04 -37.09
N THR C 21 -4.60 -14.54 -35.87
CA THR C 21 -4.51 -13.12 -35.60
C THR C 21 -3.57 -12.87 -34.43
N VAL C 22 -2.69 -11.88 -34.58
CA VAL C 22 -1.76 -11.46 -33.54
C VAL C 22 -2.24 -10.12 -32.98
N THR C 23 -2.34 -10.05 -31.65
CA THR C 23 -2.84 -8.86 -30.97
C THR C 23 -1.68 -7.98 -30.51
N CYS C 24 -1.93 -6.68 -30.49
CA CYS C 24 -1.01 -5.69 -29.95
C CYS C 24 -1.82 -4.63 -29.24
N SER C 25 -1.38 -4.23 -28.05
CA SER C 25 -2.13 -3.26 -27.27
C SER C 25 -1.19 -2.35 -26.50
N GLN C 26 -1.69 -1.16 -26.17
CA GLN C 26 -0.96 -0.19 -25.38
C GLN C 26 -1.96 0.62 -24.57
N ASN C 27 -1.59 0.96 -23.34
CA ASN C 27 -2.46 1.67 -22.43
C ASN C 27 -2.15 3.16 -22.34
N MET C 28 -1.46 3.71 -23.34
CA MET C 28 -1.09 5.12 -23.34
C MET C 28 -2.01 5.97 -24.20
N ASN C 29 -3.17 5.45 -24.61
CA ASN C 29 -4.13 6.20 -25.44
C ASN C 29 -3.44 6.78 -26.68
N HIS C 30 -2.47 6.05 -27.22
CA HIS C 30 -1.72 6.52 -28.38
C HIS C 30 -2.59 6.48 -29.63
N GLU C 31 -2.52 7.54 -30.43
CA GLU C 31 -3.29 7.59 -31.67
C GLU C 31 -2.64 6.76 -32.76
N TYR C 32 -1.32 6.75 -32.83
CA TYR C 32 -0.58 6.15 -33.94
C TYR C 32 -0.03 4.80 -33.52
N MET C 33 -0.40 3.76 -34.27
CA MET C 33 0.18 2.43 -34.11
C MET C 33 0.50 1.87 -35.49
N SER C 34 1.58 1.10 -35.56
CA SER C 34 2.08 0.61 -36.83
C SER C 34 2.55 -0.82 -36.67
N TRP C 35 2.38 -1.61 -37.73
CA TRP C 35 2.91 -2.96 -37.81
C TRP C 35 4.04 -3.02 -38.82
N TYR C 36 5.09 -3.77 -38.48
CA TYR C 36 6.23 -3.95 -39.35
C TYR C 36 6.64 -5.43 -39.35
N ARG C 37 7.31 -5.85 -40.42
CA ARG C 37 7.98 -7.14 -40.45
C ARG C 37 9.47 -6.93 -40.75
N GLN C 38 10.32 -7.63 -40.01
CA GLN C 38 11.76 -7.59 -40.23
C GLN C 38 12.20 -8.96 -40.74
N ASP C 39 12.65 -9.00 -41.99
CA ASP C 39 13.27 -10.19 -42.52
C ASP C 39 14.71 -10.25 -42.02
N PRO C 40 15.29 -11.46 -41.96
CA PRO C 40 16.62 -11.60 -41.33
C PRO C 40 17.69 -10.78 -42.03
N GLY C 41 18.48 -10.06 -41.22
CA GLY C 41 19.55 -9.23 -41.72
C GLY C 41 19.12 -7.90 -42.28
N LEU C 42 17.82 -7.68 -42.48
CA LEU C 42 17.30 -6.51 -43.17
C LEU C 42 16.60 -5.59 -42.17
N GLY C 43 16.04 -4.50 -42.71
CA GLY C 43 15.28 -3.57 -41.90
C GLY C 43 13.82 -3.96 -41.78
N LEU C 44 13.07 -3.11 -41.12
CA LEU C 44 11.64 -3.33 -40.92
C LEU C 44 10.85 -2.79 -42.10
N ARG C 45 10.02 -3.64 -42.69
CA ARG C 45 9.15 -3.26 -43.78
C ARG C 45 7.75 -2.98 -43.24
N GLN C 46 7.25 -1.78 -43.51
CA GLN C 46 5.98 -1.36 -42.95
C GLN C 46 4.82 -2.08 -43.62
N ILE C 47 3.92 -2.64 -42.82
CA ILE C 47 2.77 -3.38 -43.32
C ILE C 47 1.56 -2.46 -43.33
N TYR C 48 1.14 -2.03 -42.15
CA TYR C 48 0.03 -1.11 -42.01
C TYR C 48 0.34 -0.16 -40.85
N TYR C 49 -0.16 1.07 -40.94
CA TYR C 49 -0.12 1.97 -39.81
C TYR C 49 -1.46 2.69 -39.74
N SER C 50 -1.75 3.24 -38.56
CA SER C 50 -3.04 3.84 -38.29
C SER C 50 -2.80 5.20 -37.64
N MET C 51 -3.20 6.27 -38.33
CA MET C 51 -2.99 7.60 -37.77
C MET C 51 -3.90 7.89 -36.59
N ASN C 52 -4.95 7.08 -36.39
CA ASN C 52 -5.90 7.18 -35.29
C ASN C 52 -6.99 6.13 -35.48
N VAL C 53 -7.95 6.08 -34.56
CA VAL C 53 -9.05 5.11 -34.65
C VAL C 53 -9.75 5.24 -35.99
N GLU C 54 -10.00 4.09 -36.64
CA GLU C 54 -10.71 3.97 -37.91
C GLU C 54 -9.98 4.61 -39.07
N VAL C 55 -8.70 4.94 -38.90
CA VAL C 55 -7.86 5.43 -39.98
C VAL C 55 -6.81 4.35 -40.24
N THR C 56 -6.87 3.74 -41.42
CA THR C 56 -5.92 2.72 -41.81
C THR C 56 -5.40 3.05 -43.21
N ASP C 57 -4.11 2.78 -43.43
CA ASP C 57 -3.49 3.06 -44.71
C ASP C 57 -2.52 1.93 -45.04
N LYS C 58 -2.47 1.56 -46.32
CA LYS C 58 -1.58 0.50 -46.76
C LYS C 58 -0.13 0.97 -46.75
N GLY C 59 0.74 0.12 -46.24
CA GLY C 59 2.17 0.38 -46.23
C GLY C 59 2.87 -0.15 -47.47
N ASP C 60 4.14 -0.49 -47.29
CA ASP C 60 4.95 -0.94 -48.43
C ASP C 60 4.66 -2.39 -48.79
N VAL C 61 4.30 -3.22 -47.82
CA VAL C 61 4.01 -4.64 -48.06
C VAL C 61 2.71 -5.04 -47.36
N PRO C 62 1.56 -4.48 -47.77
CA PRO C 62 0.29 -4.83 -47.11
C PRO C 62 -0.30 -6.15 -47.54
N GLU C 63 0.23 -6.76 -48.60
CA GLU C 63 -0.39 -7.94 -49.21
C GLU C 63 -0.50 -9.09 -48.22
N GLY C 64 -1.67 -9.72 -48.17
CA GLY C 64 -1.87 -10.87 -47.31
C GLY C 64 -2.13 -10.56 -45.86
N TYR C 65 -2.27 -9.28 -45.51
CA TYR C 65 -2.51 -8.87 -44.13
C TYR C 65 -3.70 -7.93 -44.10
N LYS C 66 -4.45 -8.00 -43.01
CA LYS C 66 -5.53 -7.05 -42.76
C LYS C 66 -5.44 -6.62 -41.30
N VAL C 67 -5.90 -5.40 -41.03
CA VAL C 67 -5.88 -4.84 -39.69
C VAL C 67 -7.22 -4.14 -39.45
N SER C 68 -7.47 -3.83 -38.18
CA SER C 68 -8.63 -3.02 -37.81
C SER C 68 -8.24 -2.16 -36.61
N ARG C 69 -8.94 -1.04 -36.45
CA ARG C 69 -8.68 -0.10 -35.37
C ARG C 69 -10.04 0.33 -34.79
N LYS C 70 -10.69 -0.60 -34.09
CA LYS C 70 -12.01 -0.31 -33.54
C LYS C 70 -11.94 0.62 -32.35
N GLU C 71 -10.81 0.64 -31.64
CA GLU C 71 -10.60 1.57 -30.56
C GLU C 71 -9.10 1.90 -30.49
N LYS C 72 -8.76 2.77 -29.55
CA LYS C 72 -7.39 3.29 -29.46
C LYS C 72 -6.40 2.23 -28.96
N ARG C 73 -6.84 1.37 -28.04
CA ARG C 73 -5.91 0.48 -27.35
C ARG C 73 -5.34 -0.60 -28.27
N ASN C 74 -6.15 -1.16 -29.17
CA ASN C 74 -5.78 -2.37 -29.90
C ASN C 74 -5.57 -2.09 -31.38
N PHE C 75 -4.57 -2.75 -31.96
CA PHE C 75 -4.27 -2.68 -33.39
C PHE C 75 -3.78 -4.05 -33.85
N PRO C 76 -4.68 -5.01 -34.00
CA PRO C 76 -4.26 -6.38 -34.31
C PRO C 76 -3.93 -6.59 -35.78
N LEU C 77 -3.01 -7.53 -36.01
CA LEU C 77 -2.57 -7.92 -37.35
C LEU C 77 -3.18 -9.27 -37.71
N ILE C 78 -3.93 -9.30 -38.81
CA ILE C 78 -4.71 -10.47 -39.21
C ILE C 78 -4.04 -11.11 -40.41
N LEU C 79 -3.84 -12.43 -40.34
CA LEU C 79 -3.26 -13.21 -41.43
C LEU C 79 -4.32 -14.20 -41.95
N GLU C 80 -4.95 -13.83 -43.06
CA GLU C 80 -6.08 -14.60 -43.58
C GLU C 80 -5.67 -16.01 -44.01
N SER C 81 -4.56 -16.12 -44.73
CA SER C 81 -4.09 -17.40 -45.28
C SER C 81 -2.58 -17.43 -45.16
N PRO C 82 -2.06 -17.81 -44.00
CA PRO C 82 -0.60 -17.81 -43.79
C PRO C 82 0.15 -18.64 -44.82
N SER C 83 1.20 -18.04 -45.37
CA SER C 83 2.08 -18.67 -46.34
C SER C 83 3.51 -18.59 -45.84
N PRO C 84 4.39 -19.47 -46.33
CA PRO C 84 5.76 -19.51 -45.80
C PRO C 84 6.52 -18.20 -45.96
N ASN C 85 6.24 -17.43 -47.01
CA ASN C 85 6.94 -16.17 -47.20
C ASN C 85 6.45 -15.05 -46.28
N GLN C 86 5.48 -15.34 -45.42
CA GLN C 86 5.11 -14.42 -44.35
C GLN C 86 5.86 -14.72 -43.05
N THR C 87 6.70 -15.74 -43.03
CA THR C 87 7.59 -15.98 -41.89
C THR C 87 8.55 -14.81 -41.74
N SER C 88 8.56 -14.20 -40.55
CA SER C 88 9.35 -13.01 -40.28
C SER C 88 9.28 -12.69 -38.80
N LEU C 89 10.00 -11.66 -38.39
CA LEU C 89 9.90 -11.08 -37.07
C LEU C 89 9.04 -9.82 -37.16
N TYR C 90 7.89 -9.83 -36.49
CA TYR C 90 6.91 -8.76 -36.60
C TYR C 90 7.00 -7.83 -35.39
N PHE C 91 7.12 -6.55 -35.66
CA PHE C 91 7.14 -5.52 -34.62
C PHE C 91 5.88 -4.68 -34.69
N CYS C 92 5.26 -4.46 -33.54
CA CYS C 92 4.18 -3.50 -33.39
C CYS C 92 4.71 -2.31 -32.60
N ALA C 93 4.49 -1.11 -33.14
CA ALA C 93 4.94 0.11 -32.50
C ALA C 93 3.75 1.03 -32.25
N SER C 94 3.91 1.94 -31.29
CA SER C 94 2.90 2.95 -31.04
C SER C 94 3.57 4.24 -30.59
N SER C 95 2.94 5.36 -30.92
CA SER C 95 3.40 6.68 -30.51
C SER C 95 2.19 7.58 -30.35
N LEU C 96 2.35 8.63 -29.56
CA LEU C 96 1.23 9.52 -29.26
C LEU C 96 0.69 10.19 -30.52
N VAL C 97 1.57 10.58 -31.44
CA VAL C 97 1.16 11.28 -32.65
C VAL C 97 1.99 10.80 -33.83
N SER C 98 1.42 10.93 -35.04
CA SER C 98 2.07 10.47 -36.26
C SER C 98 3.31 11.29 -36.61
N THR C 99 3.49 12.45 -35.98
CA THR C 99 4.66 13.30 -36.19
C THR C 99 5.25 13.63 -34.82
N PRO C 100 6.09 12.75 -34.28
CA PRO C 100 6.57 12.92 -32.91
C PRO C 100 7.32 14.23 -32.70
N LEU C 101 7.06 14.86 -31.55
CA LEU C 101 7.84 16.00 -31.09
C LEU C 101 9.25 15.56 -30.70
N PRO C 102 10.19 16.51 -30.52
CA PRO C 102 11.56 16.09 -30.15
C PRO C 102 11.61 15.27 -28.86
N LYS C 103 10.85 15.65 -27.84
CA LYS C 103 10.92 15.01 -26.53
C LYS C 103 10.15 13.68 -26.45
N GLU C 104 9.31 13.35 -27.43
CA GLU C 104 8.44 12.20 -27.29
C GLU C 104 9.05 10.94 -27.89
N THR C 105 8.68 9.80 -27.29
CA THR C 105 9.19 8.48 -27.65
C THR C 105 8.12 7.70 -28.39
N GLN C 106 8.52 6.93 -29.40
CA GLN C 106 7.67 5.88 -29.97
C GLN C 106 8.14 4.54 -29.40
N TYR C 107 7.21 3.80 -28.79
CA TYR C 107 7.54 2.57 -28.09
C TYR C 107 7.37 1.38 -29.03
N PHE C 108 8.24 0.39 -28.88
CA PHE C 108 8.22 -0.82 -29.69
C PHE C 108 7.83 -2.02 -28.85
N GLY C 109 7.06 -2.91 -29.45
CA GLY C 109 6.76 -4.18 -28.83
C GLY C 109 7.97 -5.08 -28.78
N PRO C 110 7.83 -6.23 -28.12
CA PRO C 110 8.96 -7.16 -27.99
C PRO C 110 9.26 -7.95 -29.26
N GLY C 111 8.44 -7.83 -30.28
CA GLY C 111 8.58 -8.63 -31.50
C GLY C 111 7.79 -9.91 -31.46
N THR C 112 7.29 -10.31 -32.63
CA THR C 112 6.52 -11.54 -32.78
C THR C 112 7.25 -12.44 -33.76
N ARG C 113 7.71 -13.59 -33.28
CA ARG C 113 8.43 -14.55 -34.11
C ARG C 113 7.42 -15.53 -34.71
N LEU C 114 7.08 -15.33 -35.98
CA LEU C 114 6.08 -16.15 -36.66
C LEU C 114 6.77 -17.12 -37.62
N LEU C 115 6.37 -18.39 -37.56
CA LEU C 115 6.91 -19.42 -38.43
C LEU C 115 5.76 -20.18 -39.09
N VAL C 116 5.69 -20.13 -40.41
CA VAL C 116 4.67 -20.83 -41.19
C VAL C 116 5.33 -22.02 -41.89
N LEU C 117 4.76 -23.21 -41.71
CA LEU C 117 5.32 -24.44 -42.23
C LEU C 117 4.24 -25.29 -42.87
N GLU C 118 4.65 -26.14 -43.82
CA GLU C 118 3.72 -27.09 -44.41
C GLU C 118 3.14 -28.02 -43.35
N ASP C 119 3.99 -28.49 -42.44
CA ASP C 119 3.57 -29.29 -41.31
C ASP C 119 4.65 -29.15 -40.24
N LEU C 120 4.36 -29.68 -39.06
CA LEU C 120 5.20 -29.43 -37.88
C LEU C 120 6.10 -30.61 -37.54
N LYS C 121 6.29 -31.54 -38.47
CA LYS C 121 7.05 -32.75 -38.19
C LYS C 121 8.53 -32.48 -37.93
N ASN C 122 9.02 -31.29 -38.29
CA ASN C 122 10.41 -30.92 -38.08
C ASN C 122 10.63 -30.10 -36.81
N VAL C 123 9.57 -29.83 -36.04
CA VAL C 123 9.72 -29.10 -34.79
C VAL C 123 10.35 -30.00 -33.74
N PHE C 124 11.40 -29.49 -33.08
CA PHE C 124 12.12 -30.25 -32.07
C PHE C 124 12.41 -29.37 -30.86
N PRO C 125 12.18 -29.86 -29.65
CA PRO C 125 12.57 -29.11 -28.46
C PRO C 125 14.06 -29.29 -28.18
N PRO C 126 14.66 -28.45 -27.36
CA PRO C 126 16.11 -28.55 -27.13
C PRO C 126 16.49 -29.63 -26.14
N GLU C 127 17.72 -30.12 -26.31
CA GLU C 127 18.45 -30.84 -25.27
C GLU C 127 19.49 -29.90 -24.69
N VAL C 128 19.69 -29.97 -23.38
CA VAL C 128 20.54 -29.01 -22.68
C VAL C 128 21.54 -29.77 -21.81
N ALA C 129 22.77 -29.27 -21.78
CA ALA C 129 23.80 -29.84 -20.92
C ALA C 129 24.70 -28.70 -20.43
N VAL C 130 25.22 -28.85 -19.23
CA VAL C 130 26.15 -27.90 -18.63
C VAL C 130 27.51 -28.57 -18.52
N PHE C 131 28.56 -27.84 -18.88
CA PHE C 131 29.91 -28.37 -18.88
C PHE C 131 30.72 -27.64 -17.81
N GLU C 132 31.28 -28.41 -16.88
CA GLU C 132 31.96 -27.83 -15.73
C GLU C 132 33.32 -27.27 -16.12
N PRO C 133 33.82 -26.30 -15.35
CA PRO C 133 35.09 -25.65 -15.71
C PRO C 133 36.28 -26.60 -15.63
N SER C 134 37.32 -26.26 -16.38
CA SER C 134 38.55 -27.04 -16.40
C SER C 134 39.43 -26.67 -15.22
N GLU C 135 40.07 -27.68 -14.63
CA GLU C 135 40.96 -27.41 -13.50
C GLU C 135 42.11 -26.51 -13.89
N ALA C 136 42.46 -26.45 -15.18
CA ALA C 136 43.59 -25.63 -15.62
C ALA C 136 43.26 -24.15 -15.58
N GLU C 137 42.05 -23.78 -16.00
CA GLU C 137 41.64 -22.38 -15.92
C GLU C 137 41.64 -21.89 -14.48
N ILE C 138 41.14 -22.71 -13.55
CA ILE C 138 41.18 -22.35 -12.12
C ILE C 138 42.60 -22.10 -11.68
N SER C 139 43.53 -22.98 -12.06
CA SER C 139 44.93 -22.77 -11.72
C SER C 139 45.47 -21.54 -12.43
N HIS C 140 45.20 -21.42 -13.73
CA HIS C 140 45.82 -20.41 -14.58
C HIS C 140 45.25 -19.02 -14.33
N THR C 141 43.96 -18.91 -14.00
CA THR C 141 43.31 -17.62 -13.89
C THR C 141 42.64 -17.35 -12.54
N GLN C 142 42.56 -18.35 -11.64
CA GLN C 142 41.79 -18.24 -10.41
C GLN C 142 40.33 -17.85 -10.68
N LYS C 143 39.81 -18.29 -11.82
CA LYS C 143 38.40 -18.16 -12.19
C LYS C 143 37.91 -19.49 -12.76
N ALA C 144 36.59 -19.61 -12.91
CA ALA C 144 35.97 -20.83 -13.41
C ALA C 144 34.84 -20.46 -14.36
N THR C 145 34.99 -20.83 -15.63
CA THR C 145 34.01 -20.51 -16.67
C THR C 145 33.17 -21.73 -16.99
N LEU C 146 31.86 -21.63 -16.79
CA LEU C 146 30.91 -22.65 -17.20
C LEU C 146 30.35 -22.33 -18.59
N VAL C 147 30.09 -23.38 -19.36
CA VAL C 147 29.49 -23.27 -20.68
C VAL C 147 28.22 -24.12 -20.71
N CYS C 148 27.14 -23.56 -21.23
CA CYS C 148 25.88 -24.28 -21.41
C CYS C 148 25.65 -24.53 -22.89
N LEU C 149 25.10 -25.70 -23.21
CA LEU C 149 24.91 -26.13 -24.58
C LEU C 149 23.47 -26.57 -24.80
N ALA C 150 22.78 -25.91 -25.72
CA ALA C 150 21.46 -26.32 -26.18
C ALA C 150 21.60 -26.91 -27.58
N THR C 151 21.08 -28.12 -27.77
CA THR C 151 21.29 -28.86 -29.00
C THR C 151 19.98 -29.48 -29.50
N GLY C 152 19.95 -29.74 -30.80
CA GLY C 152 18.93 -30.58 -31.38
C GLY C 152 17.56 -29.96 -31.53
N PHE C 153 17.42 -28.65 -31.38
CA PHE C 153 16.10 -28.04 -31.44
C PHE C 153 15.83 -27.35 -32.77
N TYR C 154 14.55 -27.23 -33.09
CA TYR C 154 14.06 -26.52 -34.26
C TYR C 154 12.62 -26.09 -33.97
N PRO C 155 12.26 -24.82 -34.22
CA PRO C 155 13.12 -23.76 -34.76
C PRO C 155 13.98 -23.09 -33.72
N ASP C 156 14.55 -21.95 -34.09
CA ASP C 156 15.39 -21.14 -33.22
C ASP C 156 14.59 -20.20 -32.32
N HIS C 157 13.42 -20.63 -31.87
CA HIS C 157 12.58 -19.87 -30.95
C HIS C 157 12.94 -20.25 -29.51
N VAL C 158 14.04 -19.69 -29.00
CA VAL C 158 14.54 -20.05 -27.68
C VAL C 158 15.00 -18.83 -26.91
N GLU C 159 14.91 -18.93 -25.59
CA GLU C 159 15.49 -17.98 -24.65
C GLU C 159 16.19 -18.78 -23.55
N LEU C 160 17.44 -18.42 -23.27
CA LEU C 160 18.26 -19.13 -22.30
C LEU C 160 18.63 -18.19 -21.17
N SER C 161 18.59 -18.70 -19.93
CA SER C 161 18.95 -17.92 -18.76
C SER C 161 19.78 -18.77 -17.80
N TRP C 162 20.52 -18.08 -16.94
CA TRP C 162 21.31 -18.71 -15.89
C TRP C 162 20.70 -18.43 -14.52
N TRP C 163 20.74 -19.44 -13.65
CA TRP C 163 20.20 -19.34 -12.30
C TRP C 163 21.23 -19.86 -11.31
N VAL C 164 21.67 -18.99 -10.40
CA VAL C 164 22.67 -19.32 -9.39
C VAL C 164 21.99 -19.26 -8.03
N ASN C 165 21.94 -20.40 -7.35
CA ASN C 165 21.24 -20.53 -6.06
C ASN C 165 19.80 -20.04 -6.16
N GLY C 166 19.15 -20.33 -7.29
CA GLY C 166 17.76 -20.02 -7.48
C GLY C 166 17.46 -18.61 -7.98
N LYS C 167 18.48 -17.78 -8.17
CA LYS C 167 18.31 -16.41 -8.63
C LYS C 167 18.97 -16.24 -9.99
N GLU C 168 18.25 -15.62 -10.93
CA GLU C 168 18.85 -15.34 -12.23
C GLU C 168 19.96 -14.32 -12.09
N VAL C 169 21.04 -14.53 -12.85
CA VAL C 169 22.20 -13.65 -12.82
C VAL C 169 22.47 -13.13 -14.22
N HIS C 170 23.01 -11.91 -14.29
CA HIS C 170 23.46 -11.31 -15.53
C HIS C 170 24.93 -10.93 -15.51
N SER C 171 25.49 -10.61 -14.36
CA SER C 171 26.94 -10.42 -14.25
C SER C 171 27.65 -11.72 -14.60
N GLY C 172 28.69 -11.62 -15.43
CA GLY C 172 29.45 -12.79 -15.80
C GLY C 172 28.83 -13.67 -16.86
N VAL C 173 27.78 -13.21 -17.53
CA VAL C 173 27.05 -14.01 -18.52
C VAL C 173 27.32 -13.48 -19.91
N CYS C 174 27.47 -14.40 -20.87
CA CYS C 174 27.48 -14.05 -22.29
C CYS C 174 26.86 -15.19 -23.08
N THR C 175 25.86 -14.87 -23.90
CA THR C 175 25.18 -15.83 -24.76
C THR C 175 25.38 -15.45 -26.22
N ASP C 176 25.50 -16.46 -27.08
CA ASP C 176 25.63 -16.22 -28.52
C ASP C 176 24.46 -15.39 -29.02
N PRO C 177 24.68 -14.46 -29.96
CA PRO C 177 23.56 -13.63 -30.42
C PRO C 177 22.51 -14.42 -31.19
N GLN C 178 22.92 -15.37 -32.04
CA GLN C 178 21.98 -16.21 -32.77
C GLN C 178 22.46 -17.66 -32.78
N PRO C 179 21.54 -18.61 -32.73
CA PRO C 179 21.92 -20.02 -32.82
C PRO C 179 22.34 -20.39 -34.23
N LEU C 180 23.26 -21.35 -34.32
CA LEU C 180 23.78 -21.81 -35.59
C LEU C 180 23.10 -23.10 -36.02
N LYS C 181 23.08 -23.34 -37.33
CA LYS C 181 22.43 -24.52 -37.88
C LYS C 181 23.28 -25.76 -37.62
N GLU C 182 22.64 -26.84 -37.17
CA GLU C 182 23.37 -28.08 -36.95
C GLU C 182 23.68 -28.81 -38.25
N GLN C 183 22.79 -28.76 -39.22
CA GLN C 183 22.99 -29.41 -40.51
C GLN C 183 22.63 -28.41 -41.60
N PRO C 184 23.47 -27.38 -41.77
CA PRO C 184 23.09 -26.22 -42.59
C PRO C 184 22.63 -26.55 -44.00
N ALA C 185 22.99 -27.72 -44.51
CA ALA C 185 22.60 -28.08 -45.88
C ALA C 185 21.09 -28.11 -46.02
N LEU C 186 20.39 -28.64 -45.01
CA LEU C 186 18.94 -28.64 -45.02
C LEU C 186 18.40 -27.29 -44.58
N ASN C 187 17.43 -26.75 -45.32
CA ASN C 187 16.69 -25.59 -44.83
C ASN C 187 16.00 -25.92 -43.51
N ASP C 188 15.63 -27.19 -43.32
CA ASP C 188 14.99 -27.68 -42.11
C ASP C 188 16.00 -28.15 -41.08
N SER C 189 17.20 -27.58 -41.08
CA SER C 189 18.24 -27.97 -40.14
C SER C 189 17.85 -27.62 -38.72
N ARG C 190 18.17 -28.54 -37.79
CA ARG C 190 18.04 -28.21 -36.38
C ARG C 190 19.11 -27.20 -35.98
N TYR C 191 18.95 -26.65 -34.78
CA TYR C 191 19.81 -25.56 -34.32
C TYR C 191 20.54 -25.98 -33.05
N ALA C 192 21.58 -25.21 -32.72
CA ALA C 192 22.31 -25.37 -31.48
C ALA C 192 22.72 -23.99 -30.99
N LEU C 193 22.86 -23.87 -29.67
CA LEU C 193 23.16 -22.58 -29.07
C LEU C 193 23.96 -22.81 -27.80
N SER C 194 24.95 -21.95 -27.56
CA SER C 194 25.78 -22.04 -26.37
C SER C 194 25.74 -20.73 -25.60
N SER C 195 26.09 -20.82 -24.32
CA SER C 195 26.22 -19.63 -23.48
C SER C 195 27.25 -19.90 -22.40
N ARG C 196 27.85 -18.83 -21.90
CA ARG C 196 28.91 -18.91 -20.89
C ARG C 196 28.52 -18.15 -19.64
N LEU C 197 28.90 -18.71 -18.49
CA LEU C 197 28.81 -18.02 -17.21
C LEU C 197 30.15 -18.19 -16.50
N ARG C 198 30.72 -17.07 -16.05
CA ARG C 198 32.01 -17.07 -15.38
C ARG C 198 31.88 -16.53 -13.96
N VAL C 199 32.43 -17.28 -12.99
CA VAL C 199 32.42 -16.90 -11.60
C VAL C 199 33.85 -17.02 -11.05
N SER C 200 34.05 -16.50 -9.85
CA SER C 200 35.34 -16.60 -9.19
C SER C 200 35.63 -18.04 -8.79
N ALA C 201 36.92 -18.38 -8.71
CA ALA C 201 37.32 -19.74 -8.36
C ALA C 201 36.79 -20.14 -7.00
N THR C 202 36.89 -19.24 -6.01
CA THR C 202 36.45 -19.57 -4.66
C THR C 202 34.93 -19.79 -4.60
N PHE C 203 34.17 -19.08 -5.43
CA PHE C 203 32.73 -19.31 -5.49
C PHE C 203 32.42 -20.69 -6.03
N TRP C 204 33.12 -21.13 -7.07
CA TRP C 204 32.88 -22.46 -7.62
C TRP C 204 33.25 -23.56 -6.65
N GLN C 205 34.23 -23.31 -5.77
CA GLN C 205 34.75 -24.35 -4.88
C GLN C 205 33.92 -24.50 -3.62
N ASN C 206 32.87 -23.72 -3.46
CA ASN C 206 31.95 -23.90 -2.34
C ASN C 206 30.90 -24.94 -2.73
N PRO C 207 30.83 -26.08 -2.06
CA PRO C 207 29.88 -27.13 -2.48
C PRO C 207 28.43 -26.80 -2.19
N ARG C 208 28.15 -25.73 -1.44
CA ARG C 208 26.78 -25.29 -1.20
C ARG C 208 26.18 -24.52 -2.37
N ASN C 209 26.98 -24.17 -3.38
CA ASN C 209 26.52 -23.38 -4.51
C ASN C 209 25.98 -24.25 -5.63
N HIS C 210 24.84 -23.85 -6.19
CA HIS C 210 24.11 -24.59 -7.22
C HIS C 210 23.98 -23.74 -8.47
N PHE C 211 24.27 -24.35 -9.62
CA PHE C 211 24.25 -23.66 -10.91
C PHE C 211 23.30 -24.38 -11.85
N ARG C 212 22.42 -23.61 -12.49
CA ARG C 212 21.41 -24.18 -13.38
C ARG C 212 21.29 -23.33 -14.65
N CYS C 213 21.40 -23.97 -15.80
CA CYS C 213 21.13 -23.35 -17.09
C CYS C 213 19.75 -23.79 -17.57
N GLN C 214 18.90 -22.82 -17.91
CA GLN C 214 17.51 -23.08 -18.30
C GLN C 214 17.25 -22.50 -19.67
N VAL C 215 16.66 -23.31 -20.55
CA VAL C 215 16.28 -22.89 -21.90
C VAL C 215 14.76 -22.97 -22.02
N GLN C 216 14.11 -21.82 -22.16
CA GLN C 216 12.68 -21.79 -22.43
C GLN C 216 12.43 -21.99 -23.92
N PHE C 217 11.76 -23.09 -24.27
CA PHE C 217 11.44 -23.41 -25.65
C PHE C 217 10.00 -23.02 -25.93
N TYR C 218 9.78 -22.26 -26.98
CA TYR C 218 8.44 -21.83 -27.39
C TYR C 218 8.03 -22.66 -28.59
N GLY C 219 7.00 -23.49 -28.41
CA GLY C 219 6.62 -24.44 -29.44
C GLY C 219 5.12 -24.57 -29.59
N LEU C 220 4.65 -25.81 -29.73
CA LEU C 220 3.24 -26.08 -29.95
C LEU C 220 2.44 -25.87 -28.67
N SER C 221 1.13 -25.71 -28.86
CA SER C 221 0.16 -25.62 -27.78
C SER C 221 -0.63 -26.93 -27.68
N GLU C 222 -1.36 -27.07 -26.58
CA GLU C 222 -2.29 -28.19 -26.44
C GLU C 222 -3.25 -28.27 -27.62
N ASN C 223 -3.64 -27.11 -28.15
CA ASN C 223 -4.55 -27.06 -29.29
C ASN C 223 -3.94 -27.70 -30.53
N ASP C 224 -2.62 -27.67 -30.65
CA ASP C 224 -1.98 -28.10 -31.90
C ASP C 224 -2.03 -29.61 -32.05
N GLU C 225 -2.35 -30.06 -33.25
CA GLU C 225 -2.36 -31.48 -33.56
C GLU C 225 -0.94 -31.99 -33.74
N TRP C 226 -0.72 -33.25 -33.35
CA TRP C 226 0.59 -33.87 -33.42
C TRP C 226 0.43 -35.31 -33.90
N THR C 227 1.23 -35.71 -34.90
CA THR C 227 1.12 -37.04 -35.49
C THR C 227 2.34 -37.92 -35.29
N GLN C 228 3.49 -37.36 -34.93
CA GLN C 228 4.67 -38.18 -34.77
C GLN C 228 4.57 -39.02 -33.49
N ASP C 229 5.31 -40.12 -33.47
CA ASP C 229 5.31 -41.00 -32.30
C ASP C 229 6.01 -40.35 -31.11
N ARG C 230 7.09 -39.62 -31.35
CA ARG C 230 7.87 -39.03 -30.29
C ARG C 230 7.03 -38.00 -29.53
N ALA C 231 7.54 -37.58 -28.37
CA ALA C 231 6.81 -36.66 -27.51
C ALA C 231 6.46 -35.37 -28.26
N LYS C 232 5.22 -34.93 -28.07
CA LYS C 232 4.71 -33.73 -28.72
C LYS C 232 5.53 -32.52 -28.27
N PRO C 233 6.11 -31.75 -29.19
CA PRO C 233 7.03 -30.65 -28.81
C PRO C 233 6.28 -29.38 -28.43
N VAL C 234 5.55 -29.45 -27.32
CA VAL C 234 4.82 -28.28 -26.84
C VAL C 234 5.78 -27.29 -26.20
N THR C 235 5.31 -26.06 -26.01
CA THR C 235 6.03 -25.09 -25.20
C THR C 235 6.45 -25.71 -23.88
N GLN C 236 7.74 -25.64 -23.57
CA GLN C 236 8.26 -26.31 -22.38
C GLN C 236 9.63 -25.73 -22.02
N ILE C 237 10.06 -26.02 -20.79
CA ILE C 237 11.37 -25.65 -20.28
C ILE C 237 12.23 -26.90 -20.15
N VAL C 238 13.51 -26.77 -20.52
CA VAL C 238 14.50 -27.83 -20.36
C VAL C 238 15.73 -27.25 -19.68
N SER C 239 16.24 -27.95 -18.68
CA SER C 239 17.27 -27.42 -17.80
C SER C 239 18.42 -28.41 -17.65
N ALA C 240 19.57 -27.89 -17.23
CA ALA C 240 20.69 -28.70 -16.77
C ALA C 240 21.30 -28.06 -15.53
N GLU C 241 21.88 -28.88 -14.66
CA GLU C 241 22.35 -28.44 -13.36
C GLU C 241 23.81 -28.82 -13.15
N ALA C 242 24.44 -28.11 -12.22
CA ALA C 242 25.76 -28.47 -11.74
C ALA C 242 25.93 -27.90 -10.33
N TRP C 243 26.67 -28.62 -9.49
CA TRP C 243 27.00 -28.18 -8.15
C TRP C 243 28.48 -27.86 -8.03
N GLY C 244 28.80 -26.94 -7.13
CA GLY C 244 30.20 -26.66 -6.82
C GLY C 244 30.90 -27.87 -6.24
N ARG C 245 32.23 -27.86 -6.37
CA ARG C 245 33.05 -29.01 -6.00
C ARG C 245 34.30 -28.50 -5.29
N ALA C 246 34.53 -28.98 -4.07
CA ALA C 246 35.78 -28.66 -3.40
C ALA C 246 36.95 -29.15 -4.24
N ASP C 247 38.00 -28.33 -4.31
CA ASP C 247 39.20 -28.69 -5.06
C ASP C 247 39.82 -29.99 -4.53
N ALA D 2 13.94 7.52 -56.16
CA ALA D 2 13.01 6.57 -55.55
C ALA D 2 12.85 6.85 -54.05
N GLN D 3 12.47 5.82 -53.30
CA GLN D 3 12.31 5.87 -51.84
C GLN D 3 13.24 4.84 -51.23
N LYS D 4 14.47 5.25 -50.91
CA LYS D 4 15.47 4.33 -50.40
C LYS D 4 16.29 4.99 -49.31
N VAL D 5 16.57 4.24 -48.24
CA VAL D 5 17.48 4.64 -47.18
C VAL D 5 18.66 3.69 -47.24
N THR D 6 19.87 4.24 -47.18
CA THR D 6 21.10 3.50 -47.46
C THR D 6 22.04 3.55 -46.26
N GLN D 7 22.42 2.37 -45.76
CA GLN D 7 23.42 2.23 -44.70
C GLN D 7 24.62 1.49 -45.29
N ALA D 8 25.68 2.24 -45.59
CA ALA D 8 26.79 1.74 -46.40
C ALA D 8 27.58 0.65 -45.70
N GLN D 9 27.85 0.83 -44.41
CA GLN D 9 28.73 -0.08 -43.67
C GLN D 9 27.95 -1.30 -43.23
N SER D 10 28.25 -2.46 -43.82
CA SER D 10 27.59 -3.69 -43.40
C SER D 10 28.02 -4.11 -41.99
N SER D 11 29.25 -3.80 -41.58
CA SER D 11 29.74 -4.17 -40.25
C SER D 11 30.85 -3.21 -39.84
N VAL D 12 30.92 -2.92 -38.54
CA VAL D 12 31.88 -1.96 -37.98
C VAL D 12 32.26 -2.43 -36.59
N SER D 13 33.54 -2.31 -36.24
CA SER D 13 34.04 -2.58 -34.90
C SER D 13 34.80 -1.39 -34.34
N MET D 14 34.69 -1.17 -33.02
CA MET D 14 35.23 0.02 -32.37
C MET D 14 35.50 -0.25 -30.90
N PRO D 15 36.57 0.30 -30.33
CA PRO D 15 36.88 0.06 -28.92
C PRO D 15 36.00 0.86 -27.97
N VAL D 16 35.93 0.35 -26.74
CA VAL D 16 35.16 1.00 -25.68
C VAL D 16 35.69 2.40 -25.39
N ARG D 17 34.77 3.27 -24.95
CA ARG D 17 35.02 4.65 -24.54
C ARG D 17 35.33 5.57 -25.72
N LYS D 18 35.51 5.02 -26.90
CA LYS D 18 35.76 5.84 -28.08
C LYS D 18 34.44 6.27 -28.72
N ALA D 19 34.51 7.01 -29.81
CA ALA D 19 33.34 7.42 -30.56
C ALA D 19 33.36 6.82 -31.96
N VAL D 20 32.17 6.68 -32.55
CA VAL D 20 32.00 6.14 -33.90
C VAL D 20 30.91 6.92 -34.61
N THR D 21 31.07 7.07 -35.93
CA THR D 21 30.08 7.73 -36.79
C THR D 21 29.56 6.72 -37.79
N LEU D 22 28.24 6.54 -37.82
CA LEU D 22 27.58 5.62 -38.74
C LEU D 22 26.86 6.42 -39.82
N ASN D 23 27.20 6.14 -41.07
CA ASN D 23 26.69 6.91 -42.20
C ASN D 23 25.30 6.44 -42.62
N CYS D 24 24.49 7.38 -43.12
CA CYS D 24 23.17 7.10 -43.65
C CYS D 24 22.91 8.00 -44.86
N LEU D 25 22.59 7.41 -46.00
CA LEU D 25 22.21 8.12 -47.21
C LEU D 25 20.75 7.79 -47.55
N TYR D 26 20.03 8.74 -48.11
CA TYR D 26 18.67 8.49 -48.54
C TYR D 26 18.38 9.24 -49.84
N GLU D 27 17.51 8.64 -50.65
CA GLU D 27 16.91 9.29 -51.82
C GLU D 27 15.41 9.39 -51.56
N THR D 28 14.84 10.56 -51.80
CA THR D 28 13.42 10.73 -51.55
C THR D 28 12.89 11.93 -52.31
N SER D 29 11.65 11.82 -52.77
CA SER D 29 10.92 12.92 -53.38
C SER D 29 10.18 13.75 -52.34
N TRP D 30 10.23 13.33 -51.08
CA TRP D 30 9.63 14.08 -49.99
C TRP D 30 10.52 15.26 -49.63
N TRP D 31 9.92 16.44 -49.47
CA TRP D 31 10.65 17.65 -49.10
C TRP D 31 10.34 18.15 -47.70
N SER D 32 9.38 17.55 -47.01
CA SER D 32 9.17 17.75 -45.58
C SER D 32 9.08 16.37 -44.93
N TYR D 33 9.97 16.08 -44.00
CA TYR D 33 10.12 14.71 -43.52
C TYR D 33 10.94 14.72 -42.23
N TYR D 34 11.09 13.54 -41.65
CA TYR D 34 11.88 13.31 -40.45
C TYR D 34 12.82 12.14 -40.68
N ILE D 35 13.85 12.05 -39.85
CA ILE D 35 14.81 10.95 -39.88
C ILE D 35 14.80 10.28 -38.51
N PHE D 36 14.59 8.97 -38.49
CA PHE D 36 14.59 8.21 -37.25
C PHE D 36 15.83 7.32 -37.20
N TRP D 37 16.40 7.18 -36.01
CA TRP D 37 17.48 6.25 -35.75
C TRP D 37 17.04 5.29 -34.66
N TYR D 38 17.21 4.00 -34.90
CA TYR D 38 16.84 2.98 -33.93
C TYR D 38 18.05 2.12 -33.60
N LYS D 39 18.02 1.52 -32.42
CA LYS D 39 19.07 0.65 -31.93
C LYS D 39 18.46 -0.70 -31.60
N GLN D 40 18.89 -1.74 -32.32
CA GLN D 40 18.37 -3.09 -32.11
C GLN D 40 19.43 -3.94 -31.41
N LEU D 41 19.14 -4.35 -30.18
CA LEU D 41 20.03 -5.21 -29.44
C LEU D 41 20.02 -6.61 -30.05
N PRO D 42 21.00 -7.45 -29.69
CA PRO D 42 20.94 -8.85 -30.13
C PRO D 42 19.68 -9.57 -29.69
N SER D 43 19.10 -9.18 -28.55
CA SER D 43 17.82 -9.72 -28.09
C SER D 43 16.67 -9.44 -29.06
N LYS D 44 16.91 -8.67 -30.13
CA LYS D 44 15.96 -8.23 -31.15
C LYS D 44 15.03 -7.13 -30.65
N GLU D 45 15.15 -6.70 -29.41
CA GLU D 45 14.36 -5.58 -28.92
C GLU D 45 14.75 -4.29 -29.65
N MET D 46 13.75 -3.49 -30.02
CA MET D 46 13.96 -2.28 -30.80
C MET D 46 13.75 -1.07 -29.89
N ILE D 47 14.62 -0.07 -30.05
CA ILE D 47 14.66 1.08 -29.15
C ILE D 47 14.92 2.34 -29.97
N PHE D 48 14.06 3.34 -29.81
CA PHE D 48 14.21 4.61 -30.49
C PHE D 48 15.23 5.49 -29.76
N LEU D 49 16.10 6.14 -30.54
CA LEU D 49 17.15 7.00 -30.01
C LEU D 49 16.87 8.49 -30.20
N ILE D 50 16.71 8.93 -31.46
CA ILE D 50 16.61 10.36 -31.75
C ILE D 50 15.96 10.52 -33.10
N ARG D 51 15.32 11.67 -33.32
CA ARG D 51 14.69 12.01 -34.58
C ARG D 51 15.16 13.39 -35.04
N GLN D 52 15.38 13.52 -36.34
CA GLN D 52 15.85 14.75 -36.96
C GLN D 52 14.79 15.24 -37.94
N GLY D 53 14.34 16.47 -37.75
CA GLY D 53 13.40 17.09 -38.67
C GLY D 53 14.14 17.73 -39.84
N SER D 54 13.57 17.60 -41.03
CA SER D 54 14.23 18.11 -42.23
C SER D 54 14.28 19.64 -42.28
N ASP D 55 13.51 20.32 -41.44
CA ASP D 55 13.47 21.77 -41.40
C ASP D 55 14.08 22.33 -40.11
N GLU D 56 14.73 21.48 -39.33
CA GLU D 56 15.29 21.83 -38.04
C GLU D 56 16.80 21.72 -38.10
N GLN D 57 17.46 22.32 -37.11
CA GLN D 57 18.91 22.19 -37.03
C GLN D 57 19.28 20.80 -36.50
N ASN D 58 20.59 20.53 -36.48
CA ASN D 58 21.11 19.21 -36.15
C ASN D 58 20.58 18.73 -34.80
N ALA D 59 19.87 17.60 -34.82
CA ALA D 59 19.28 17.05 -33.60
C ALA D 59 20.37 16.56 -32.66
N LYS D 60 20.08 16.67 -31.36
CA LYS D 60 21.02 16.25 -30.33
C LYS D 60 20.24 15.69 -29.14
N SER D 61 20.77 14.61 -28.56
CA SER D 61 20.13 13.98 -27.41
C SER D 61 21.06 13.01 -26.69
N GLY D 62 21.36 13.29 -25.43
CA GLY D 62 22.21 12.39 -24.64
C GLY D 62 23.57 12.18 -25.26
N ARG D 63 23.98 10.92 -25.33
CA ARG D 63 25.27 10.55 -25.90
C ARG D 63 25.22 10.38 -27.42
N TYR D 64 24.05 10.61 -28.02
CA TYR D 64 23.88 10.51 -29.47
C TYR D 64 23.79 11.92 -30.05
N SER D 65 24.33 12.09 -31.26
CA SER D 65 24.21 13.37 -31.95
C SER D 65 24.19 13.11 -33.46
N VAL D 66 23.47 13.96 -34.16
CA VAL D 66 23.18 13.78 -35.58
C VAL D 66 23.84 14.89 -36.40
N ASN D 67 24.40 14.51 -37.55
CA ASN D 67 25.00 15.44 -38.51
C ASN D 67 24.09 15.49 -39.74
N PHE D 68 23.09 16.37 -39.69
CA PHE D 68 22.10 16.49 -40.76
C PHE D 68 22.67 17.35 -41.88
N LYS D 69 22.89 16.74 -43.05
CA LYS D 69 23.31 17.46 -44.25
C LYS D 69 22.20 17.31 -45.27
N LYS D 70 21.25 18.26 -45.25
CA LYS D 70 20.05 18.10 -46.06
C LYS D 70 20.38 18.20 -47.54
N ALA D 71 21.35 19.05 -47.90
CA ALA D 71 21.72 19.22 -49.29
C ALA D 71 22.25 17.92 -49.88
N ALA D 72 23.18 17.26 -49.18
CA ALA D 72 23.72 15.98 -49.62
C ALA D 72 22.79 14.82 -49.32
N LYS D 73 21.72 15.06 -48.56
CA LYS D 73 20.84 14.00 -48.06
C LYS D 73 21.63 12.96 -47.28
N SER D 74 22.39 13.46 -46.30
CA SER D 74 23.21 12.62 -45.43
C SER D 74 22.94 13.00 -44.00
N VAL D 75 22.69 12.00 -43.15
CA VAL D 75 22.23 12.26 -41.79
C VAL D 75 22.91 11.24 -40.87
N ALA D 76 24.23 11.34 -40.77
CA ALA D 76 25.00 10.38 -40.00
C ALA D 76 24.73 10.57 -38.52
N LEU D 77 24.65 9.46 -37.79
CA LEU D 77 24.47 9.49 -36.34
C LEU D 77 25.81 9.24 -35.66
N THR D 78 26.12 10.06 -34.66
CA THR D 78 27.36 9.96 -33.92
C THR D 78 27.06 9.59 -32.47
N ILE D 79 27.70 8.54 -31.98
CA ILE D 79 27.61 8.12 -30.59
C ILE D 79 28.99 8.34 -29.97
N SER D 80 29.03 9.07 -28.87
CA SER D 80 30.28 9.36 -28.19
C SER D 80 30.44 8.48 -26.96
N ALA D 81 31.70 8.29 -26.56
CA ALA D 81 32.06 7.52 -25.37
C ALA D 81 31.35 6.17 -25.35
N LEU D 82 31.62 5.38 -26.38
CA LEU D 82 30.93 4.11 -26.55
C LEU D 82 31.15 3.19 -25.36
N GLN D 83 30.08 2.55 -24.93
CA GLN D 83 30.11 1.57 -23.87
C GLN D 83 29.83 0.19 -24.44
N LEU D 84 30.12 -0.84 -23.65
CA LEU D 84 29.92 -2.20 -24.11
C LEU D 84 28.46 -2.46 -24.48
N GLU D 85 27.52 -1.83 -23.77
CA GLU D 85 26.10 -1.99 -24.07
C GLU D 85 25.72 -1.41 -25.43
N ASP D 86 26.55 -0.53 -25.99
CA ASP D 86 26.28 0.06 -27.29
C ASP D 86 26.45 -0.91 -28.45
N SER D 87 27.05 -2.08 -28.21
CA SER D 87 27.18 -3.09 -29.26
C SER D 87 25.81 -3.57 -29.71
N ALA D 88 25.48 -3.33 -30.98
CA ALA D 88 24.15 -3.60 -31.51
C ALA D 88 24.18 -3.34 -33.01
N LYS D 89 23.05 -3.64 -33.66
CA LYS D 89 22.86 -3.33 -35.07
C LYS D 89 21.98 -2.09 -35.17
N TYR D 90 22.44 -1.09 -35.90
CA TYR D 90 21.82 0.23 -35.90
C TYR D 90 21.12 0.47 -37.24
N PHE D 91 19.91 1.02 -37.16
CA PHE D 91 19.07 1.21 -38.34
C PHE D 91 18.75 2.70 -38.50
N CYS D 92 18.79 3.16 -39.74
CA CYS D 92 18.41 4.53 -40.11
C CYS D 92 17.10 4.48 -40.86
N ALA D 93 16.16 5.36 -40.49
CA ALA D 93 14.81 5.28 -41.03
C ALA D 93 14.29 6.66 -41.42
N LEU D 94 13.52 6.70 -42.51
CA LEU D 94 12.96 7.93 -43.07
C LEU D 94 11.44 7.88 -42.94
N GLY D 95 10.85 8.97 -42.47
CA GLY D 95 9.41 9.03 -42.28
C GLY D 95 8.83 10.33 -42.78
N ASP D 96 7.52 10.28 -43.08
CA ASP D 96 6.81 11.41 -43.63
C ASP D 96 6.06 12.16 -42.53
N THR D 97 5.12 13.02 -42.93
CA THR D 97 4.34 13.83 -42.00
C THR D 97 3.02 13.16 -41.62
N ALA D 98 2.81 11.91 -42.03
CA ALA D 98 1.54 11.25 -41.79
C ALA D 98 1.76 9.77 -41.49
N GLY D 99 2.86 9.45 -40.81
CA GLY D 99 3.07 8.15 -40.21
C GLY D 99 3.76 7.09 -41.06
N LYS D 100 3.89 7.30 -42.36
CA LYS D 100 4.60 6.31 -43.19
C LYS D 100 6.10 6.36 -42.91
N SER D 101 6.77 5.23 -43.14
CA SER D 101 8.20 5.12 -42.92
C SER D 101 8.83 4.11 -43.86
N THR D 102 10.15 4.26 -44.08
CA THR D 102 10.95 3.39 -44.91
C THR D 102 12.26 3.13 -44.17
N PHE D 103 12.62 1.86 -43.99
CA PHE D 103 13.79 1.47 -43.21
C PHE D 103 14.97 1.14 -44.09
N GLY D 104 16.16 1.55 -43.66
CA GLY D 104 17.40 1.04 -44.21
C GLY D 104 17.67 -0.38 -43.73
N ASP D 105 18.75 -0.95 -44.23
CA ASP D 105 19.07 -2.35 -43.97
C ASP D 105 20.14 -2.55 -42.90
N GLY D 106 20.54 -1.49 -42.20
CA GLY D 106 21.23 -1.63 -40.94
C GLY D 106 22.74 -1.74 -41.03
N THR D 107 23.36 -1.62 -39.86
CA THR D 107 24.82 -1.67 -39.69
C THR D 107 25.10 -2.28 -38.33
N THR D 108 25.82 -3.40 -38.33
CA THR D 108 26.14 -4.10 -37.08
C THR D 108 27.40 -3.50 -36.47
N LEU D 109 27.27 -2.96 -35.26
CA LEU D 109 28.39 -2.38 -34.53
C LEU D 109 28.78 -3.32 -33.40
N THR D 110 30.04 -3.74 -33.39
CA THR D 110 30.61 -4.53 -32.31
C THR D 110 31.63 -3.69 -31.58
N VAL D 111 31.39 -3.43 -30.30
CA VAL D 111 32.33 -2.65 -29.49
C VAL D 111 33.33 -3.60 -28.87
N LYS D 112 34.60 -3.36 -29.13
CA LYS D 112 35.64 -4.22 -28.60
C LYS D 112 36.04 -3.74 -27.21
N PRO D 113 36.02 -4.59 -26.20
CA PRO D 113 36.49 -4.19 -24.87
C PRO D 113 38.01 -4.16 -24.81
N ASN D 114 38.51 -3.34 -23.89
CA ASN D 114 39.96 -3.19 -23.69
C ASN D 114 40.42 -4.22 -22.68
N ILE D 115 41.02 -5.30 -23.18
CA ILE D 115 41.55 -6.35 -22.32
C ILE D 115 42.91 -5.88 -21.80
N GLN D 116 42.99 -5.59 -20.51
CA GLN D 116 44.21 -5.04 -19.93
C GLN D 116 45.19 -6.13 -19.49
N ASN D 117 44.70 -7.35 -19.26
CA ASN D 117 45.54 -8.47 -18.82
C ASN D 117 45.16 -9.72 -19.61
N PRO D 118 45.48 -9.74 -20.91
CA PRO D 118 45.16 -10.92 -21.73
C PRO D 118 45.81 -12.18 -21.21
N ASP D 119 45.16 -13.31 -21.48
CA ASP D 119 45.65 -14.60 -21.00
C ASP D 119 45.15 -15.72 -21.92
N PRO D 120 45.44 -15.65 -23.22
CA PRO D 120 44.82 -16.60 -24.16
C PRO D 120 45.10 -18.04 -23.77
N ALA D 121 44.04 -18.85 -23.77
CA ALA D 121 44.17 -20.26 -23.43
C ALA D 121 43.00 -21.03 -24.00
N VAL D 122 43.23 -22.32 -24.26
CA VAL D 122 42.17 -23.24 -24.67
C VAL D 122 42.05 -24.32 -23.60
N TYR D 123 40.91 -24.38 -22.95
CA TYR D 123 40.67 -25.33 -21.87
C TYR D 123 39.68 -26.38 -22.33
N GLN D 124 39.74 -27.56 -21.74
CA GLN D 124 38.77 -28.62 -22.01
C GLN D 124 37.80 -28.74 -20.84
N LEU D 125 36.51 -28.81 -21.16
CA LEU D 125 35.46 -28.91 -20.15
C LEU D 125 34.64 -30.15 -20.47
N ARG D 126 34.49 -31.04 -19.51
CA ARG D 126 33.78 -32.29 -19.70
C ARG D 126 32.35 -32.14 -19.21
N ASP D 127 31.45 -32.96 -19.76
CA ASP D 127 30.04 -32.82 -19.45
C ASP D 127 29.78 -33.19 -17.99
N SER D 128 29.05 -32.32 -17.28
CA SER D 128 28.69 -32.59 -15.89
C SER D 128 27.86 -33.86 -15.76
N LYS D 129 27.00 -34.14 -16.74
CA LYS D 129 26.07 -35.26 -16.66
C LYS D 129 26.51 -36.48 -17.46
N SER D 130 27.23 -36.29 -18.56
CA SER D 130 27.55 -37.40 -19.44
C SER D 130 29.07 -37.59 -19.46
N SER D 131 29.53 -38.37 -20.44
CA SER D 131 30.95 -38.62 -20.66
C SER D 131 31.17 -38.77 -22.16
N ASP D 132 32.42 -38.65 -22.57
CA ASP D 132 32.83 -38.45 -23.97
C ASP D 132 32.56 -37.01 -24.37
N LYS D 133 31.35 -36.53 -24.08
CA LYS D 133 30.91 -35.19 -24.45
C LYS D 133 31.76 -34.13 -23.76
N SER D 134 32.63 -33.46 -24.51
CA SER D 134 33.51 -32.43 -23.99
C SER D 134 33.40 -31.17 -24.87
N VAL D 135 34.00 -30.09 -24.39
CA VAL D 135 33.96 -28.79 -25.05
C VAL D 135 35.31 -28.10 -24.87
N CYS D 136 35.76 -27.41 -25.91
CA CYS D 136 37.01 -26.64 -25.88
C CYS D 136 36.69 -25.16 -25.86
N LEU D 137 37.40 -24.43 -25.00
CA LEU D 137 37.08 -23.04 -24.67
C LEU D 137 38.25 -22.14 -24.98
N PHE D 138 38.10 -21.28 -25.98
CA PHE D 138 39.05 -20.22 -26.28
C PHE D 138 38.64 -18.98 -25.51
N THR D 139 39.54 -18.45 -24.70
CA THR D 139 39.16 -17.36 -23.81
C THR D 139 40.36 -16.46 -23.50
N ASP D 140 40.04 -15.28 -22.98
CA ASP D 140 40.96 -14.31 -22.38
C ASP D 140 41.87 -13.64 -23.39
N PHE D 141 41.58 -13.76 -24.68
CA PHE D 141 42.40 -13.14 -25.71
C PHE D 141 42.04 -11.67 -25.89
N ASP D 142 42.90 -10.96 -26.63
CA ASP D 142 42.68 -9.55 -26.91
C ASP D 142 41.57 -9.40 -27.95
N SER D 143 40.91 -8.24 -27.90
CA SER D 143 39.74 -7.98 -28.74
C SER D 143 40.09 -7.86 -30.21
N GLN D 144 41.39 -7.77 -30.53
CA GLN D 144 41.85 -7.75 -31.91
C GLN D 144 41.96 -9.14 -32.50
N THR D 145 42.06 -10.18 -31.68
CA THR D 145 41.96 -11.54 -32.19
C THR D 145 40.54 -11.80 -32.67
N ASN D 146 40.40 -12.38 -33.85
CA ASN D 146 39.10 -12.63 -34.47
C ASN D 146 38.93 -14.13 -34.67
N VAL D 147 37.82 -14.66 -34.17
CA VAL D 147 37.52 -16.08 -34.27
C VAL D 147 36.94 -16.38 -35.64
N SER D 148 37.33 -17.53 -36.20
CA SER D 148 37.00 -17.90 -37.58
C SER D 148 35.92 -18.96 -37.58
N GLN D 149 34.89 -18.74 -38.40
CA GLN D 149 33.87 -19.74 -38.70
C GLN D 149 34.46 -21.14 -38.80
N SER D 150 33.79 -22.11 -38.17
CA SER D 150 34.16 -23.51 -38.33
C SER D 150 33.93 -23.93 -39.77
N LYS D 151 34.90 -24.67 -40.33
CA LYS D 151 34.73 -25.22 -41.66
C LYS D 151 34.66 -26.75 -41.64
N ASP D 152 34.43 -27.35 -40.49
CA ASP D 152 34.39 -28.80 -40.36
C ASP D 152 32.96 -29.19 -40.04
N SER D 153 32.32 -29.91 -40.97
CA SER D 153 30.89 -30.11 -40.87
C SER D 153 30.48 -30.89 -39.62
N ASP D 154 31.42 -31.57 -38.99
CA ASP D 154 31.18 -32.22 -37.70
C ASP D 154 31.74 -31.41 -36.53
N VAL D 155 32.21 -30.19 -36.77
CA VAL D 155 32.73 -29.32 -35.73
C VAL D 155 32.02 -27.96 -35.77
N TYR D 156 31.50 -27.54 -34.63
CA TYR D 156 30.72 -26.31 -34.51
C TYR D 156 31.51 -25.30 -33.71
N ILE D 157 31.62 -24.07 -34.22
CA ILE D 157 32.34 -23.00 -33.54
C ILE D 157 31.50 -21.73 -33.59
N THR D 158 31.21 -21.17 -32.41
CA THR D 158 30.44 -19.94 -32.31
C THR D 158 31.34 -18.72 -32.46
N ASP D 159 30.72 -17.58 -32.74
CA ASP D 159 31.43 -16.32 -32.76
C ASP D 159 31.78 -15.87 -31.34
N LYS D 160 32.61 -14.83 -31.26
CA LYS D 160 33.03 -14.21 -30.01
C LYS D 160 31.89 -13.82 -29.09
N CYS D 161 32.19 -13.64 -27.80
CA CYS D 161 31.19 -13.29 -26.79
C CYS D 161 31.88 -12.56 -25.65
N VAL D 162 31.45 -11.34 -25.37
CA VAL D 162 32.03 -10.52 -24.30
C VAL D 162 31.15 -10.69 -23.06
N LEU D 163 31.69 -11.31 -22.02
CA LEU D 163 31.01 -11.35 -20.74
C LEU D 163 31.67 -10.35 -19.79
N ASP D 164 30.91 -9.92 -18.80
CA ASP D 164 31.33 -8.81 -17.93
C ASP D 164 31.06 -9.23 -16.49
N MET D 165 32.12 -9.59 -15.77
CA MET D 165 32.01 -9.87 -14.35
C MET D 165 32.06 -8.52 -13.63
N ARG D 166 30.87 -7.99 -13.36
CA ARG D 166 30.74 -6.61 -12.89
C ARG D 166 31.39 -6.44 -11.51
N SER D 167 31.31 -7.47 -10.67
CA SER D 167 31.84 -7.36 -9.31
C SER D 167 33.35 -7.13 -9.29
N MET D 168 34.05 -7.57 -10.33
CA MET D 168 35.51 -7.47 -10.37
C MET D 168 36.01 -6.46 -11.40
N ASP D 169 35.12 -5.81 -12.15
CA ASP D 169 35.49 -4.91 -13.23
C ASP D 169 36.40 -5.62 -14.23
N PHE D 170 36.05 -6.87 -14.51
CA PHE D 170 36.85 -7.75 -15.36
C PHE D 170 36.03 -8.17 -16.56
N LYS D 171 36.52 -7.85 -17.75
CA LYS D 171 35.90 -8.27 -19.00
C LYS D 171 36.76 -9.34 -19.64
N SER D 172 36.12 -10.37 -20.20
CA SER D 172 36.86 -11.38 -20.93
C SER D 172 36.03 -11.90 -22.09
N ASN D 173 36.71 -12.20 -23.17
CA ASN D 173 36.10 -12.77 -24.35
C ASN D 173 36.19 -14.29 -24.29
N SER D 174 35.30 -14.94 -25.04
CA SER D 174 35.35 -16.39 -25.13
C SER D 174 34.66 -16.85 -26.41
N ALA D 175 35.10 -18.01 -26.89
CA ALA D 175 34.43 -18.68 -27.99
C ALA D 175 34.44 -20.18 -27.69
N VAL D 176 33.40 -20.86 -28.15
CA VAL D 176 33.14 -22.23 -27.77
C VAL D 176 33.18 -23.09 -29.02
N ALA D 177 33.73 -24.30 -28.88
CA ALA D 177 33.79 -25.27 -29.96
C ALA D 177 33.56 -26.65 -29.38
N TRP D 178 32.76 -27.45 -30.08
CA TRP D 178 32.49 -28.81 -29.66
C TRP D 178 32.21 -29.65 -30.88
N SER D 179 32.23 -30.96 -30.70
CA SER D 179 32.08 -31.89 -31.81
C SER D 179 31.88 -33.28 -31.24
N ASN D 180 31.27 -34.14 -32.04
CA ASN D 180 31.08 -35.55 -31.69
C ASN D 180 32.18 -36.44 -32.25
N LYS D 181 33.12 -35.86 -33.00
CA LYS D 181 34.06 -36.62 -33.81
C LYS D 181 35.02 -37.44 -32.94
N SER D 182 35.69 -38.39 -33.60
CA SER D 182 36.74 -39.17 -32.97
C SER D 182 38.05 -38.40 -32.96
N ASP D 183 38.76 -38.47 -31.83
CA ASP D 183 39.98 -37.69 -31.60
C ASP D 183 39.80 -36.23 -32.00
N PHE D 184 38.64 -35.67 -31.64
CA PHE D 184 38.51 -34.22 -31.63
C PHE D 184 39.24 -33.66 -30.42
N ALA D 185 40.15 -32.73 -30.66
CA ALA D 185 41.05 -32.27 -29.60
C ALA D 185 41.10 -30.75 -29.58
N CYS D 186 41.31 -30.21 -28.38
CA CYS D 186 41.31 -28.76 -28.20
C CYS D 186 42.46 -28.11 -28.96
N ALA D 187 43.59 -28.80 -29.08
CA ALA D 187 44.70 -28.27 -29.87
C ALA D 187 44.32 -28.12 -31.33
N ASN D 188 43.40 -28.96 -31.81
CA ASN D 188 42.99 -28.95 -33.21
C ASN D 188 41.74 -28.10 -33.46
N ALA D 189 40.97 -27.79 -32.40
CA ALA D 189 39.69 -27.11 -32.56
C ALA D 189 39.84 -25.81 -33.33
N PHE D 190 40.77 -24.96 -32.90
CA PHE D 190 40.89 -23.61 -33.44
C PHE D 190 42.07 -23.48 -34.40
N ASN D 191 42.52 -24.58 -34.99
CA ASN D 191 43.56 -24.50 -36.01
C ASN D 191 43.09 -23.73 -37.23
N ASN D 192 41.78 -23.60 -37.42
CA ASN D 192 41.21 -22.85 -38.53
C ASN D 192 41.22 -21.35 -38.29
N SER D 193 41.63 -20.90 -37.11
CA SER D 193 41.70 -19.49 -36.76
C SER D 193 43.16 -19.09 -36.54
N ILE D 194 43.38 -17.77 -36.49
CA ILE D 194 44.69 -17.21 -36.22
C ILE D 194 44.74 -16.83 -34.75
N ILE D 195 45.35 -17.69 -33.94
CA ILE D 195 45.42 -17.52 -32.49
C ILE D 195 46.81 -17.03 -32.11
N PRO D 196 46.96 -16.26 -31.03
CA PRO D 196 48.30 -15.82 -30.62
C PRO D 196 49.21 -17.02 -30.37
N GLU D 197 50.51 -16.81 -30.57
CA GLU D 197 51.47 -17.91 -30.46
C GLU D 197 51.68 -18.35 -29.02
N ASP D 198 51.38 -17.50 -28.04
CA ASP D 198 51.49 -17.84 -26.63
C ASP D 198 50.19 -18.42 -26.07
N THR D 199 49.36 -19.01 -26.92
CA THR D 199 48.11 -19.62 -26.47
C THR D 199 48.40 -20.82 -25.58
N PHE D 200 47.93 -20.77 -24.33
CA PHE D 200 48.14 -21.85 -23.38
C PHE D 200 47.31 -23.07 -23.76
N PHE D 201 47.97 -24.21 -23.93
CA PHE D 201 47.29 -25.50 -24.09
C PHE D 201 47.74 -26.42 -22.96
N PRO D 202 46.85 -26.79 -22.03
CA PRO D 202 47.28 -27.57 -20.86
C PRO D 202 47.76 -28.96 -21.27
N SER D 203 48.90 -29.36 -20.71
CA SER D 203 49.56 -30.61 -21.06
C SER D 203 49.09 -31.73 -20.14
N PRO D 204 48.95 -31.50 -18.82
CA PRO D 204 48.35 -32.60 -18.06
C PRO D 204 46.83 -32.64 -18.17
N GLU E 2 -28.09 -4.15 47.92
CA GLU E 2 -26.90 -4.07 47.07
C GLU E 2 -27.20 -4.41 45.61
N ALA E 3 -26.62 -3.61 44.72
CA ALA E 3 -26.90 -3.71 43.29
C ALA E 3 -26.15 -4.89 42.70
N GLN E 4 -26.88 -5.77 42.02
CA GLN E 4 -26.28 -6.94 41.40
C GLN E 4 -27.22 -7.44 40.32
N VAL E 5 -26.66 -8.02 39.27
CA VAL E 5 -27.45 -8.66 38.23
C VAL E 5 -27.23 -10.16 38.36
N THR E 6 -28.32 -10.91 38.44
CA THR E 6 -28.27 -12.36 38.67
C THR E 6 -28.85 -13.07 37.47
N GLN E 7 -28.08 -14.02 36.93
CA GLN E 7 -28.54 -14.87 35.84
C GLN E 7 -28.50 -16.32 36.29
N ASN E 8 -29.44 -17.11 35.78
CA ASN E 8 -29.51 -18.53 36.10
C ASN E 8 -29.92 -19.32 34.87
N PRO E 9 -29.12 -20.31 34.45
CA PRO E 9 -27.86 -20.72 35.06
C PRO E 9 -26.65 -19.94 34.54
N ARG E 10 -25.52 -20.02 35.24
CA ARG E 10 -24.28 -19.43 34.75
C ARG E 10 -23.57 -20.33 33.75
N TYR E 11 -23.79 -21.64 33.82
CA TYR E 11 -23.20 -22.59 32.89
C TYR E 11 -24.24 -23.63 32.49
N LEU E 12 -24.32 -23.92 31.19
CA LEU E 12 -25.35 -24.81 30.68
C LEU E 12 -24.80 -25.62 29.52
N ILE E 13 -24.86 -26.94 29.64
CA ILE E 13 -24.61 -27.86 28.53
C ILE E 13 -25.91 -28.53 28.16
N THR E 14 -26.31 -28.44 26.89
CA THR E 14 -27.58 -28.96 26.43
C THR E 14 -27.39 -29.67 25.09
N VAL E 15 -28.40 -30.45 24.72
CA VAL E 15 -28.41 -31.17 23.45
C VAL E 15 -29.18 -30.34 22.44
N THR E 16 -28.70 -30.32 21.20
CA THR E 16 -29.29 -29.51 20.14
C THR E 16 -30.80 -29.67 20.09
N GLY E 17 -31.50 -28.54 19.96
CA GLY E 17 -32.94 -28.53 19.79
C GLY E 17 -33.76 -28.71 21.04
N LYS E 18 -33.13 -28.88 22.20
CA LYS E 18 -33.87 -29.01 23.46
C LYS E 18 -34.14 -27.64 24.06
N LYS E 19 -35.43 -27.30 24.15
CA LYS E 19 -35.84 -25.97 24.62
C LYS E 19 -35.29 -25.70 26.01
N LEU E 20 -34.83 -24.46 26.22
CA LEU E 20 -34.32 -24.03 27.51
C LEU E 20 -34.59 -22.54 27.69
N THR E 21 -34.67 -22.11 28.94
CA THR E 21 -34.84 -20.71 29.27
C THR E 21 -33.85 -20.29 30.34
N VAL E 22 -33.19 -19.15 30.12
CA VAL E 22 -32.25 -18.56 31.08
C VAL E 22 -32.91 -17.32 31.69
N THR E 23 -32.87 -17.24 33.01
CA THR E 23 -33.50 -16.13 33.73
C THR E 23 -32.47 -15.05 34.05
N CYS E 24 -32.94 -13.81 34.06
CA CYS E 24 -32.15 -12.65 34.46
C CYS E 24 -33.05 -11.71 35.25
N SER E 25 -32.53 -11.22 36.37
CA SER E 25 -33.32 -10.34 37.23
C SER E 25 -32.42 -9.30 37.87
N GLN E 26 -33.04 -8.19 38.27
CA GLN E 26 -32.37 -7.12 39.01
C GLN E 26 -33.41 -6.51 39.93
N ASN E 27 -33.00 -6.18 41.15
CA ASN E 27 -33.90 -5.66 42.17
C ASN E 27 -33.79 -4.16 42.34
N MET E 28 -33.26 -3.46 41.34
CA MET E 28 -33.07 -2.02 41.40
C MET E 28 -34.16 -1.23 40.67
N ASN E 29 -35.26 -1.88 40.30
CA ASN E 29 -36.37 -1.23 39.59
C ASN E 29 -35.90 -0.51 38.33
N HIS E 30 -34.89 -1.08 37.66
CA HIS E 30 -34.35 -0.48 36.45
C HIS E 30 -35.33 -0.65 35.28
N GLU E 31 -35.51 0.41 34.49
CA GLU E 31 -36.42 0.35 33.36
C GLU E 31 -35.83 -0.43 32.18
N TYR E 32 -34.54 -0.24 31.89
CA TYR E 32 -33.94 -0.78 30.68
C TYR E 32 -33.13 -2.03 31.00
N MET E 33 -33.42 -3.12 30.29
CA MET E 33 -32.65 -4.35 30.36
C MET E 33 -32.39 -4.85 28.94
N SER E 34 -31.22 -5.46 28.75
CA SER E 34 -30.78 -5.84 27.42
C SER E 34 -30.05 -7.19 27.49
N TRP E 35 -30.18 -7.97 26.42
CA TRP E 35 -29.47 -9.22 26.24
C TRP E 35 -28.40 -9.10 25.16
N TYR E 36 -27.25 -9.71 25.41
CA TYR E 36 -26.15 -9.75 24.47
C TYR E 36 -25.58 -11.16 24.42
N ARG E 37 -24.95 -11.49 23.28
CA ARG E 37 -24.13 -12.68 23.16
C ARG E 37 -22.73 -12.26 22.74
N GLN E 38 -21.72 -12.87 23.38
CA GLN E 38 -20.32 -12.62 23.05
C GLN E 38 -19.73 -13.89 22.46
N ASP E 39 -19.41 -13.84 21.18
CA ASP E 39 -18.67 -14.91 20.53
C ASP E 39 -17.18 -14.76 20.83
N PRO E 40 -16.41 -15.86 20.78
CA PRO E 40 -15.00 -15.78 21.18
C PRO E 40 -14.23 -14.79 20.32
N GLY E 41 -13.46 -13.92 20.98
CA GLY E 41 -12.67 -12.91 20.31
C GLY E 41 -13.41 -11.67 19.87
N LEU E 42 -14.74 -11.66 19.93
CA LEU E 42 -15.55 -10.58 19.37
C LEU E 42 -16.20 -9.76 20.49
N GLY E 43 -16.96 -8.75 20.07
CA GLY E 43 -17.73 -7.93 20.96
C GLY E 43 -19.12 -8.50 21.22
N LEU E 44 -19.91 -7.72 21.96
CA LEU E 44 -21.28 -8.11 22.28
C LEU E 44 -22.23 -7.74 21.15
N ARG E 45 -22.99 -8.72 20.67
CA ARG E 45 -24.04 -8.51 19.69
C ARG E 45 -25.37 -8.45 20.44
N GLN E 46 -26.11 -7.37 20.24
CA GLN E 46 -27.35 -7.20 21.00
C GLN E 46 -28.43 -8.12 20.45
N ILE E 47 -29.07 -8.87 21.34
CA ILE E 47 -30.11 -9.82 20.96
C ILE E 47 -31.47 -9.18 21.15
N TYR E 48 -31.81 -8.87 22.40
CA TYR E 48 -33.04 -8.18 22.74
C TYR E 48 -32.77 -7.19 23.84
N TYR E 49 -33.51 -6.08 23.82
CA TYR E 49 -33.49 -5.14 24.92
C TYR E 49 -34.92 -4.66 25.17
N SER E 50 -35.13 -4.14 26.38
CA SER E 50 -36.47 -3.76 26.84
C SER E 50 -36.37 -2.38 27.46
N MET E 51 -36.99 -1.38 26.83
CA MET E 51 -36.95 -0.02 27.35
C MET E 51 -37.86 0.18 28.56
N ASN E 52 -38.74 -0.79 28.86
CA ASN E 52 -39.69 -0.71 29.96
C ASN E 52 -40.55 -1.99 29.98
N VAL E 53 -41.44 -2.10 30.96
CA VAL E 53 -42.33 -3.27 31.04
C VAL E 53 -43.12 -3.40 29.75
N GLU E 54 -43.17 -4.61 29.20
CA GLU E 54 -43.93 -4.95 28.00
C GLU E 54 -43.39 -4.24 26.76
N VAL E 55 -42.16 -3.76 26.81
CA VAL E 55 -41.47 -3.16 25.67
C VAL E 55 -40.36 -4.11 25.26
N THR E 56 -40.43 -4.62 24.04
CA THR E 56 -39.39 -5.49 23.51
C THR E 56 -38.98 -4.97 22.14
N ASP E 57 -37.68 -5.03 21.87
CA ASP E 57 -37.14 -4.59 20.59
C ASP E 57 -36.03 -5.55 20.18
N LYS E 58 -36.00 -5.88 18.89
CA LYS E 58 -34.95 -6.75 18.39
C LYS E 58 -33.63 -6.02 18.28
N GLY E 59 -32.56 -6.71 18.65
CA GLY E 59 -31.21 -6.21 18.47
C GLY E 59 -30.67 -6.61 17.12
N ASP E 60 -29.35 -6.74 17.04
CA ASP E 60 -28.72 -7.04 15.76
C ASP E 60 -28.85 -8.51 15.38
N VAL E 61 -28.95 -9.41 16.36
CA VAL E 61 -29.02 -10.84 16.09
C VAL E 61 -30.16 -11.50 16.87
N PRO E 62 -31.42 -11.16 16.58
CA PRO E 62 -32.53 -11.75 17.35
C PRO E 62 -32.90 -13.17 16.96
N GLU E 63 -32.42 -13.68 15.83
CA GLU E 63 -32.86 -14.97 15.33
C GLU E 63 -32.50 -16.08 16.32
N GLY E 64 -33.48 -16.93 16.62
CA GLY E 64 -33.32 -18.06 17.52
C GLY E 64 -33.41 -17.77 18.99
N TYR E 65 -33.66 -16.51 19.38
CA TYR E 65 -33.83 -16.15 20.79
C TYR E 65 -35.10 -15.30 20.89
N LYS E 66 -35.86 -15.49 21.96
CA LYS E 66 -37.04 -14.67 22.22
C LYS E 66 -37.10 -14.30 23.69
N VAL E 67 -37.76 -13.18 23.98
CA VAL E 67 -37.84 -12.66 25.34
C VAL E 67 -39.28 -12.27 25.65
N SER E 68 -39.51 -11.97 26.93
CA SER E 68 -40.75 -11.39 27.41
C SER E 68 -40.43 -10.44 28.56
N ARG E 69 -41.29 -9.44 28.77
CA ARG E 69 -41.09 -8.45 29.82
C ARG E 69 -42.43 -8.23 30.53
N LYS E 70 -42.84 -9.22 31.32
CA LYS E 70 -44.11 -9.11 32.03
C LYS E 70 -44.03 -8.10 33.18
N GLU E 71 -42.84 -7.91 33.75
CA GLU E 71 -42.65 -6.91 34.79
C GLU E 71 -41.22 -6.38 34.70
N LYS E 72 -40.90 -5.43 35.57
CA LYS E 72 -39.59 -4.78 35.54
C LYS E 72 -38.49 -5.71 36.02
N ARG E 73 -38.79 -6.55 37.01
CA ARG E 73 -37.74 -7.31 37.69
C ARG E 73 -37.09 -8.33 36.76
N ASN E 74 -37.89 -8.99 35.92
CA ASN E 74 -37.42 -10.13 35.14
C ASN E 74 -37.42 -9.79 33.65
N PHE E 75 -36.40 -10.31 32.96
CA PHE E 75 -36.26 -10.14 31.52
C PHE E 75 -35.68 -11.43 30.98
N PRO E 76 -36.49 -12.48 30.87
CA PRO E 76 -35.96 -13.80 30.51
C PRO E 76 -35.68 -13.94 29.01
N LEU E 77 -34.67 -14.76 28.72
CA LEU E 77 -34.26 -15.07 27.35
C LEU E 77 -34.68 -16.51 27.05
N ILE E 78 -35.50 -16.68 26.01
CA ILE E 78 -36.09 -17.97 25.65
C ILE E 78 -35.39 -18.47 24.40
N LEU E 79 -34.92 -19.71 24.44
CA LEU E 79 -34.26 -20.37 23.32
C LEU E 79 -35.16 -21.50 22.86
N GLU E 80 -35.92 -21.25 21.80
CA GLU E 80 -36.95 -22.19 21.36
C GLU E 80 -36.34 -23.52 20.91
N SER E 81 -35.30 -23.45 20.09
CA SER E 81 -34.67 -24.66 19.52
C SER E 81 -33.16 -24.44 19.43
N PRO E 82 -32.44 -24.67 20.53
CA PRO E 82 -30.99 -24.45 20.52
C PRO E 82 -30.28 -25.26 19.44
N SER E 83 -29.40 -24.60 18.73
CA SER E 83 -28.57 -25.19 17.68
C SER E 83 -27.12 -24.90 18.01
N PRO E 84 -26.17 -25.68 17.47
CA PRO E 84 -24.77 -25.49 17.86
C PRO E 84 -24.23 -24.10 17.61
N ASN E 85 -24.73 -23.38 16.60
CA ASN E 85 -24.25 -22.05 16.31
C ASN E 85 -24.84 -20.98 17.24
N GLN E 86 -25.69 -21.37 18.19
CA GLN E 86 -26.12 -20.48 19.25
C GLN E 86 -25.29 -20.61 20.51
N THR E 87 -24.29 -21.49 20.52
CA THR E 87 -23.33 -21.57 21.62
C THR E 87 -22.55 -20.26 21.74
N SER E 88 -22.56 -19.66 22.93
CA SER E 88 -21.93 -18.36 23.14
C SER E 88 -21.93 -18.03 24.62
N LEU E 89 -21.35 -16.88 24.96
CA LEU E 89 -21.37 -16.29 26.29
C LEU E 89 -22.44 -15.20 26.33
N TYR E 90 -23.46 -15.38 27.17
CA TYR E 90 -24.61 -14.51 27.20
C TYR E 90 -24.50 -13.52 28.35
N PHE E 91 -24.61 -12.24 28.03
CA PHE E 91 -24.60 -11.17 29.02
C PHE E 91 -25.98 -10.53 29.09
N CYS E 92 -26.50 -10.37 30.30
CA CYS E 92 -27.71 -9.61 30.56
C CYS E 92 -27.32 -8.32 31.27
N ALA E 93 -27.82 -7.21 30.76
CA ALA E 93 -27.52 -5.89 31.32
C ALA E 93 -28.80 -5.21 31.76
N SER E 94 -28.64 -4.25 32.68
CA SER E 94 -29.76 -3.43 33.11
C SER E 94 -29.23 -2.03 33.41
N SER E 95 -30.10 -1.03 33.23
CA SER E 95 -29.71 0.35 33.51
C SER E 95 -30.93 1.10 34.03
N LEU E 96 -30.65 2.17 34.77
CA LEU E 96 -31.71 2.93 35.44
C LEU E 96 -32.73 3.47 34.44
N VAL E 97 -32.25 4.00 33.31
CA VAL E 97 -33.10 4.56 32.27
C VAL E 97 -32.48 4.18 30.93
N SER E 98 -33.30 4.21 29.87
CA SER E 98 -32.83 3.78 28.55
C SER E 98 -31.68 4.63 28.02
N THR E 99 -31.48 5.82 28.58
CA THR E 99 -30.36 6.71 28.25
C THR E 99 -29.73 7.14 29.56
N PRO E 100 -28.83 6.32 30.11
CA PRO E 100 -28.28 6.60 31.46
C PRO E 100 -27.60 7.97 31.53
N LEU E 101 -27.79 8.65 32.66
CA LEU E 101 -27.08 9.89 32.93
C LEU E 101 -25.58 9.65 33.08
N PRO E 102 -24.76 10.72 33.01
CA PRO E 102 -23.32 10.53 33.18
C PRO E 102 -22.95 9.87 34.50
N LYS E 103 -23.62 10.25 35.60
CA LYS E 103 -23.30 9.72 36.92
C LYS E 103 -23.84 8.32 37.14
N GLU E 104 -24.68 7.81 36.23
CA GLU E 104 -25.40 6.56 36.43
C GLU E 104 -24.60 5.39 35.86
N THR E 105 -24.78 4.22 36.47
CA THR E 105 -24.07 3.01 36.09
C THR E 105 -25.04 2.09 35.36
N GLN E 106 -24.55 1.43 34.32
CA GLN E 106 -25.24 0.29 33.71
C GLN E 106 -24.59 -0.99 34.20
N TYR E 107 -25.38 -1.85 34.83
CA TYR E 107 -24.88 -3.04 35.50
C TYR E 107 -24.97 -4.24 34.58
N PHE E 108 -23.96 -5.10 34.65
CA PHE E 108 -23.90 -6.31 33.84
C PHE E 108 -23.92 -7.56 34.72
N GLY E 109 -24.61 -8.59 34.25
CA GLY E 109 -24.54 -9.89 34.85
C GLY E 109 -23.18 -10.51 34.64
N PRO E 110 -22.94 -11.68 35.25
CA PRO E 110 -21.62 -12.31 35.14
C PRO E 110 -21.37 -13.01 33.82
N GLY E 111 -22.36 -13.07 32.94
CA GLY E 111 -22.21 -13.84 31.71
C GLY E 111 -22.67 -15.26 31.89
N THR E 112 -23.26 -15.81 30.83
CA THR E 112 -23.75 -17.18 30.83
C THR E 112 -23.02 -17.98 29.77
N ARG E 113 -22.28 -19.00 30.20
CA ARG E 113 -21.54 -19.88 29.30
C ARG E 113 -22.45 -21.03 28.89
N LEU E 114 -22.98 -20.96 27.67
CA LEU E 114 -23.90 -21.95 27.14
C LEU E 114 -23.17 -22.82 26.12
N LEU E 115 -23.35 -24.12 26.22
CA LEU E 115 -22.75 -25.07 25.30
C LEU E 115 -23.84 -25.98 24.75
N VAL E 116 -24.07 -25.91 23.45
CA VAL E 116 -25.05 -26.74 22.76
C VAL E 116 -24.28 -27.78 21.93
N LEU E 117 -24.63 -29.05 22.12
CA LEU E 117 -23.90 -30.14 21.47
C LEU E 117 -24.86 -31.15 20.86
N GLU E 118 -24.36 -31.85 19.84
CA GLU E 118 -25.12 -32.97 19.28
C GLU E 118 -25.38 -34.02 20.35
N ASP E 119 -24.38 -34.32 21.16
CA ASP E 119 -24.51 -35.25 22.27
C ASP E 119 -23.48 -34.90 23.32
N LEU E 120 -23.61 -35.52 24.48
CA LEU E 120 -22.78 -35.19 25.63
C LEU E 120 -21.75 -36.26 25.94
N LYS E 121 -21.49 -37.16 25.01
CA LYS E 121 -20.59 -38.29 25.26
C LYS E 121 -19.14 -37.84 25.48
N ASN E 122 -18.80 -36.62 25.06
CA ASN E 122 -17.43 -36.12 25.15
C ASN E 122 -17.19 -35.24 26.38
N VAL E 123 -18.19 -35.05 27.24
CA VAL E 123 -18.01 -34.26 28.45
C VAL E 123 -17.18 -35.05 29.45
N PHE E 124 -16.14 -34.41 30.00
CA PHE E 124 -15.23 -35.07 30.92
C PHE E 124 -14.95 -34.16 32.11
N PRO E 125 -14.93 -34.71 33.32
CA PRO E 125 -14.55 -33.93 34.49
C PRO E 125 -13.04 -33.85 34.62
N PRO E 126 -12.53 -32.90 35.40
CA PRO E 126 -11.08 -32.73 35.52
C PRO E 126 -10.44 -33.69 36.50
N GLU E 127 -9.17 -33.98 36.26
CA GLU E 127 -8.27 -34.49 37.28
C GLU E 127 -7.38 -33.35 37.74
N VAL E 128 -7.09 -33.30 39.03
CA VAL E 128 -6.35 -32.19 39.60
C VAL E 128 -5.18 -32.76 40.38
N ALA E 129 -4.03 -32.10 40.27
CA ALA E 129 -2.83 -32.48 41.00
C ALA E 129 -2.06 -31.24 41.40
N VAL E 130 -1.39 -31.32 42.53
CA VAL E 130 -0.56 -30.24 43.06
C VAL E 130 0.89 -30.68 43.02
N PHE E 131 1.76 -29.78 42.57
CA PHE E 131 3.20 -30.05 42.48
C PHE E 131 3.91 -29.19 43.52
N GLU E 132 4.67 -29.85 44.39
CA GLU E 132 5.29 -29.18 45.52
C GLU E 132 6.47 -28.33 45.05
N PRO E 133 6.84 -27.30 45.80
CA PRO E 133 7.91 -26.42 45.37
C PRO E 133 9.26 -27.13 45.34
N SER E 134 10.15 -26.64 44.48
CA SER E 134 11.49 -27.20 44.35
C SER E 134 12.43 -26.59 45.39
N GLU E 135 13.32 -27.42 45.94
CA GLU E 135 14.31 -26.93 46.89
C GLU E 135 15.22 -25.87 46.26
N ALA E 136 15.36 -25.88 44.94
CA ALA E 136 16.24 -24.91 44.31
C ALA E 136 15.64 -23.51 44.35
N GLU E 137 14.34 -23.38 44.04
CA GLU E 137 13.66 -22.11 44.23
C GLU E 137 13.68 -21.70 45.69
N ILE E 138 13.41 -22.65 46.58
CA ILE E 138 13.51 -22.39 48.02
C ILE E 138 14.90 -21.90 48.36
N SER E 139 15.92 -22.56 47.81
CA SER E 139 17.29 -22.14 48.05
C SER E 139 17.58 -20.79 47.39
N HIS E 140 17.25 -20.64 46.12
CA HIS E 140 17.77 -19.51 45.35
C HIS E 140 17.09 -18.19 45.72
N THR E 141 15.82 -18.22 46.08
CA THR E 141 15.07 -16.98 46.28
C THR E 141 14.46 -16.83 47.66
N GLN E 142 14.54 -17.85 48.52
CA GLN E 142 13.81 -17.89 49.79
C GLN E 142 12.31 -17.69 49.56
N LYS E 143 11.82 -18.18 48.41
CA LYS E 143 10.40 -18.23 48.10
C LYS E 143 10.09 -19.61 47.54
N ALA E 144 8.80 -19.94 47.49
CA ALA E 144 8.35 -21.26 47.05
C ALA E 144 7.09 -21.13 46.21
N THR E 145 7.18 -21.56 44.95
CA THR E 145 6.06 -21.47 44.03
C THR E 145 5.42 -22.84 43.89
N LEU E 146 4.13 -22.93 44.23
CA LEU E 146 3.34 -24.12 43.99
C LEU E 146 2.64 -24.02 42.64
N VAL E 147 2.51 -25.15 41.96
CA VAL E 147 1.82 -25.23 40.68
C VAL E 147 0.70 -26.26 40.78
N CYS E 148 -0.48 -25.88 40.32
CA CYS E 148 -1.63 -26.76 40.28
C CYS E 148 -1.92 -27.12 38.82
N LEU E 149 -2.33 -28.36 38.60
CA LEU E 149 -2.56 -28.87 37.25
C LEU E 149 -3.96 -29.45 37.16
N ALA E 150 -4.80 -28.87 36.32
CA ALA E 150 -6.10 -29.43 35.98
C ALA E 150 -6.01 -29.98 34.56
N THR E 151 -6.34 -31.26 34.39
CA THR E 151 -6.17 -31.93 33.11
C THR E 151 -7.42 -32.77 32.82
N GLY E 152 -7.61 -33.06 31.54
CA GLY E 152 -8.59 -34.07 31.17
C GLY E 152 -10.04 -33.66 31.21
N PHE E 153 -10.34 -32.36 31.31
CA PHE E 153 -11.73 -31.94 31.41
C PHE E 153 -12.23 -31.41 30.07
N TYR E 154 -13.54 -31.49 29.89
CA TYR E 154 -14.24 -30.95 28.73
C TYR E 154 -15.69 -30.70 29.13
N PRO E 155 -16.24 -29.51 28.85
CA PRO E 155 -15.55 -28.39 28.19
C PRO E 155 -14.71 -27.59 29.16
N ASP E 156 -14.29 -26.39 28.76
CA ASP E 156 -13.50 -25.53 29.64
C ASP E 156 -14.35 -24.72 30.60
N HIS E 157 -15.44 -25.32 31.11
CA HIS E 157 -16.28 -24.68 32.13
C HIS E 157 -15.72 -25.05 33.51
N VAL E 158 -14.69 -24.32 33.91
CA VAL E 158 -14.00 -24.57 35.18
C VAL E 158 -13.66 -23.25 35.85
N GLU E 159 -13.58 -23.28 37.18
CA GLU E 159 -13.09 -22.18 37.99
C GLU E 159 -12.08 -22.73 38.98
N LEU E 160 -10.91 -22.09 39.05
CA LEU E 160 -9.84 -22.56 39.91
C LEU E 160 -9.55 -21.51 40.97
N SER E 161 -9.39 -21.96 42.20
CA SER E 161 -9.06 -21.08 43.31
C SER E 161 -8.06 -21.78 44.22
N TRP E 162 -7.34 -20.97 45.00
CA TRP E 162 -6.43 -21.46 46.01
C TRP E 162 -7.01 -21.17 47.38
N TRP E 163 -6.83 -22.12 48.30
CA TRP E 163 -7.31 -21.99 49.67
C TRP E 163 -6.15 -22.37 50.59
N VAL E 164 -5.74 -21.42 51.43
CA VAL E 164 -4.60 -21.62 52.33
C VAL E 164 -5.14 -21.63 53.75
N ASN E 165 -5.00 -22.78 54.41
CA ASN E 165 -5.53 -22.98 55.76
C ASN E 165 -7.01 -22.61 55.85
N GLY E 166 -7.77 -22.94 54.79
CA GLY E 166 -9.20 -22.78 54.78
C GLY E 166 -9.74 -21.44 54.33
N LYS E 167 -8.89 -20.47 54.02
CA LYS E 167 -9.35 -19.16 53.57
C LYS E 167 -8.88 -18.94 52.14
N GLU E 168 -9.78 -18.43 51.30
CA GLU E 168 -9.42 -18.13 49.92
C GLU E 168 -8.37 -17.02 49.89
N VAL E 169 -7.40 -17.17 49.00
CA VAL E 169 -6.35 -16.18 48.83
C VAL E 169 -6.36 -15.72 47.38
N HIS E 170 -6.02 -14.45 47.19
CA HIS E 170 -5.83 -13.88 45.86
C HIS E 170 -4.46 -13.28 45.67
N SER E 171 -3.83 -12.80 46.75
CA SER E 171 -2.44 -12.39 46.71
C SER E 171 -1.53 -13.57 46.39
N GLY E 172 -0.59 -13.34 45.48
CA GLY E 172 0.38 -14.38 45.13
C GLY E 172 -0.14 -15.44 44.20
N VAL E 173 -1.32 -15.26 43.61
CA VAL E 173 -1.93 -16.25 42.75
C VAL E 173 -1.90 -15.75 41.31
N CYS E 174 -1.61 -16.66 40.38
CA CYS E 174 -1.78 -16.38 38.96
C CYS E 174 -2.22 -17.66 38.27
N THR E 175 -3.34 -17.58 37.56
CA THR E 175 -3.89 -18.70 36.80
C THR E 175 -3.86 -18.33 35.32
N ASP E 176 -3.60 -19.34 34.49
CA ASP E 176 -3.56 -19.10 33.04
C ASP E 176 -4.87 -18.47 32.58
N PRO E 177 -4.82 -17.53 31.63
CA PRO E 177 -6.05 -16.85 31.23
C PRO E 177 -7.04 -17.74 30.53
N GLN E 178 -6.58 -18.63 29.66
CA GLN E 178 -7.47 -19.55 28.96
C GLN E 178 -6.87 -20.95 28.92
N PRO E 179 -7.70 -21.98 28.99
CA PRO E 179 -7.19 -23.36 28.93
C PRO E 179 -6.69 -23.70 27.54
N LEU E 180 -5.69 -24.57 27.50
CA LEU E 180 -5.07 -25.01 26.27
C LEU E 180 -5.64 -26.36 25.83
N LYS E 181 -5.66 -26.58 24.51
CA LYS E 181 -6.17 -27.82 23.96
C LYS E 181 -5.11 -28.91 24.11
N GLU E 182 -5.54 -30.09 24.56
CA GLU E 182 -4.61 -31.22 24.68
C GLU E 182 -4.34 -31.87 23.33
N GLN E 183 -5.33 -31.91 22.45
CA GLN E 183 -5.19 -32.44 21.09
C GLN E 183 -5.82 -31.47 20.11
N PRO E 184 -5.13 -30.37 19.81
CA PRO E 184 -5.77 -29.30 19.02
C PRO E 184 -6.40 -29.78 17.72
N ALA E 185 -5.93 -30.91 17.19
CA ALA E 185 -6.50 -31.45 15.97
C ALA E 185 -7.96 -31.84 16.14
N LEU E 186 -8.31 -32.43 17.29
CA LEU E 186 -9.67 -32.84 17.55
C LEU E 186 -10.53 -31.63 17.94
N ASN E 187 -11.68 -31.51 17.29
CA ASN E 187 -12.63 -30.45 17.63
C ASN E 187 -13.15 -30.62 19.05
N ASP E 188 -13.33 -31.88 19.48
CA ASP E 188 -13.80 -32.20 20.82
C ASP E 188 -12.66 -32.45 21.81
N SER E 189 -11.51 -31.83 21.59
CA SER E 189 -10.35 -32.05 22.45
C SER E 189 -10.63 -31.59 23.88
N ARG E 190 -10.14 -32.36 24.84
CA ARG E 190 -10.16 -31.96 26.23
C ARG E 190 -9.18 -30.81 26.46
N TYR E 191 -9.28 -30.21 27.65
CA TYR E 191 -8.54 -29.00 27.99
C TYR E 191 -7.64 -29.26 29.18
N ALA E 192 -6.72 -28.33 29.42
CA ALA E 192 -5.86 -28.36 30.60
C ALA E 192 -5.64 -26.93 31.09
N LEU E 193 -5.41 -26.79 32.38
CA LEU E 193 -5.25 -25.48 32.99
C LEU E 193 -4.28 -25.59 34.16
N SER E 194 -3.42 -24.58 34.29
CA SER E 194 -2.44 -24.52 35.36
C SER E 194 -2.58 -23.21 36.13
N SER E 195 -2.05 -23.20 37.35
CA SER E 195 -2.01 -21.98 38.14
C SER E 195 -0.84 -22.05 39.11
N ARG E 196 -0.35 -20.89 39.50
CA ARG E 196 0.79 -20.76 40.39
C ARG E 196 0.42 -19.96 41.63
N LEU E 197 0.93 -20.41 42.78
CA LEU E 197 0.87 -19.67 44.03
C LEU E 197 2.24 -19.62 44.66
N ARG E 198 2.70 -18.42 45.04
CA ARG E 198 4.02 -18.24 45.60
C ARG E 198 3.93 -17.66 47.00
N VAL E 199 4.60 -18.30 47.96
CA VAL E 199 4.67 -17.86 49.34
C VAL E 199 6.13 -17.85 49.78
N SER E 200 6.38 -17.28 50.96
CA SER E 200 7.72 -17.24 51.51
C SER E 200 8.20 -18.64 51.90
N ALA E 201 9.52 -18.83 51.83
CA ALA E 201 10.10 -20.12 52.18
C ALA E 201 9.78 -20.51 53.62
N THR E 202 9.85 -19.53 54.54
CA THR E 202 9.58 -19.84 55.94
C THR E 202 8.13 -20.23 56.13
N PHE E 203 7.22 -19.69 55.31
CA PHE E 203 5.83 -20.11 55.34
C PHE E 203 5.68 -21.55 54.91
N TRP E 204 6.37 -21.96 53.83
CA TRP E 204 6.25 -23.32 53.33
C TRP E 204 6.82 -24.36 54.30
N GLN E 205 7.81 -23.98 55.10
CA GLN E 205 8.49 -24.96 55.94
C GLN E 205 7.73 -25.23 57.24
N ASN E 206 6.61 -24.54 57.47
CA ASN E 206 5.75 -24.83 58.62
C ASN E 206 4.76 -25.91 58.19
N PRO E 207 4.85 -27.13 58.74
CA PRO E 207 3.93 -28.20 58.31
C PRO E 207 2.51 -28.05 58.84
N ARG E 208 2.25 -27.13 59.77
CA ARG E 208 0.89 -26.88 60.21
C ARG E 208 0.10 -26.07 59.20
N ASN E 209 0.75 -25.56 58.16
CA ASN E 209 0.08 -24.81 57.11
C ASN E 209 -0.41 -25.79 56.07
N HIS E 210 -1.65 -25.65 55.64
CA HIS E 210 -2.29 -26.60 54.74
C HIS E 210 -2.70 -25.89 53.46
N PHE E 211 -2.39 -26.50 52.32
CA PHE E 211 -2.64 -25.90 51.01
C PHE E 211 -3.51 -26.81 50.18
N ARG E 212 -4.55 -26.23 49.56
CA ARG E 212 -5.49 -26.98 48.75
C ARG E 212 -5.78 -26.19 47.49
N CYS E 213 -5.62 -26.84 46.34
CA CYS E 213 -6.02 -26.27 45.07
C CYS E 213 -7.36 -26.89 44.69
N GLN E 214 -8.34 -26.03 44.41
CA GLN E 214 -9.71 -26.46 44.20
C GLN E 214 -10.20 -26.04 42.82
N VAL E 215 -10.75 -26.99 42.07
CA VAL E 215 -11.31 -26.75 40.75
C VAL E 215 -12.79 -27.07 40.81
N GLN E 216 -13.63 -26.04 40.68
CA GLN E 216 -15.06 -26.24 40.55
C GLN E 216 -15.39 -26.52 39.10
N PHE E 217 -15.87 -27.73 38.81
CA PHE E 217 -16.23 -28.14 37.46
C PHE E 217 -17.73 -28.03 37.24
N TYR E 218 -18.12 -27.37 36.16
CA TYR E 218 -19.51 -27.22 35.79
C TYR E 218 -19.78 -28.14 34.61
N GLY E 219 -20.63 -29.14 34.83
CA GLY E 219 -20.88 -30.17 33.85
C GLY E 219 -22.35 -30.53 33.80
N LEU E 220 -22.65 -31.82 33.74
CA LEU E 220 -24.02 -32.26 33.62
C LEU E 220 -24.77 -32.06 34.94
N SER E 221 -26.09 -32.07 34.84
CA SER E 221 -26.97 -32.04 35.98
C SER E 221 -27.53 -33.44 36.21
N GLU E 222 -28.10 -33.64 37.40
CA GLU E 222 -28.79 -34.90 37.69
C GLU E 222 -29.85 -35.20 36.63
N ASN E 223 -30.49 -34.17 36.09
CA ASN E 223 -31.54 -34.37 35.09
C ASN E 223 -31.04 -35.06 33.82
N ASP E 224 -29.80 -34.79 33.42
CA ASP E 224 -29.33 -35.23 32.12
C ASP E 224 -29.04 -36.73 32.10
N GLU E 225 -29.43 -37.37 31.00
CA GLU E 225 -29.26 -38.81 30.83
C GLU E 225 -27.81 -39.16 30.55
N TRP E 226 -27.40 -40.34 31.06
CA TRP E 226 -26.03 -40.81 30.87
C TRP E 226 -26.06 -42.31 30.63
N THR E 227 -25.42 -42.75 29.54
CA THR E 227 -25.38 -44.15 29.16
C THR E 227 -23.98 -44.74 29.14
N GLN E 228 -22.94 -43.93 29.16
CA GLN E 228 -21.57 -44.44 29.04
C GLN E 228 -21.18 -45.22 30.29
N ASP E 229 -20.16 -46.07 30.14
CA ASP E 229 -19.72 -46.93 31.24
C ASP E 229 -19.13 -46.11 32.38
N ARG E 230 -18.33 -45.10 32.06
CA ARG E 230 -17.62 -44.32 33.07
C ARG E 230 -18.60 -43.53 33.94
N ALA E 231 -18.08 -43.04 35.07
CA ALA E 231 -18.90 -42.27 36.00
C ALA E 231 -19.50 -41.06 35.30
N LYS E 232 -20.77 -40.80 35.58
CA LYS E 232 -21.49 -39.70 34.96
C LYS E 232 -20.82 -38.38 35.30
N PRO E 233 -20.44 -37.57 34.31
CA PRO E 233 -19.65 -36.35 34.55
C PRO E 233 -20.50 -35.16 34.96
N VAL E 234 -21.10 -35.27 36.14
CA VAL E 234 -21.93 -34.22 36.68
C VAL E 234 -21.07 -33.07 37.20
N THR E 235 -21.71 -31.92 37.41
CA THR E 235 -21.08 -30.84 38.17
C THR E 235 -20.48 -31.38 39.45
N GLN E 236 -19.22 -31.05 39.70
CA GLN E 236 -18.53 -31.63 40.84
C GLN E 236 -17.33 -30.75 41.20
N ILE E 237 -16.82 -30.97 42.40
CA ILE E 237 -15.60 -30.33 42.88
C ILE E 237 -14.50 -31.39 42.93
N VAL E 238 -13.32 -31.04 42.44
CA VAL E 238 -12.15 -31.90 42.51
C VAL E 238 -10.99 -31.06 43.03
N SER E 239 -10.29 -31.58 44.03
CA SER E 239 -9.24 -30.83 44.70
C SER E 239 -8.01 -31.71 44.88
N ALA E 240 -6.88 -31.06 45.07
CA ALA E 240 -5.66 -31.72 45.53
C ALA E 240 -5.03 -30.89 46.62
N GLU E 241 -4.34 -31.56 47.54
CA GLU E 241 -3.84 -30.91 48.75
C GLU E 241 -2.34 -31.14 48.89
N ALA E 242 -1.72 -30.28 49.67
CA ALA E 242 -0.32 -30.45 50.04
C ALA E 242 -0.09 -29.76 51.37
N TRP E 243 0.82 -30.32 52.16
CA TRP E 243 1.20 -29.77 53.46
C TRP E 243 2.61 -29.21 53.41
N GLY E 244 2.85 -28.21 54.25
CA GLY E 244 4.19 -27.69 54.41
C GLY E 244 5.15 -28.75 54.93
N ARG E 245 6.43 -28.53 54.66
CA ARG E 245 7.46 -29.53 54.97
C ARG E 245 8.67 -28.82 55.54
N ALA E 246 9.06 -29.21 56.76
CA ALA E 246 10.31 -28.74 57.33
C ALA E 246 11.48 -29.11 56.42
N ASP E 247 12.45 -28.21 56.33
CA ASP E 247 13.64 -28.43 55.51
C ASP E 247 14.34 -29.76 55.88
N ALA F 2 -21.97 2.98 7.19
CA ALA F 2 -22.68 1.83 7.74
C ALA F 2 -22.84 1.96 9.25
N GLN F 3 -23.01 0.83 9.93
CA GLN F 3 -23.12 0.77 11.39
C GLN F 3 -21.96 -0.10 11.88
N LYS F 4 -20.81 0.53 12.12
CA LYS F 4 -19.60 -0.19 12.50
C LYS F 4 -18.81 0.61 13.53
N VAL F 5 -18.32 -0.08 14.55
CA VAL F 5 -17.35 0.44 15.50
C VAL F 5 -16.07 -0.34 15.30
N THR F 6 -14.95 0.36 15.18
CA THR F 6 -13.70 -0.25 14.75
C THR F 6 -12.65 -0.03 15.82
N GLN F 7 -12.09 -1.13 16.32
CA GLN F 7 -10.97 -1.11 17.25
C GLN F 7 -9.79 -1.75 16.52
N ALA F 8 -8.92 -0.91 15.95
CA ALA F 8 -7.87 -1.41 15.07
C ALA F 8 -6.87 -2.25 15.84
N GLN F 9 -6.59 -1.86 17.08
CA GLN F 9 -5.58 -2.51 17.91
C GLN F 9 -6.18 -3.79 18.51
N SER F 10 -5.77 -4.94 17.98
CA SER F 10 -6.25 -6.21 18.52
C SER F 10 -5.64 -6.51 19.89
N SER F 11 -4.43 -6.04 20.16
CA SER F 11 -3.74 -6.32 21.40
C SER F 11 -2.75 -5.21 21.69
N VAL F 12 -2.53 -4.93 22.98
CA VAL F 12 -1.69 -3.83 23.42
C VAL F 12 -0.94 -4.26 24.68
N SER F 13 0.34 -3.90 24.75
CA SER F 13 1.15 -4.09 25.94
C SER F 13 1.73 -2.75 26.36
N MET F 14 1.84 -2.53 27.67
CA MET F 14 2.20 -1.23 28.23
C MET F 14 2.79 -1.42 29.62
N PRO F 15 3.79 -0.62 30.01
CA PRO F 15 4.36 -0.78 31.34
C PRO F 15 3.47 -0.17 32.42
N VAL F 16 3.67 -0.65 33.65
CA VAL F 16 2.90 -0.16 34.79
C VAL F 16 3.20 1.32 35.08
N ARG F 17 2.19 2.02 35.61
CA ARG F 17 2.26 3.43 36.02
C ARG F 17 2.29 4.38 34.83
N LYS F 18 2.35 3.85 33.61
CA LYS F 18 2.32 4.70 32.45
C LYS F 18 0.88 5.02 32.07
N ALA F 19 0.71 5.74 30.98
CA ALA F 19 -0.59 6.05 30.44
C ALA F 19 -0.77 5.31 29.13
N VAL F 20 -2.02 5.05 28.77
CA VAL F 20 -2.34 4.32 27.56
C VAL F 20 -3.52 4.99 26.86
N THR F 21 -3.49 4.97 25.54
CA THR F 21 -4.57 5.49 24.71
C THR F 21 -5.11 4.35 23.86
N LEU F 22 -6.40 4.07 24.00
CA LEU F 22 -7.06 3.07 23.18
C LEU F 22 -7.97 3.79 22.21
N ASN F 23 -7.71 3.61 20.92
CA ASN F 23 -8.43 4.34 19.89
C ASN F 23 -9.74 3.65 19.57
N CYS F 24 -10.73 4.45 19.19
CA CYS F 24 -12.03 3.95 18.77
C CYS F 24 -12.54 4.82 17.64
N LEU F 25 -12.81 4.18 16.50
CA LEU F 25 -13.42 4.84 15.35
C LEU F 25 -14.78 4.18 15.12
N TYR F 26 -15.74 4.98 14.65
CA TYR F 26 -17.06 4.45 14.34
C TYR F 26 -17.61 5.13 13.09
N GLU F 27 -18.39 4.36 12.33
CA GLU F 27 -19.18 4.89 11.23
C GLU F 27 -20.66 4.71 11.60
N THR F 28 -21.43 5.78 11.44
CA THR F 28 -22.85 5.71 11.76
C THR F 28 -23.56 6.87 11.08
N SER F 29 -24.79 6.62 10.65
CA SER F 29 -25.66 7.68 10.14
C SER F 29 -26.44 8.33 11.25
N TRP F 30 -26.28 7.86 12.49
CA TRP F 30 -26.93 8.46 13.64
C TRP F 30 -26.20 9.74 14.02
N TRP F 31 -26.97 10.81 14.27
CA TRP F 31 -26.41 12.08 14.69
C TRP F 31 -26.75 12.40 16.13
N SER F 32 -27.54 11.56 16.79
CA SER F 32 -27.76 11.62 18.23
C SER F 32 -27.46 10.24 18.77
N TYR F 33 -26.50 10.16 19.69
CA TYR F 33 -25.93 8.88 20.09
C TYR F 33 -25.11 9.06 21.37
N TYR F 34 -24.64 7.95 21.92
CA TYR F 34 -23.78 7.92 23.09
C TYR F 34 -22.62 6.96 22.83
N ILE F 35 -21.54 7.15 23.60
CA ILE F 35 -20.38 6.27 23.52
C ILE F 35 -20.13 5.68 24.90
N PHE F 36 -20.06 4.35 24.98
CA PHE F 36 -19.77 3.65 26.21
C PHE F 36 -18.43 2.95 26.10
N TRP F 37 -17.68 2.92 27.22
CA TRP F 37 -16.45 2.15 27.32
C TRP F 37 -16.61 1.15 28.45
N TYR F 38 -16.26 -0.10 28.17
CA TYR F 38 -16.37 -1.17 29.16
C TYR F 38 -15.01 -1.83 29.36
N LYS F 39 -14.83 -2.43 30.52
CA LYS F 39 -13.63 -3.17 30.86
C LYS F 39 -14.04 -4.59 31.25
N GLN F 40 -13.55 -5.57 30.49
CA GLN F 40 -13.89 -6.98 30.72
C GLN F 40 -12.70 -7.66 31.38
N LEU F 41 -12.89 -8.13 32.61
CA LEU F 41 -11.84 -8.80 33.34
C LEU F 41 -11.52 -10.14 32.67
N PRO F 42 -10.36 -10.72 32.98
CA PRO F 42 -10.07 -12.08 32.49
C PRO F 42 -11.12 -13.09 32.91
N SER F 43 -11.76 -12.89 34.07
CA SER F 43 -12.88 -13.72 34.51
C SER F 43 -14.09 -13.64 33.58
N LYS F 44 -14.05 -12.79 32.55
CA LYS F 44 -15.12 -12.48 31.59
C LYS F 44 -16.15 -11.54 32.20
N GLU F 45 -15.97 -11.10 33.45
CA GLU F 45 -16.86 -10.11 34.04
C GLU F 45 -16.74 -8.78 33.31
N MET F 46 -17.88 -8.14 33.09
CA MET F 46 -17.96 -6.89 32.34
C MET F 46 -18.20 -5.74 33.30
N ILE F 47 -17.55 -4.60 33.04
CA ILE F 47 -17.54 -3.46 33.96
C ILE F 47 -17.66 -2.18 33.15
N PHE F 48 -18.63 -1.34 33.51
CA PHE F 48 -18.80 -0.06 32.87
C PHE F 48 -17.81 0.95 33.47
N LEU F 49 -17.14 1.71 32.60
CA LEU F 49 -16.15 2.69 33.03
C LEU F 49 -16.65 4.12 32.89
N ILE F 50 -17.04 4.54 31.69
CA ILE F 50 -17.35 5.94 31.42
C ILE F 50 -18.23 5.99 30.18
N ARG F 51 -19.02 7.06 30.08
CA ARG F 51 -19.90 7.29 28.94
C ARG F 51 -19.69 8.70 28.41
N GLN F 52 -19.68 8.84 27.08
CA GLN F 52 -19.50 10.12 26.40
C GLN F 52 -20.75 10.41 25.58
N GLY F 53 -21.36 11.57 25.83
CA GLY F 53 -22.52 12.00 25.06
C GLY F 53 -22.15 12.73 23.78
N SER F 54 -22.94 12.49 22.73
CA SER F 54 -22.67 13.09 21.43
C SER F 54 -22.86 14.61 21.43
N ASP F 55 -23.49 15.16 22.46
CA ASP F 55 -23.75 16.59 22.55
C ASP F 55 -22.95 17.24 23.67
N GLU F 56 -22.02 16.50 24.28
CA GLU F 56 -21.26 16.95 25.43
C GLU F 56 -19.80 17.08 25.10
N GLN F 57 -19.09 17.81 25.95
CA GLN F 57 -17.64 17.92 25.89
C GLN F 57 -16.97 16.69 26.49
N ASN F 58 -15.65 16.68 26.44
CA ASN F 58 -14.86 15.50 26.80
C ASN F 58 -15.20 15.00 28.20
N ALA F 59 -15.75 13.79 28.26
CA ALA F 59 -16.09 13.18 29.54
C ALA F 59 -14.83 12.77 30.28
N LYS F 60 -14.89 12.85 31.60
CA LYS F 60 -13.76 12.47 32.44
C LYS F 60 -14.28 11.88 33.74
N SER F 61 -13.59 10.85 34.23
CA SER F 61 -13.96 10.21 35.50
C SER F 61 -12.79 9.40 36.01
N GLY F 62 -12.26 9.79 37.17
CA GLY F 62 -11.14 9.06 37.75
C GLY F 62 -9.94 9.01 36.83
N ARG F 63 -9.39 7.82 36.65
CA ARG F 63 -8.23 7.60 35.80
C ARG F 63 -8.60 7.42 34.34
N TYR F 64 -9.88 7.49 33.99
CA TYR F 64 -10.34 7.33 32.63
C TYR F 64 -10.73 8.70 32.09
N SER F 65 -10.46 8.94 30.81
CA SER F 65 -10.85 10.20 30.19
C SER F 65 -11.08 9.98 28.70
N VAL F 66 -11.99 10.77 28.15
CA VAL F 66 -12.43 10.63 26.77
C VAL F 66 -11.97 11.86 26.00
N ASN F 67 -11.48 11.64 24.78
CA ASN F 67 -11.10 12.70 23.86
C ASN F 67 -12.10 12.70 22.71
N PHE F 68 -13.24 13.37 22.93
CA PHE F 68 -14.32 13.36 21.93
C PHE F 68 -14.02 14.38 20.84
N LYS F 69 -13.78 13.86 19.64
CA LYS F 69 -13.58 14.66 18.42
C LYS F 69 -14.71 14.27 17.48
N LYS F 70 -15.80 15.03 17.52
CA LYS F 70 -17.05 14.60 16.88
C LYS F 70 -16.92 14.57 15.36
N ALA F 71 -16.18 15.52 14.78
CA ALA F 71 -16.08 15.58 13.32
C ALA F 71 -15.42 14.33 12.76
N ALA F 72 -14.32 13.88 13.37
CA ALA F 72 -13.64 12.67 12.92
C ALA F 72 -14.37 11.40 13.32
N LYS F 73 -15.41 11.50 14.16
CA LYS F 73 -16.10 10.34 14.74
C LYS F 73 -15.11 9.43 15.45
N SER F 74 -14.34 10.03 16.35
CA SER F 74 -13.34 9.31 17.14
C SER F 74 -13.53 9.73 18.59
N VAL F 75 -13.52 8.74 19.48
CA VAL F 75 -13.88 8.95 20.87
C VAL F 75 -12.90 8.13 21.72
N ALA F 76 -11.63 8.50 21.66
CA ALA F 76 -10.57 7.72 22.29
C ALA F 76 -10.65 7.80 23.81
N LEU F 77 -10.37 6.68 24.46
CA LEU F 77 -10.32 6.60 25.92
C LEU F 77 -8.87 6.60 26.38
N THR F 78 -8.57 7.41 27.38
CA THR F 78 -7.23 7.53 27.94
C THR F 78 -7.22 7.07 29.38
N ILE F 79 -6.32 6.14 29.71
CA ILE F 79 -6.13 5.68 31.09
C ILE F 79 -4.75 6.11 31.55
N SER F 80 -4.69 6.82 32.68
CA SER F 80 -3.45 7.25 33.27
C SER F 80 -3.11 6.41 34.50
N ALA F 81 -1.83 6.39 34.86
CA ALA F 81 -1.33 5.69 36.04
C ALA F 81 -1.82 4.25 36.08
N LEU F 82 -1.46 3.50 35.04
CA LEU F 82 -1.93 2.14 34.88
C LEU F 82 -1.50 1.25 36.04
N GLN F 83 -2.44 0.42 36.49
CA GLN F 83 -2.20 -0.59 37.51
C GLN F 83 -2.33 -1.97 36.89
N LEU F 84 -1.82 -2.98 37.60
CA LEU F 84 -1.87 -4.34 37.10
C LEU F 84 -3.30 -4.83 36.92
N GLU F 85 -4.23 -4.41 37.79
CA GLU F 85 -5.61 -4.83 37.65
C GLU F 85 -6.24 -4.31 36.36
N ASP F 86 -5.67 -3.28 35.76
CA ASP F 86 -6.17 -2.79 34.48
C ASP F 86 -5.89 -3.74 33.33
N SER F 87 -5.05 -4.76 33.53
CA SER F 87 -4.81 -5.75 32.47
C SER F 87 -6.10 -6.47 32.18
N ALA F 88 -6.65 -6.27 30.97
CA ALA F 88 -7.97 -6.75 30.61
C ALA F 88 -8.26 -6.45 29.15
N LYS F 89 -9.42 -6.89 28.66
CA LYS F 89 -9.88 -6.57 27.31
C LYS F 89 -10.93 -5.48 27.39
N TYR F 90 -10.70 -4.40 26.64
CA TYR F 90 -11.51 -3.19 26.71
C TYR F 90 -12.35 -3.05 25.45
N PHE F 91 -13.60 -2.63 25.61
CA PHE F 91 -14.57 -2.54 24.53
C PHE F 91 -15.06 -1.13 24.35
N CYS F 92 -15.21 -0.72 23.09
CA CYS F 92 -15.82 0.56 22.75
C CYS F 92 -17.20 0.27 22.15
N ALA F 93 -18.21 0.97 22.62
CA ALA F 93 -19.58 0.66 22.23
C ALA F 93 -20.36 1.94 21.93
N LEU F 94 -21.20 1.86 20.91
CA LEU F 94 -21.99 2.99 20.42
C LEU F 94 -23.47 2.68 20.63
N GLY F 95 -24.22 3.64 21.17
CA GLY F 95 -25.62 3.45 21.45
C GLY F 95 -26.44 4.64 20.99
N ASP F 96 -27.73 4.38 20.76
CA ASP F 96 -28.63 5.40 20.24
C ASP F 96 -29.39 6.08 21.39
N THR F 97 -30.49 6.76 21.05
CA THR F 97 -31.28 7.50 22.01
C THR F 97 -32.42 6.68 22.61
N ALA F 98 -32.49 5.39 22.32
CA ALA F 98 -33.62 4.57 22.76
C ALA F 98 -33.17 3.15 23.08
N GLY F 99 -31.95 3.01 23.64
CA GLY F 99 -31.51 1.75 24.22
C GLY F 99 -30.73 0.83 23.30
N LYS F 100 -30.70 1.07 21.99
CA LYS F 100 -29.91 0.24 21.11
C LYS F 100 -28.43 0.50 21.34
N SER F 101 -27.60 -0.50 21.03
CA SER F 101 -26.16 -0.35 21.18
C SER F 101 -25.44 -1.23 20.16
N THR F 102 -24.21 -0.85 19.86
CA THR F 102 -23.36 -1.54 18.89
C THR F 102 -21.96 -1.66 19.46
N PHE F 103 -21.43 -2.88 19.49
CA PHE F 103 -20.13 -3.15 20.08
C PHE F 103 -19.04 -3.27 19.02
N GLY F 104 -17.88 -2.71 19.33
CA GLY F 104 -16.67 -3.06 18.62
C GLY F 104 -16.20 -4.43 19.05
N ASP F 105 -15.09 -4.87 18.46
CA ASP F 105 -14.58 -6.22 18.69
C ASP F 105 -13.48 -6.25 19.75
N GLY F 106 -13.27 -5.16 20.47
CA GLY F 106 -12.52 -5.18 21.70
C GLY F 106 -11.03 -4.93 21.50
N THR F 107 -10.36 -4.70 22.63
CA THR F 107 -8.93 -4.40 22.64
C THR F 107 -8.34 -4.98 23.92
N THR F 108 -7.40 -5.91 23.77
CA THR F 108 -6.78 -6.56 24.91
C THR F 108 -5.61 -5.72 25.41
N LEU F 109 -5.67 -5.28 26.65
CA LEU F 109 -4.60 -4.53 27.27
C LEU F 109 -3.87 -5.44 28.26
N THR F 110 -2.58 -5.62 28.05
CA THR F 110 -1.72 -6.35 28.98
C THR F 110 -0.73 -5.37 29.59
N VAL F 111 -0.80 -5.21 30.92
CA VAL F 111 0.12 -4.34 31.63
C VAL F 111 1.33 -5.15 32.07
N LYS F 112 2.52 -4.74 31.64
CA LYS F 112 3.76 -5.42 31.98
C LYS F 112 4.31 -4.86 33.28
N PRO F 113 4.63 -5.71 34.26
CA PRO F 113 5.23 -5.19 35.49
C PRO F 113 6.72 -4.91 35.31
N ASN F 114 7.21 -3.99 36.12
CA ASN F 114 8.64 -3.66 36.13
C ASN F 114 9.31 -4.53 37.19
N ILE F 115 9.97 -5.58 36.75
CA ILE F 115 10.67 -6.48 37.67
C ILE F 115 11.99 -5.82 38.06
N GLN F 116 12.13 -5.50 39.34
CA GLN F 116 13.24 -4.69 39.80
C GLN F 116 14.50 -5.49 40.06
N ASN F 117 14.37 -6.79 40.34
CA ASN F 117 15.52 -7.66 40.59
C ASN F 117 15.29 -8.99 39.90
N PRO F 118 15.33 -9.02 38.56
CA PRO F 118 15.10 -10.28 37.84
C PRO F 118 16.10 -11.35 38.27
N ASP F 119 15.66 -12.60 38.17
CA ASP F 119 16.47 -13.74 38.58
C ASP F 119 16.01 -14.99 37.81
N PRO F 120 16.04 -14.95 36.47
CA PRO F 120 15.41 -16.03 35.69
C PRO F 120 15.97 -17.40 36.06
N ALA F 121 15.07 -18.37 36.23
CA ALA F 121 15.47 -19.72 36.59
C ALA F 121 14.37 -20.68 36.15
N VAL F 122 14.78 -21.92 35.88
CA VAL F 122 13.86 -23.01 35.55
C VAL F 122 13.99 -24.08 36.62
N TYR F 123 12.91 -24.34 37.34
CA TYR F 123 12.91 -25.30 38.44
C TYR F 123 12.06 -26.50 38.08
N GLN F 124 12.38 -27.65 38.66
CA GLN F 124 11.58 -28.86 38.50
C GLN F 124 10.79 -29.09 39.78
N LEU F 125 9.51 -29.41 39.63
CA LEU F 125 8.62 -29.64 40.75
C LEU F 125 8.01 -31.01 40.57
N ARG F 126 8.13 -31.85 41.60
CA ARG F 126 7.64 -33.21 41.53
C ARG F 126 6.25 -33.27 42.15
N ASP F 127 5.47 -34.25 41.72
CA ASP F 127 4.09 -34.35 42.15
C ASP F 127 4.02 -34.68 43.64
N SER F 128 3.16 -33.94 44.34
CA SER F 128 2.89 -34.21 45.76
C SER F 128 2.36 -35.63 45.95
N LYS F 129 1.61 -36.14 44.98
CA LYS F 129 0.94 -37.42 45.10
C LYS F 129 1.67 -38.55 44.40
N SER F 130 2.32 -38.27 43.27
CA SER F 130 2.87 -39.34 42.43
C SER F 130 4.37 -39.23 42.20
N SER F 131 4.83 -39.93 41.17
CA SER F 131 6.21 -39.90 40.70
C SER F 131 6.15 -40.08 39.19
N ASP F 132 7.24 -39.70 38.52
CA ASP F 132 7.32 -39.46 37.07
C ASP F 132 6.67 -38.12 36.74
N LYS F 133 5.45 -37.89 37.21
CA LYS F 133 4.75 -36.64 36.92
C LYS F 133 5.50 -35.50 37.56
N SER F 134 6.20 -34.72 36.75
CA SER F 134 6.96 -33.57 37.20
C SER F 134 6.58 -32.37 36.35
N VAL F 135 7.01 -31.20 36.79
CA VAL F 135 6.68 -29.95 36.12
C VAL F 135 7.91 -29.05 36.18
N CYS F 136 8.16 -28.33 35.09
CA CYS F 136 9.25 -27.37 35.02
C CYS F 136 8.68 -25.96 35.03
N LEU F 137 9.28 -25.09 35.84
CA LEU F 137 8.75 -23.77 36.14
C LEU F 137 9.79 -22.71 35.76
N PHE F 138 9.50 -21.95 34.71
CA PHE F 138 10.31 -20.79 34.36
C PHE F 138 9.69 -19.57 34.99
N THR F 139 10.49 -18.82 35.76
CA THR F 139 9.93 -17.72 36.55
C THR F 139 10.99 -16.63 36.72
N ASP F 140 10.51 -15.45 37.11
CA ASP F 140 11.33 -14.31 37.52
C ASP F 140 12.03 -13.62 36.35
N PHE F 141 11.61 -13.89 35.12
CA PHE F 141 12.24 -13.26 33.97
C PHE F 141 11.72 -11.83 33.76
N ASP F 142 12.40 -11.09 32.89
CA ASP F 142 12.05 -9.71 32.61
C ASP F 142 10.77 -9.61 31.80
N SER F 143 10.06 -8.49 31.98
CA SER F 143 8.76 -8.33 31.33
C SER F 143 8.89 -8.12 29.83
N GLN F 144 10.09 -7.80 29.35
CA GLN F 144 10.31 -7.72 27.91
C GLN F 144 10.63 -9.08 27.30
N THR F 145 11.09 -10.03 28.12
CA THR F 145 11.25 -11.39 27.65
C THR F 145 9.89 -12.03 27.36
N ASN F 146 9.80 -12.70 26.22
CA ASN F 146 8.56 -13.34 25.79
C ASN F 146 8.80 -14.84 25.67
N VAL F 147 7.97 -15.62 26.35
CA VAL F 147 8.04 -17.08 26.25
C VAL F 147 7.27 -17.48 25.01
N SER F 148 7.78 -18.48 24.30
CA SER F 148 7.24 -18.81 22.99
C SER F 148 6.31 -20.01 23.13
N GLN F 149 5.10 -19.85 22.58
CA GLN F 149 4.12 -20.91 22.44
C GLN F 149 4.80 -22.24 22.13
N SER F 150 4.35 -23.30 22.77
CA SER F 150 4.87 -24.61 22.44
C SER F 150 4.57 -24.92 20.98
N LYS F 151 5.57 -25.47 20.29
CA LYS F 151 5.42 -25.90 18.92
C LYS F 151 5.40 -27.41 18.82
N ASP F 152 5.29 -28.10 19.96
CA ASP F 152 5.23 -29.55 20.03
C ASP F 152 3.92 -29.91 20.74
N SER F 153 2.99 -30.53 20.00
CA SER F 153 1.67 -30.76 20.56
C SER F 153 1.68 -31.76 21.71
N ASP F 154 2.77 -32.50 21.89
CA ASP F 154 2.91 -33.41 23.01
C ASP F 154 3.68 -32.80 24.18
N VAL F 155 4.00 -31.50 24.09
CA VAL F 155 4.58 -30.75 25.19
C VAL F 155 3.75 -29.48 25.35
N TYR F 156 3.27 -29.22 26.55
CA TYR F 156 2.35 -28.12 26.80
C TYR F 156 3.09 -27.03 27.58
N ILE F 157 2.96 -25.78 27.11
CA ILE F 157 3.59 -24.63 27.75
C ILE F 157 2.56 -23.50 27.81
N THR F 158 2.32 -22.99 29.01
CA THR F 158 1.37 -21.92 29.21
C THR F 158 2.01 -20.57 28.92
N ASP F 159 1.16 -19.55 28.76
CA ASP F 159 1.63 -18.19 28.60
C ASP F 159 2.20 -17.66 29.92
N LYS F 160 2.83 -16.48 29.84
CA LYS F 160 3.31 -15.80 31.04
C LYS F 160 2.19 -15.60 32.04
N CYS F 161 2.55 -15.34 33.30
CA CYS F 161 1.55 -15.17 34.35
C CYS F 161 2.13 -14.28 35.43
N VAL F 162 1.46 -13.17 35.72
CA VAL F 162 1.89 -12.19 36.71
C VAL F 162 1.22 -12.50 38.03
N LEU F 163 2.00 -12.89 39.02
CA LEU F 163 1.52 -13.04 40.39
C LEU F 163 2.02 -11.88 41.24
N ASP F 164 1.28 -11.61 42.33
CA ASP F 164 1.53 -10.41 43.13
C ASP F 164 1.49 -10.84 44.60
N MET F 165 2.66 -10.94 45.22
CA MET F 165 2.79 -11.21 46.65
C MET F 165 2.66 -9.88 47.39
N ARG F 166 1.44 -9.59 47.84
CA ARG F 166 1.13 -8.25 48.35
C ARG F 166 1.92 -7.93 49.62
N SER F 167 2.13 -8.93 50.49
CA SER F 167 2.80 -8.66 51.76
C SER F 167 4.23 -8.16 51.57
N MET F 168 4.87 -8.53 50.47
CA MET F 168 6.25 -8.17 50.21
C MET F 168 6.42 -7.18 49.05
N ASP F 169 5.31 -6.78 48.41
CA ASP F 169 5.36 -5.94 47.21
C ASP F 169 6.24 -6.57 46.13
N PHE F 170 6.10 -7.87 45.92
CA PHE F 170 6.96 -8.59 45.00
C PHE F 170 6.10 -9.16 43.89
N LYS F 171 6.39 -8.73 42.66
CA LYS F 171 5.75 -9.24 41.47
C LYS F 171 6.76 -10.09 40.71
N SER F 172 6.29 -11.20 40.16
CA SER F 172 7.14 -12.03 39.33
C SER F 172 6.29 -12.69 38.26
N ASN F 173 6.87 -12.84 37.08
CA ASN F 173 6.22 -13.54 36.00
C ASN F 173 6.60 -15.01 36.05
N SER F 174 5.75 -15.86 35.50
CA SER F 174 6.06 -17.28 35.45
C SER F 174 5.27 -17.94 34.34
N ALA F 175 5.82 -19.04 33.84
CA ALA F 175 5.15 -19.91 32.88
C ALA F 175 5.48 -21.35 33.23
N VAL F 176 4.54 -22.25 32.92
CA VAL F 176 4.60 -23.64 33.36
C VAL F 176 4.66 -24.52 32.12
N ALA F 177 5.41 -25.62 32.21
CA ALA F 177 5.54 -26.57 31.12
C ALA F 177 5.59 -27.99 31.66
N TRP F 178 4.86 -28.88 31.00
CA TRP F 178 4.82 -30.30 31.37
C TRP F 178 4.53 -31.13 30.13
N SER F 179 4.75 -32.44 30.27
CA SER F 179 4.58 -33.37 29.15
C SER F 179 4.67 -34.79 29.70
N ASN F 180 4.11 -35.73 28.95
CA ASN F 180 4.15 -37.15 29.27
C ASN F 180 5.28 -37.90 28.59
N LYS F 181 6.05 -37.24 27.72
CA LYS F 181 7.02 -37.93 26.89
C LYS F 181 8.13 -38.53 27.74
N SER F 182 8.93 -39.39 27.12
CA SER F 182 10.10 -39.95 27.77
C SER F 182 11.20 -38.90 27.81
N ASP F 183 11.86 -38.78 28.97
CA ASP F 183 12.85 -37.73 29.22
C ASP F 183 12.35 -36.33 28.86
N PHE F 184 11.16 -35.98 29.33
CA PHE F 184 10.85 -34.56 29.36
C PHE F 184 11.69 -33.93 30.47
N ALA F 185 12.48 -32.93 30.13
CA ALA F 185 13.47 -32.39 31.05
C ALA F 185 13.39 -30.87 31.07
N CYS F 186 13.69 -30.30 32.24
CA CYS F 186 13.58 -28.85 32.41
C CYS F 186 14.58 -28.09 31.56
N ALA F 187 15.76 -28.66 31.32
CA ALA F 187 16.74 -27.98 30.47
C ALA F 187 16.22 -27.81 29.05
N ASN F 188 15.36 -28.72 28.59
CA ASN F 188 14.84 -28.70 27.23
C ASN F 188 13.51 -27.98 27.09
N ALA F 189 12.81 -27.73 28.19
CA ALA F 189 11.42 -27.27 28.13
C ALA F 189 11.25 -26.03 27.26
N PHE F 190 12.04 -24.98 27.53
CA PHE F 190 11.82 -23.67 26.92
C PHE F 190 12.83 -23.34 25.83
N ASN F 191 13.41 -24.36 25.19
CA ASN F 191 14.32 -24.12 24.08
C ASN F 191 13.65 -23.43 22.90
N ASN F 192 12.32 -23.49 22.81
CA ASN F 192 11.62 -22.83 21.72
C ASN F 192 11.48 -21.33 21.94
N SER F 193 11.90 -20.83 23.11
CA SER F 193 11.89 -19.41 23.41
C SER F 193 13.33 -18.93 23.58
N ILE F 194 13.50 -17.61 23.53
CA ILE F 194 14.80 -16.99 23.77
C ILE F 194 14.77 -16.46 25.20
N ILE F 195 15.38 -17.21 26.11
CA ILE F 195 15.41 -16.92 27.54
C ILE F 195 16.76 -16.28 27.84
N PRO F 196 16.87 -15.42 28.86
CA PRO F 196 18.16 -14.78 29.13
C PRO F 196 19.28 -15.80 29.31
N GLU F 197 20.50 -15.39 28.96
CA GLU F 197 21.63 -16.30 29.01
C GLU F 197 22.05 -16.64 30.43
N ASP F 198 21.71 -15.79 31.39
CA ASP F 198 21.99 -16.07 32.80
C ASP F 198 20.85 -16.84 33.48
N THR F 199 20.07 -17.58 32.70
CA THR F 199 18.99 -18.39 33.23
C THR F 199 19.55 -19.51 34.11
N PHE F 200 19.16 -19.51 35.38
CA PHE F 200 19.62 -20.54 36.30
C PHE F 200 18.96 -21.88 35.98
N PHE F 201 19.79 -22.91 35.78
CA PHE F 201 19.33 -24.28 35.67
C PHE F 201 19.97 -25.07 36.81
N PRO F 202 19.19 -25.56 37.78
CA PRO F 202 19.79 -26.21 38.95
C PRO F 202 20.52 -27.48 38.56
N SER F 203 21.73 -27.63 39.08
CA SER F 203 22.59 -28.73 38.69
C SER F 203 22.39 -29.95 39.60
N PRO F 204 22.23 -29.76 40.92
CA PRO F 204 21.88 -30.98 41.68
C PRO F 204 20.38 -31.31 41.61
N GLU G 2 -20.55 22.05 13.88
CA GLU G 2 -20.59 22.50 12.49
C GLU G 2 -19.20 22.80 11.96
N ALA G 3 -18.91 22.32 10.76
CA ALA G 3 -17.57 22.42 10.20
C ALA G 3 -17.32 23.79 9.61
N GLN G 4 -16.24 24.44 10.06
CA GLN G 4 -15.85 25.73 9.53
C GLN G 4 -14.38 25.96 9.86
N VAL G 5 -13.69 26.66 8.98
CA VAL G 5 -12.30 27.04 9.17
C VAL G 5 -12.27 28.54 9.50
N THR G 6 -11.58 28.89 10.58
CA THR G 6 -11.59 30.25 11.11
C THR G 6 -10.20 30.86 11.00
N GLN G 7 -10.14 32.06 10.43
CA GLN G 7 -8.91 32.84 10.34
C GLN G 7 -9.07 34.16 11.08
N ASN G 8 -7.98 34.62 11.70
CA ASN G 8 -7.98 35.88 12.43
C ASN G 8 -6.64 36.57 12.25
N PRO G 9 -6.61 37.83 11.77
CA PRO G 9 -7.77 38.64 11.37
C PRO G 9 -8.18 38.42 9.92
N ARG G 10 -9.37 38.89 9.54
CA ARG G 10 -9.78 38.83 8.15
C ARG G 10 -9.20 39.97 7.32
N TYR G 11 -8.90 41.11 7.94
CA TYR G 11 -8.31 42.25 7.25
C TYR G 11 -7.24 42.87 8.14
N LEU G 12 -6.07 43.17 7.56
CA LEU G 12 -4.96 43.71 8.33
C LEU G 12 -4.15 44.68 7.47
N ILE G 13 -3.96 45.89 7.97
CA ILE G 13 -3.03 46.85 7.39
C ILE G 13 -1.85 46.95 8.35
N THR G 14 -0.64 46.70 7.83
CA THR G 14 0.55 46.62 8.65
C THR G 14 1.71 47.33 7.96
N VAL G 15 2.75 47.61 8.74
CA VAL G 15 3.97 48.26 8.26
C VAL G 15 5.03 47.21 7.98
N THR G 16 5.77 47.40 6.88
CA THR G 16 6.83 46.48 6.48
C THR G 16 7.79 46.19 7.63
N GLY G 17 8.14 44.91 7.78
CA GLY G 17 9.14 44.49 8.74
C GLY G 17 8.68 44.38 10.17
N LYS G 18 7.43 44.71 10.47
CA LYS G 18 6.87 44.56 11.80
C LYS G 18 6.27 43.17 11.93
N LYS G 19 6.81 42.37 12.86
CA LYS G 19 6.36 40.99 13.00
C LYS G 19 4.87 40.92 13.28
N LEU G 20 4.20 39.97 12.63
CA LEU G 20 2.79 39.71 12.84
C LEU G 20 2.56 38.23 12.62
N THR G 21 1.48 37.72 13.20
CA THR G 21 1.10 36.33 13.04
C THR G 21 -0.34 36.24 12.61
N VAL G 22 -0.61 35.39 11.63
CA VAL G 22 -1.96 35.11 11.17
C VAL G 22 -2.33 33.74 11.70
N THR G 23 -3.44 33.67 12.43
CA THR G 23 -3.87 32.42 13.05
C THR G 23 -4.93 31.74 12.20
N CYS G 24 -4.93 30.41 12.25
CA CYS G 24 -5.93 29.59 11.60
C CYS G 24 -6.24 28.42 12.51
N SER G 25 -7.52 28.10 12.67
CA SER G 25 -7.93 27.01 13.55
C SER G 25 -9.11 26.28 12.93
N GLN G 26 -9.26 25.02 13.32
CA GLN G 26 -10.36 24.18 12.87
C GLN G 26 -10.67 23.20 13.99
N ASN G 27 -11.97 22.93 14.18
CA ASN G 27 -12.43 22.06 15.24
C ASN G 27 -12.80 20.67 14.73
N MET G 28 -12.29 20.29 13.56
CA MET G 28 -12.62 19.02 12.94
C MET G 28 -11.54 17.96 13.09
N ASN G 29 -10.55 18.18 13.96
CA ASN G 29 -9.46 17.23 14.17
C ASN G 29 -8.76 16.86 12.86
N HIS G 30 -8.65 17.82 11.95
CA HIS G 30 -8.05 17.55 10.65
C HIS G 30 -6.54 17.37 10.77
N GLU G 31 -6.02 16.33 10.11
CA GLU G 31 -4.56 16.14 10.10
C GLU G 31 -3.89 17.09 9.13
N TYR G 32 -4.51 17.34 7.98
CA TYR G 32 -3.89 18.07 6.90
C TYR G 32 -4.40 19.51 6.91
N MET G 33 -3.47 20.46 7.02
CA MET G 33 -3.78 21.87 6.91
C MET G 33 -2.72 22.53 6.04
N SER G 34 -3.13 23.51 5.24
CA SER G 34 -2.25 24.13 4.28
C SER G 34 -2.53 25.62 4.19
N TRP G 35 -1.47 26.39 3.93
CA TRP G 35 -1.57 27.81 3.66
C TRP G 35 -1.30 28.09 2.19
N TYR G 36 -2.08 29.01 1.62
CA TYR G 36 -1.93 29.45 0.25
C TYR G 36 -2.01 30.97 0.22
N ARG G 37 -1.38 31.58 -0.77
CA ARG G 37 -1.58 32.99 -1.05
C ARG G 37 -2.05 33.17 -2.49
N GLN G 38 -3.03 34.03 -2.68
CA GLN G 38 -3.54 34.35 -4.01
C GLN G 38 -3.19 35.80 -4.34
N ASP G 39 -2.31 35.97 -5.31
CA ASP G 39 -2.06 37.28 -5.87
C ASP G 39 -3.15 37.59 -6.90
N PRO G 40 -3.43 38.87 -7.15
CA PRO G 40 -4.61 39.22 -7.96
C PRO G 40 -4.55 38.61 -9.36
N GLY G 41 -5.67 38.03 -9.78
CA GLY G 41 -5.78 37.41 -11.08
C GLY G 41 -5.18 36.02 -11.19
N LEU G 42 -4.46 35.56 -10.18
CA LEU G 42 -3.69 34.33 -10.27
C LEU G 42 -4.33 33.24 -9.42
N GLY G 43 -3.68 32.08 -9.42
CA GLY G 43 -4.09 30.95 -8.62
C GLY G 43 -3.50 30.97 -7.23
N LEU G 44 -3.72 29.89 -6.50
CA LEU G 44 -3.21 29.75 -5.14
C LEU G 44 -1.77 29.26 -5.18
N ARG G 45 -0.87 30.02 -4.57
CA ARG G 45 0.53 29.61 -4.43
C ARG G 45 0.71 29.06 -3.02
N GLN G 46 1.17 27.81 -2.93
CA GLN G 46 1.29 27.13 -1.64
C GLN G 46 2.50 27.64 -0.87
N ILE G 47 2.29 27.98 0.40
CA ILE G 47 3.36 28.52 1.25
C ILE G 47 3.94 27.41 2.12
N TYR G 48 3.14 26.88 3.03
CA TYR G 48 3.51 25.75 3.88
C TYR G 48 2.27 24.88 4.09
N TYR G 49 2.48 23.58 4.27
CA TYR G 49 1.37 22.71 4.65
C TYR G 49 1.82 21.73 5.72
N SER G 50 0.84 21.20 6.45
CA SER G 50 1.10 20.33 7.59
C SER G 50 0.19 19.11 7.49
N MET G 51 0.80 17.95 7.25
CA MET G 51 0.06 16.70 7.12
C MET G 51 -0.42 16.13 8.45
N ASN G 52 0.07 16.66 9.58
CA ASN G 52 -0.29 16.17 10.91
C ASN G 52 0.43 16.99 11.99
N VAL G 53 0.15 16.71 13.27
CA VAL G 53 0.80 17.43 14.36
C VAL G 53 2.31 17.28 14.24
N GLU G 54 3.03 18.39 14.36
CA GLU G 54 4.49 18.43 14.34
C GLU G 54 5.06 17.99 12.99
N VAL G 55 4.23 17.94 11.96
CA VAL G 55 4.65 17.65 10.59
C VAL G 55 4.48 18.91 9.77
N THR G 56 5.59 19.45 9.26
CA THR G 56 5.57 20.65 8.43
C THR G 56 6.43 20.40 7.19
N ASP G 57 5.98 20.98 6.07
CA ASP G 57 6.68 20.84 4.81
C ASP G 57 6.67 22.19 4.09
N LYS G 58 7.78 22.50 3.44
CA LYS G 58 7.85 23.73 2.67
C LYS G 58 6.98 23.61 1.43
N GLY G 59 6.24 24.66 1.14
CA GLY G 59 5.43 24.74 -0.06
C GLY G 59 6.20 25.32 -1.23
N ASP G 60 5.45 25.97 -2.12
CA ASP G 60 6.07 26.50 -3.33
C ASP G 60 6.81 27.81 -3.07
N VAL G 61 6.39 28.59 -2.10
CA VAL G 61 6.97 29.91 -1.82
C VAL G 61 7.20 30.11 -0.32
N PRO G 62 8.13 29.38 0.31
CA PRO G 62 8.32 29.49 1.77
C PRO G 62 9.10 30.70 2.27
N GLU G 63 9.80 31.43 1.40
CA GLU G 63 10.70 32.49 1.86
C GLU G 63 9.92 33.57 2.62
N GLY G 64 10.45 33.96 3.78
CA GLY G 64 9.86 35.00 4.59
C GLY G 64 8.70 34.58 5.46
N TYR G 65 8.37 33.29 5.49
CA TYR G 65 7.28 32.77 6.29
C TYR G 65 7.74 31.58 7.11
N LYS G 66 7.16 31.46 8.30
CA LYS G 66 7.30 30.28 9.15
C LYS G 66 5.95 29.94 9.75
N VAL G 67 5.75 28.66 10.06
CA VAL G 67 4.49 28.16 10.58
C VAL G 67 4.78 27.25 11.77
N SER G 68 3.72 26.87 12.47
CA SER G 68 3.83 25.88 13.53
C SER G 68 2.57 25.03 13.57
N ARG G 69 2.74 23.79 14.04
CA ARG G 69 1.64 22.85 14.20
C ARG G 69 1.87 22.15 15.55
N LYS G 70 1.70 22.91 16.63
CA LYS G 70 1.90 22.38 17.96
C LYS G 70 0.75 21.47 18.39
N GLU G 71 -0.42 21.65 17.80
CA GLU G 71 -1.56 20.78 18.04
C GLU G 71 -2.36 20.66 16.74
N LYS G 72 -3.42 19.85 16.78
CA LYS G 72 -4.19 19.57 15.57
C LYS G 72 -5.03 20.78 15.16
N ARG G 73 -5.56 21.50 16.15
CA ARG G 73 -6.52 22.56 15.87
C ARG G 73 -5.87 23.76 15.18
N ASN G 74 -4.64 24.10 15.55
CA ASN G 74 -4.04 25.38 15.17
C ASN G 74 -2.91 25.20 14.17
N PHE G 75 -2.88 26.10 13.19
CA PHE G 75 -1.81 26.14 12.18
C PHE G 75 -1.56 27.60 11.81
N PRO G 76 -0.90 28.34 12.70
CA PRO G 76 -0.75 29.79 12.47
C PRO G 76 0.36 30.11 11.46
N LEU G 77 0.18 31.23 10.76
CA LEU G 77 1.13 31.70 9.76
C LEU G 77 1.90 32.89 10.35
N ILE G 78 3.22 32.76 10.43
CA ILE G 78 4.09 33.73 11.08
C ILE G 78 4.88 34.47 10.01
N LEU G 79 4.87 35.80 10.09
CA LEU G 79 5.63 36.65 9.17
C LEU G 79 6.72 37.35 9.99
N GLU G 80 7.94 36.81 9.94
CA GLU G 80 9.02 37.31 10.77
C GLU G 80 9.35 38.75 10.43
N SER G 81 9.44 39.08 9.15
CA SER G 81 9.77 40.42 8.68
C SER G 81 8.94 40.70 7.44
N PRO G 82 7.68 41.10 7.63
CA PRO G 82 6.81 41.37 6.48
C PRO G 82 7.39 42.41 5.53
N SER G 83 7.31 42.11 4.24
CA SER G 83 7.77 42.98 3.17
C SER G 83 6.62 43.24 2.19
N PRO G 84 6.68 44.32 1.42
CA PRO G 84 5.53 44.69 0.57
C PRO G 84 5.09 43.61 -0.41
N ASN G 85 6.00 42.77 -0.89
CA ASN G 85 5.60 41.71 -1.82
C ASN G 85 4.92 40.54 -1.12
N GLN G 86 4.75 40.60 0.19
CA GLN G 86 3.91 39.65 0.91
C GLN G 86 2.47 40.15 1.05
N THR G 87 2.17 41.33 0.52
CA THR G 87 0.79 41.76 0.41
C THR G 87 0.05 40.79 -0.51
N SER G 88 -1.03 40.19 -0.02
CA SER G 88 -1.74 39.17 -0.79
C SER G 88 -3.03 38.80 -0.05
N LEU G 89 -3.79 37.90 -0.66
CA LEU G 89 -4.96 37.28 -0.05
C LEU G 89 -4.56 35.87 0.41
N TYR G 90 -4.61 35.64 1.72
CA TYR G 90 -4.14 34.39 2.31
C TYR G 90 -5.32 33.48 2.64
N PHE G 91 -5.26 32.25 2.16
CA PHE G 91 -6.28 31.24 2.41
C PHE G 91 -5.71 30.12 3.27
N CYS G 92 -6.42 29.74 4.33
CA CYS G 92 -6.12 28.57 5.12
C CYS G 92 -7.15 27.49 4.89
N ALA G 93 -6.71 26.28 4.58
CA ALA G 93 -7.58 25.14 4.33
C ALA G 93 -7.23 23.98 5.25
N SER G 94 -8.20 23.09 5.46
CA SER G 94 -7.96 21.86 6.21
C SER G 94 -8.84 20.75 5.63
N SER G 95 -8.36 19.51 5.75
CA SER G 95 -9.09 18.35 5.27
C SER G 95 -8.76 17.16 6.17
N LEU G 96 -9.66 16.17 6.16
CA LEU G 96 -9.50 15.02 7.04
C LEU G 96 -8.19 14.29 6.80
N VAL G 97 -7.80 14.12 5.53
CA VAL G 97 -6.56 13.44 5.19
C VAL G 97 -5.91 14.15 4.01
N SER G 98 -4.60 13.98 3.88
CA SER G 98 -3.85 14.68 2.83
C SER G 98 -4.25 14.20 1.44
N THR G 99 -4.90 13.05 1.34
CA THR G 99 -5.40 12.54 0.05
C THR G 99 -6.86 12.17 0.27
N PRO G 100 -7.75 13.15 0.23
CA PRO G 100 -9.16 12.91 0.59
C PRO G 100 -9.81 11.86 -0.31
N LEU G 101 -10.65 11.03 0.32
CA LEU G 101 -11.51 10.10 -0.39
C LEU G 101 -12.55 10.89 -1.20
N PRO G 102 -13.26 10.24 -2.14
CA PRO G 102 -14.23 10.99 -2.97
C PRO G 102 -15.27 11.76 -2.17
N LYS G 103 -15.80 11.20 -1.08
CA LYS G 103 -16.86 11.90 -0.35
C LYS G 103 -16.34 13.04 0.51
N GLU G 104 -15.03 13.15 0.69
CA GLU G 104 -14.48 14.06 1.68
C GLU G 104 -14.21 15.43 1.08
N THR G 105 -14.41 16.46 1.89
CA THR G 105 -14.27 17.85 1.49
C THR G 105 -13.04 18.46 2.16
N GLN G 106 -12.34 19.32 1.43
CA GLN G 106 -11.35 20.20 2.04
C GLN G 106 -11.98 21.57 2.22
N TYR G 107 -12.03 22.03 3.47
CA TYR G 107 -12.73 23.25 3.83
C TYR G 107 -11.76 24.42 3.82
N PHE G 108 -12.24 25.58 3.39
CA PHE G 108 -11.43 26.79 3.30
C PHE G 108 -11.91 27.86 4.27
N GLY G 109 -10.96 28.57 4.87
CA GLY G 109 -11.26 29.74 5.66
C GLY G 109 -11.74 30.89 4.81
N PRO G 110 -12.15 32.00 5.45
CA PRO G 110 -12.68 33.14 4.67
C PRO G 110 -11.63 33.97 3.99
N GLY G 111 -10.36 33.71 4.22
CA GLY G 111 -9.35 34.55 3.61
C GLY G 111 -8.95 35.73 4.48
N THR G 112 -7.66 36.07 4.40
CA THR G 112 -7.09 37.20 5.13
C THR G 112 -6.52 38.18 4.12
N ARG G 113 -7.06 39.39 4.12
CA ARG G 113 -6.58 40.44 3.21
C ARG G 113 -5.46 41.18 3.93
N LEU G 114 -4.22 40.87 3.56
CA LEU G 114 -3.06 41.46 4.18
C LEU G 114 -2.50 42.54 3.26
N LEU G 115 -2.21 43.70 3.83
CA LEU G 115 -1.65 44.82 3.09
C LEU G 115 -0.41 45.30 3.81
N VAL G 116 0.73 45.21 3.13
CA VAL G 116 2.01 45.65 3.69
C VAL G 116 2.36 46.98 3.02
N LEU G 117 2.61 48.00 3.83
CA LEU G 117 2.82 49.34 3.31
C LEU G 117 4.04 49.99 3.95
N GLU G 118 4.63 50.92 3.19
CA GLU G 118 5.72 51.75 3.70
C GLU G 118 5.29 52.56 4.91
N ASP G 119 4.10 53.16 4.83
CA ASP G 119 3.52 53.90 5.94
C ASP G 119 2.01 53.91 5.77
N LEU G 120 1.32 54.42 6.78
CA LEU G 120 -0.14 54.37 6.83
C LEU G 120 -0.78 55.72 6.51
N LYS G 121 0.01 56.67 6.00
CA LYS G 121 -0.48 58.02 5.77
C LYS G 121 -1.45 58.10 4.59
N ASN G 122 -1.46 57.10 3.71
CA ASN G 122 -2.33 57.11 2.54
C ASN G 122 -3.60 56.30 2.72
N VAL G 123 -3.81 55.70 3.89
CA VAL G 123 -5.05 54.96 4.14
C VAL G 123 -6.20 55.94 4.33
N PHE G 124 -7.31 55.69 3.63
CA PHE G 124 -8.47 56.59 3.67
C PHE G 124 -9.76 55.80 3.83
N PRO G 125 -10.66 56.26 4.70
CA PRO G 125 -11.98 55.60 4.84
C PRO G 125 -12.93 56.06 3.75
N PRO G 126 -14.04 55.35 3.54
CA PRO G 126 -14.94 55.69 2.43
C PRO G 126 -15.90 56.84 2.74
N GLU G 127 -16.30 57.52 1.67
CA GLU G 127 -17.50 58.35 1.64
C GLU G 127 -18.57 57.61 0.85
N VAL G 128 -19.80 57.66 1.34
CA VAL G 128 -20.90 56.88 0.76
C VAL G 128 -22.11 57.77 0.55
N ALA G 129 -22.82 57.57 -0.55
CA ALA G 129 -24.05 58.29 -0.85
C ALA G 129 -25.00 57.36 -1.58
N VAL G 130 -26.30 57.56 -1.37
CA VAL G 130 -27.35 56.78 -2.00
C VAL G 130 -28.11 57.67 -2.98
N PHE G 131 -28.39 57.12 -4.16
CA PHE G 131 -29.08 57.85 -5.22
C PHE G 131 -30.45 57.23 -5.46
N GLU G 132 -31.49 58.05 -5.34
CA GLU G 132 -32.86 57.58 -5.40
C GLU G 132 -33.28 57.23 -6.83
N PRO G 133 -34.28 56.36 -6.98
CA PRO G 133 -34.69 55.94 -8.33
C PRO G 133 -35.28 57.08 -9.15
N SER G 134 -35.18 56.93 -10.47
CA SER G 134 -35.69 57.92 -11.41
C SER G 134 -37.18 57.74 -11.65
N GLU G 135 -37.89 58.87 -11.79
CA GLU G 135 -39.32 58.83 -12.04
C GLU G 135 -39.64 58.15 -13.36
N ALA G 136 -38.71 58.17 -14.30
CA ALA G 136 -38.96 57.59 -15.62
C ALA G 136 -38.94 56.06 -15.60
N GLU G 137 -37.97 55.47 -14.88
CA GLU G 137 -37.92 54.02 -14.76
C GLU G 137 -39.20 53.49 -14.11
N ILE G 138 -39.68 54.17 -13.07
CA ILE G 138 -40.96 53.82 -12.47
C ILE G 138 -42.08 53.89 -13.51
N SER G 139 -42.07 54.95 -14.33
CA SER G 139 -43.10 55.09 -15.35
C SER G 139 -42.99 53.99 -16.41
N HIS G 140 -41.78 53.78 -16.93
CA HIS G 140 -41.60 52.89 -18.08
C HIS G 140 -41.65 51.42 -17.72
N THR G 141 -41.16 51.04 -16.53
CA THR G 141 -41.02 49.64 -16.16
C THR G 141 -41.77 49.24 -14.90
N GLN G 142 -42.36 50.19 -14.18
CA GLN G 142 -42.98 49.93 -12.88
C GLN G 142 -41.99 49.28 -11.90
N LYS G 143 -40.72 49.66 -12.01
CA LYS G 143 -39.69 49.26 -11.06
C LYS G 143 -38.88 50.48 -10.66
N ALA G 144 -38.10 50.34 -9.59
CA ALA G 144 -37.29 51.44 -9.07
C ALA G 144 -35.94 50.90 -8.61
N THR G 145 -34.88 51.35 -9.27
CA THR G 145 -33.52 50.91 -8.94
C THR G 145 -32.81 52.01 -8.16
N LEU G 146 -32.36 51.68 -6.95
CA LEU G 146 -31.53 52.59 -6.17
C LEU G 146 -30.05 52.27 -6.41
N VAL G 147 -29.23 53.32 -6.42
CA VAL G 147 -27.79 53.19 -6.62
C VAL G 147 -27.05 53.82 -5.44
N CYS G 148 -26.09 53.08 -4.89
CA CYS G 148 -25.23 53.57 -3.83
C CYS G 148 -23.81 53.77 -4.36
N LEU G 149 -23.15 54.82 -3.90
CA LEU G 149 -21.82 55.18 -4.39
C LEU G 149 -20.87 55.35 -3.20
N ALA G 150 -19.84 54.52 -3.15
CA ALA G 150 -18.74 54.68 -2.20
C ALA G 150 -17.51 55.13 -2.96
N THR G 151 -16.91 56.25 -2.53
CA THR G 151 -15.80 56.86 -3.24
C THR G 151 -14.71 57.28 -2.25
N GLY G 152 -13.49 57.41 -2.77
CA GLY G 152 -12.43 58.05 -2.04
C GLY G 152 -11.77 57.23 -0.95
N PHE G 153 -11.99 55.92 -0.91
CA PHE G 153 -11.44 55.10 0.16
C PHE G 153 -10.20 54.36 -0.29
N TYR G 154 -9.34 54.04 0.67
CA TYR G 154 -8.12 53.26 0.45
C TYR G 154 -7.69 52.60 1.75
N PRO G 155 -7.38 51.30 1.74
CA PRO G 155 -7.43 50.43 0.57
C PRO G 155 -8.83 49.89 0.31
N ASP G 156 -8.91 48.87 -0.54
CA ASP G 156 -10.20 48.24 -0.83
C ASP G 156 -10.58 47.17 0.19
N HIS G 157 -10.28 47.42 1.48
CA HIS G 157 -10.69 46.52 2.55
C HIS G 157 -12.09 46.96 2.98
N VAL G 158 -13.08 46.59 2.17
CA VAL G 158 -14.45 47.04 2.38
C VAL G 158 -15.43 45.89 2.12
N GLU G 159 -16.56 45.96 2.80
CA GLU G 159 -17.71 45.09 2.56
C GLU G 159 -18.94 45.96 2.48
N LEU G 160 -19.74 45.79 1.43
CA LEU G 160 -20.94 46.59 1.24
C LEU G 160 -22.17 45.70 1.27
N SER G 161 -23.20 46.16 1.97
CA SER G 161 -24.46 45.45 2.08
C SER G 161 -25.61 46.46 2.02
N TRP G 162 -26.79 45.95 1.68
CA TRP G 162 -28.01 46.73 1.66
C TRP G 162 -28.90 46.31 2.83
N TRP G 163 -29.55 47.28 3.47
CA TRP G 163 -30.46 47.03 4.58
C TRP G 163 -31.75 47.79 4.36
N VAL G 164 -32.86 47.06 4.27
CA VAL G 164 -34.18 47.63 4.03
C VAL G 164 -35.02 47.38 5.28
N ASN G 165 -35.48 48.46 5.91
CA ASN G 165 -36.21 48.39 7.19
C ASN G 165 -35.41 47.60 8.22
N GLY G 166 -34.09 47.79 8.21
CA GLY G 166 -33.22 47.17 9.18
C GLY G 166 -32.80 45.75 8.88
N LYS G 167 -33.28 45.16 7.79
CA LYS G 167 -32.97 43.80 7.41
C LYS G 167 -32.19 43.78 6.11
N GLU G 168 -31.10 43.01 6.07
CA GLU G 168 -30.31 42.86 4.86
C GLU G 168 -31.07 42.11 3.77
N VAL G 169 -30.92 42.55 2.53
CA VAL G 169 -31.54 41.91 1.38
C VAL G 169 -30.48 41.54 0.36
N HIS G 170 -30.72 40.44 -0.36
CA HIS G 170 -29.89 40.04 -1.50
C HIS G 170 -30.68 39.87 -2.79
N SER G 171 -31.96 39.54 -2.72
CA SER G 171 -32.80 39.55 -3.91
C SER G 171 -32.87 40.96 -4.47
N GLY G 172 -32.65 41.08 -5.78
CA GLY G 172 -32.68 42.37 -6.42
C GLY G 172 -31.42 43.20 -6.22
N VAL G 173 -30.37 42.61 -5.65
CA VAL G 173 -29.13 43.32 -5.36
C VAL G 173 -28.06 42.81 -6.30
N CYS G 174 -27.22 43.73 -6.77
CA CYS G 174 -26.00 43.39 -7.50
C CYS G 174 -24.92 44.39 -7.16
N THR G 175 -23.77 43.89 -6.73
CA THR G 175 -22.62 44.71 -6.40
C THR G 175 -21.50 44.37 -7.38
N ASP G 176 -20.75 45.40 -7.78
CA ASP G 176 -19.63 45.18 -8.68
C ASP G 176 -18.66 44.18 -8.08
N PRO G 177 -18.08 43.29 -8.88
CA PRO G 177 -17.17 42.29 -8.32
C PRO G 177 -15.88 42.88 -7.77
N GLN G 178 -15.35 43.92 -8.40
CA GLN G 178 -14.11 44.50 -7.92
C GLN G 178 -14.22 46.02 -7.89
N PRO G 179 -13.62 46.67 -6.88
CA PRO G 179 -13.63 48.13 -6.85
C PRO G 179 -12.70 48.71 -7.89
N LEU G 180 -13.08 49.88 -8.41
CA LEU G 180 -12.26 50.55 -9.41
C LEU G 180 -11.45 51.67 -8.77
N LYS G 181 -10.27 51.90 -9.32
CA LYS G 181 -9.36 52.94 -8.83
C LYS G 181 -9.78 54.30 -9.37
N GLU G 182 -9.73 55.33 -8.51
CA GLU G 182 -10.13 56.66 -8.96
C GLU G 182 -9.09 57.29 -9.88
N GLN G 183 -7.81 57.09 -9.59
CA GLN G 183 -6.72 57.55 -10.45
C GLN G 183 -5.73 56.39 -10.58
N PRO G 184 -6.13 55.35 -11.32
CA PRO G 184 -5.36 54.09 -11.36
C PRO G 184 -3.90 54.26 -11.74
N ALA G 185 -3.56 55.38 -12.37
CA ALA G 185 -2.16 55.61 -12.75
C ALA G 185 -1.28 55.55 -11.50
N LEU G 186 -1.77 56.06 -10.37
CA LEU G 186 -1.07 55.94 -9.11
C LEU G 186 -1.30 54.55 -8.54
N ASN G 187 -0.21 53.89 -8.11
CA ASN G 187 -0.36 52.61 -7.44
C ASN G 187 -1.17 52.72 -6.16
N ASP G 188 -1.06 53.84 -5.44
CA ASP G 188 -1.82 54.09 -4.23
C ASP G 188 -3.13 54.81 -4.49
N SER G 189 -3.73 54.60 -5.65
CA SER G 189 -4.98 55.28 -5.98
C SER G 189 -6.10 54.84 -5.03
N ARG G 190 -6.92 55.79 -4.65
CA ARG G 190 -8.12 55.46 -3.90
C ARG G 190 -9.09 54.69 -4.80
N TYR G 191 -10.11 54.09 -4.19
CA TYR G 191 -10.99 53.18 -4.90
C TYR G 191 -12.41 53.68 -4.85
N ALA G 192 -13.26 53.09 -5.70
CA ALA G 192 -14.69 53.37 -5.68
C ALA G 192 -15.44 52.09 -5.99
N LEU G 193 -16.66 52.00 -5.46
CA LEU G 193 -17.48 50.81 -5.63
C LEU G 193 -18.94 51.22 -5.61
N SER G 194 -19.73 50.60 -6.48
CA SER G 194 -21.16 50.87 -6.57
C SER G 194 -21.95 49.57 -6.42
N SER G 195 -23.22 49.70 -6.06
CA SER G 195 -24.12 48.56 -6.02
C SER G 195 -25.54 49.04 -6.28
N ARG G 196 -26.37 48.14 -6.80
CA ARG G 196 -27.74 48.46 -7.16
C ARG G 196 -28.72 47.56 -6.41
N LEU G 197 -29.84 48.16 -6.00
CA LEU G 197 -30.98 47.42 -5.48
C LEU G 197 -32.24 47.88 -6.20
N ARG G 198 -33.00 46.92 -6.73
CA ARG G 198 -34.20 47.21 -7.48
C ARG G 198 -35.39 46.58 -6.78
N VAL G 199 -36.44 47.39 -6.56
CA VAL G 199 -37.67 46.94 -5.95
C VAL G 199 -38.81 47.39 -6.84
N SER G 200 -40.02 46.91 -6.54
CA SER G 200 -41.18 47.32 -7.31
C SER G 200 -41.48 48.80 -7.08
N ALA G 201 -42.10 49.41 -8.09
CA ALA G 201 -42.44 50.83 -8.00
C ALA G 201 -43.35 51.10 -6.81
N THR G 202 -44.30 50.19 -6.56
CA THR G 202 -45.21 50.36 -5.44
C THR G 202 -44.47 50.29 -4.11
N PHE G 203 -43.39 49.50 -4.05
CA PHE G 203 -42.58 49.46 -2.84
C PHE G 203 -41.88 50.79 -2.58
N TRP G 204 -41.31 51.40 -3.63
CA TRP G 204 -40.62 52.67 -3.43
C TRP G 204 -41.59 53.78 -3.03
N GLN G 205 -42.84 53.67 -3.45
CA GLN G 205 -43.80 54.75 -3.21
C GLN G 205 -44.39 54.71 -1.81
N ASN G 206 -44.03 53.72 -1.00
CA ASN G 206 -44.46 53.66 0.40
C ASN G 206 -43.47 54.43 1.24
N PRO G 207 -43.84 55.56 1.84
CA PRO G 207 -42.88 56.35 2.62
C PRO G 207 -42.50 55.75 3.98
N ARG G 208 -43.21 54.72 4.45
CA ARG G 208 -42.80 54.06 5.68
C ARG G 208 -41.64 53.08 5.47
N ASN G 209 -41.27 52.81 4.22
CA ASN G 209 -40.19 51.89 3.92
C ASN G 209 -38.87 52.65 3.87
N HIS G 210 -37.85 52.10 4.52
CA HIS G 210 -36.57 52.77 4.69
C HIS G 210 -35.45 51.94 4.07
N PHE G 211 -34.56 52.61 3.35
CA PHE G 211 -33.46 51.97 2.62
C PHE G 211 -32.14 52.52 3.13
N ARG G 212 -31.21 51.61 3.42
CA ARG G 212 -29.91 51.99 3.96
C ARG G 212 -28.82 51.20 3.25
N CYS G 213 -27.84 51.92 2.72
CA CYS G 213 -26.64 51.33 2.14
C CYS G 213 -25.50 51.43 3.15
N GLN G 214 -24.86 50.31 3.45
CA GLN G 214 -23.85 50.23 4.49
C GLN G 214 -22.54 49.71 3.93
N VAL G 215 -21.45 50.40 4.22
CA VAL G 215 -20.11 50.00 3.80
C VAL G 215 -19.29 49.76 5.07
N GLN G 216 -18.94 48.51 5.31
CA GLN G 216 -18.03 48.16 6.40
C GLN G 216 -16.60 48.38 5.93
N PHE G 217 -15.92 49.34 6.55
CA PHE G 217 -14.54 49.66 6.19
C PHE G 217 -13.57 49.04 7.18
N TYR G 218 -12.57 48.33 6.67
CA TYR G 218 -11.54 47.71 7.48
C TYR G 218 -10.27 48.53 7.33
N GLY G 219 -9.84 49.15 8.42
CA GLY G 219 -8.72 50.06 8.38
C GLY G 219 -7.78 49.93 9.56
N LEU G 220 -7.34 51.06 10.10
CA LEU G 220 -6.38 51.04 11.18
C LEU G 220 -7.03 50.59 12.48
N SER G 221 -6.20 50.18 13.43
CA SER G 221 -6.65 49.87 14.78
C SER G 221 -6.29 51.00 15.72
N GLU G 222 -6.93 51.02 16.90
CA GLU G 222 -6.56 51.98 17.93
C GLU G 222 -5.06 51.89 18.26
N ASN G 223 -4.49 50.68 18.19
CA ASN G 223 -3.07 50.51 18.44
C ASN G 223 -2.21 51.31 17.46
N ASP G 224 -2.72 51.55 16.26
CA ASP G 224 -1.89 52.13 15.21
C ASP G 224 -1.62 53.61 15.51
N GLU G 225 -0.37 54.02 15.30
CA GLU G 225 0.02 55.40 15.54
C GLU G 225 -0.50 56.29 14.43
N TRP G 226 -0.87 57.52 14.79
CA TRP G 226 -1.39 58.45 13.79
C TRP G 226 -0.89 59.85 14.10
N THR G 227 -0.26 60.49 13.11
CA THR G 227 0.29 61.82 13.26
C THR G 227 -0.34 62.85 12.34
N GLN G 228 -1.08 62.42 11.32
CA GLN G 228 -1.64 63.34 10.35
C GLN G 228 -2.76 64.17 10.99
N ASP G 229 -3.08 65.28 10.34
CA ASP G 229 -4.08 66.20 10.89
C ASP G 229 -5.48 65.58 10.86
N ARG G 230 -5.82 64.89 9.79
CA ARG G 230 -7.17 64.37 9.64
C ARG G 230 -7.47 63.29 10.67
N ALA G 231 -8.76 63.00 10.82
CA ALA G 231 -9.22 62.00 11.78
C ALA G 231 -8.63 60.63 11.48
N LYS G 232 -8.27 59.91 12.53
CA LYS G 232 -7.66 58.60 12.39
C LYS G 232 -8.63 57.65 11.70
N PRO G 233 -8.25 57.03 10.57
CA PRO G 233 -9.18 56.18 9.78
C PRO G 233 -9.28 54.76 10.32
N VAL G 234 -9.88 54.63 11.50
CA VAL G 234 -10.04 53.31 12.10
C VAL G 234 -11.14 52.54 11.37
N THR G 235 -11.16 51.23 11.60
CA THR G 235 -12.29 50.40 11.17
C THR G 235 -13.61 51.03 11.58
N GLN G 236 -14.51 51.20 10.62
CA GLN G 236 -15.77 51.86 10.88
C GLN G 236 -16.75 51.52 9.76
N ILE G 237 -18.02 51.80 10.03
CA ILE G 237 -19.09 51.69 9.04
C ILE G 237 -19.55 53.09 8.69
N VAL G 238 -19.77 53.34 7.39
CA VAL G 238 -20.29 54.61 6.90
C VAL G 238 -21.46 54.31 5.97
N SER G 239 -22.57 55.00 6.17
CA SER G 239 -23.82 54.69 5.49
C SER G 239 -24.46 55.96 4.93
N ALA G 240 -25.34 55.76 3.96
CA ALA G 240 -26.24 56.79 3.47
C ALA G 240 -27.64 56.20 3.36
N GLU G 241 -28.63 57.05 3.54
CA GLU G 241 -30.01 56.59 3.67
C GLU G 241 -30.93 57.35 2.72
N ALA G 242 -32.08 56.73 2.45
CA ALA G 242 -33.14 57.36 1.69
C ALA G 242 -34.46 56.71 2.10
N TRP G 243 -35.53 57.49 2.07
CA TRP G 243 -36.86 57.00 2.38
C TRP G 243 -37.70 56.96 1.10
N GLY G 244 -38.65 56.02 1.07
CA GLY G 244 -39.58 55.96 -0.02
C GLY G 244 -40.42 57.21 -0.12
N ARG G 245 -40.92 57.47 -1.33
CA ARG G 245 -41.63 58.70 -1.63
C ARG G 245 -42.82 58.39 -2.52
N ALA G 246 -44.01 58.75 -2.07
CA ALA G 246 -45.21 58.64 -2.88
C ALA G 246 -45.06 59.42 -4.18
N ASP G 247 -45.68 58.89 -5.23
CA ASP G 247 -45.68 59.53 -6.55
C ASP G 247 -46.10 61.00 -6.47
N ALA H 2 7.67 19.69 -16.70
CA ALA H 2 7.88 20.49 -15.50
C ALA H 2 6.73 20.29 -14.51
N GLN H 3 6.54 21.28 -13.62
CA GLN H 3 5.44 21.28 -12.65
C GLN H 3 4.60 22.52 -12.90
N LYS H 4 3.61 22.40 -13.81
CA LYS H 4 2.77 23.52 -14.18
C LYS H 4 1.34 23.06 -14.44
N VAL H 5 0.38 23.82 -13.94
CA VAL H 5 -1.03 23.63 -14.28
C VAL H 5 -1.50 24.88 -15.02
N THR H 6 -2.14 24.67 -16.17
CA THR H 6 -2.50 25.76 -17.07
C THR H 6 -3.99 25.68 -17.38
N GLN H 7 -4.70 26.77 -17.14
CA GLN H 7 -6.12 26.88 -17.51
C GLN H 7 -6.18 27.90 -18.64
N ALA H 8 -6.34 27.38 -19.86
CA ALA H 8 -6.15 28.18 -21.06
C ALA H 8 -7.19 29.29 -21.19
N GLN H 9 -8.43 29.00 -20.83
CA GLN H 9 -9.51 29.96 -21.02
C GLN H 9 -9.48 30.96 -19.86
N SER H 10 -9.01 32.18 -20.16
CA SER H 10 -9.03 33.23 -19.16
C SER H 10 -10.44 33.68 -18.87
N SER H 11 -11.35 33.53 -19.83
CA SER H 11 -12.72 33.98 -19.67
C SER H 11 -13.65 33.13 -20.53
N VAL H 12 -14.86 32.91 -20.02
CA VAL H 12 -15.88 32.09 -20.66
C VAL H 12 -17.24 32.69 -20.34
N SER H 13 -18.13 32.73 -21.32
CA SER H 13 -19.49 33.21 -21.13
C SER H 13 -20.49 32.15 -21.57
N MET H 14 -21.64 32.09 -20.88
CA MET H 14 -22.58 31.03 -21.16
C MET H 14 -23.97 31.44 -20.71
N PRO H 15 -25.02 31.07 -21.44
CA PRO H 15 -26.37 31.39 -21.00
C PRO H 15 -26.82 30.45 -19.89
N VAL H 16 -27.80 30.93 -19.12
CA VAL H 16 -28.37 30.14 -18.05
C VAL H 16 -29.01 28.88 -18.64
N ARG H 17 -29.03 27.81 -17.85
CA ARG H 17 -29.62 26.50 -18.11
C ARG H 17 -28.79 25.68 -19.09
N LYS H 18 -27.75 26.23 -19.72
CA LYS H 18 -26.90 25.47 -20.61
C LYS H 18 -25.77 24.81 -19.80
N ALA H 19 -24.88 24.12 -20.51
CA ALA H 19 -23.73 23.48 -19.90
C ALA H 19 -22.44 24.11 -20.40
N VAL H 20 -21.38 23.98 -19.60
CA VAL H 20 -20.06 24.49 -19.95
C VAL H 20 -19.01 23.48 -19.50
N THR H 21 -17.94 23.38 -20.29
CA THR H 21 -16.79 22.54 -19.98
C THR H 21 -15.57 23.43 -19.89
N LEU H 22 -14.87 23.37 -18.76
CA LEU H 22 -13.66 24.14 -18.54
C LEU H 22 -12.47 23.19 -18.60
N ASN H 23 -11.55 23.46 -19.52
CA ASN H 23 -10.42 22.57 -19.74
C ASN H 23 -9.32 22.82 -18.74
N CYS H 24 -8.58 21.75 -18.42
CA CYS H 24 -7.42 21.84 -17.54
C CYS H 24 -6.35 20.91 -18.06
N LEU H 25 -5.18 21.47 -18.35
CA LEU H 25 -4.01 20.70 -18.73
C LEU H 25 -2.93 20.88 -17.67
N TYR H 26 -2.16 19.82 -17.44
CA TYR H 26 -1.05 19.88 -16.52
C TYR H 26 0.11 19.06 -17.07
N GLU H 27 1.32 19.51 -16.76
CA GLU H 27 2.53 18.76 -17.03
C GLU H 27 3.18 18.38 -15.71
N THR H 28 3.54 17.10 -15.56
CA THR H 28 4.12 16.63 -14.31
C THR H 28 4.84 15.33 -14.58
N SER H 29 5.93 15.12 -13.84
CA SER H 29 6.66 13.86 -13.83
C SER H 29 6.11 12.87 -12.81
N TRP H 30 5.09 13.26 -12.06
CA TRP H 30 4.45 12.39 -11.08
C TRP H 30 3.55 11.36 -11.77
N TRP H 31 3.60 10.12 -11.29
CA TRP H 31 2.74 9.07 -11.79
C TRP H 31 1.67 8.63 -10.79
N SER H 32 1.69 9.15 -9.57
CA SER H 32 0.59 8.99 -8.61
C SER H 32 0.24 10.36 -8.05
N TYR H 33 -1.02 10.78 -8.23
CA TYR H 33 -1.40 12.16 -7.96
C TYR H 33 -2.93 12.27 -7.94
N TYR H 34 -3.41 13.46 -7.59
CA TYR H 34 -4.83 13.79 -7.61
C TYR H 34 -5.04 15.16 -8.25
N ILE H 35 -6.27 15.40 -8.70
CA ILE H 35 -6.68 16.65 -9.33
C ILE H 35 -7.84 17.26 -8.54
N PHE H 36 -7.71 18.52 -8.16
CA PHE H 36 -8.76 19.24 -7.43
C PHE H 36 -9.38 20.33 -8.30
N TRP H 37 -10.69 20.52 -8.14
CA TRP H 37 -11.42 21.63 -8.75
C TRP H 37 -12.11 22.46 -7.67
N TYR H 38 -11.94 23.78 -7.73
CA TYR H 38 -12.53 24.70 -6.78
C TYR H 38 -13.35 25.75 -7.50
N LYS H 39 -14.30 26.34 -6.76
CA LYS H 39 -15.15 27.41 -7.25
C LYS H 39 -15.00 28.60 -6.32
N GLN H 40 -14.51 29.72 -6.84
CA GLN H 40 -14.29 30.94 -6.05
C GLN H 40 -15.37 31.96 -6.38
N LEU H 41 -16.20 32.28 -5.39
CA LEU H 41 -17.24 33.27 -5.56
C LEU H 41 -16.63 34.67 -5.67
N PRO H 42 -17.41 35.65 -6.15
CA PRO H 42 -16.90 37.04 -6.15
C PRO H 42 -16.53 37.55 -4.78
N SER H 43 -17.19 37.07 -3.71
CA SER H 43 -16.82 37.43 -2.34
C SER H 43 -15.41 36.98 -1.98
N LYS H 44 -14.73 36.22 -2.84
CA LYS H 44 -13.39 35.63 -2.67
C LYS H 44 -13.41 34.42 -1.76
N GLU H 45 -14.57 34.03 -1.22
CA GLU H 45 -14.67 32.79 -0.46
C GLU H 45 -14.44 31.60 -1.38
N MET H 46 -13.69 30.61 -0.91
CA MET H 46 -13.30 29.47 -1.72
C MET H 46 -14.05 28.21 -1.29
N ILE H 47 -14.42 27.39 -2.26
CA ILE H 47 -15.28 26.23 -2.05
C ILE H 47 -14.77 25.08 -2.92
N PHE H 48 -14.52 23.93 -2.29
CA PHE H 48 -14.09 22.74 -3.01
C PHE H 48 -15.30 22.05 -3.63
N LEU H 49 -15.16 21.62 -4.88
CA LEU H 49 -16.25 20.96 -5.61
C LEU H 49 -16.07 19.45 -5.74
N ILE H 50 -14.99 19.01 -6.37
CA ILE H 50 -14.82 17.59 -6.67
C ILE H 50 -13.34 17.32 -6.91
N ARG H 51 -12.93 16.08 -6.65
CA ARG H 51 -11.55 15.63 -6.83
C ARG H 51 -11.55 14.32 -7.61
N GLN H 52 -10.56 14.18 -8.50
CA GLN H 52 -10.41 13.00 -9.35
C GLN H 52 -9.09 12.32 -9.00
N GLY H 53 -9.16 11.03 -8.66
CA GLY H 53 -7.95 10.27 -8.38
C GLY H 53 -7.32 9.75 -9.66
N SER H 54 -5.98 9.78 -9.69
CA SER H 54 -5.26 9.36 -10.89
C SER H 54 -5.40 7.88 -11.19
N ASP H 55 -5.92 7.08 -10.26
CA ASP H 55 -6.10 5.66 -10.45
C ASP H 55 -7.57 5.28 -10.57
N GLU H 56 -8.46 6.27 -10.66
CA GLU H 56 -9.89 6.06 -10.65
C GLU H 56 -10.51 6.47 -11.98
N GLN H 57 -11.75 6.04 -12.20
CA GLN H 57 -12.52 6.45 -13.35
C GLN H 57 -13.06 7.87 -13.16
N ASN H 58 -13.70 8.38 -14.21
CA ASN H 58 -14.16 9.76 -14.26
C ASN H 58 -15.07 10.08 -13.09
N ALA H 59 -14.63 11.01 -12.24
CA ALA H 59 -15.41 11.39 -11.07
C ALA H 59 -16.67 12.17 -11.47
N LYS H 60 -17.73 11.97 -10.70
CA LYS H 60 -19.00 12.66 -10.92
C LYS H 60 -19.68 12.83 -9.58
N SER H 61 -20.32 13.98 -9.39
CA SER H 61 -21.02 14.27 -8.13
C SER H 61 -21.97 15.43 -8.36
N GLY H 62 -23.26 15.18 -8.13
CA GLY H 62 -24.25 16.23 -8.36
C GLY H 62 -24.24 16.66 -9.82
N ARG H 63 -24.19 17.97 -10.04
CA ARG H 63 -24.20 18.53 -11.39
C ARG H 63 -22.81 18.63 -12.02
N TYR H 64 -21.76 18.16 -11.35
CA TYR H 64 -20.41 18.19 -11.87
C TYR H 64 -19.96 16.80 -12.33
N SER H 65 -19.14 16.77 -13.37
CA SER H 65 -18.54 15.54 -13.87
C SER H 65 -17.20 15.85 -14.51
N VAL H 66 -16.28 14.90 -14.42
CA VAL H 66 -14.90 15.07 -14.87
C VAL H 66 -14.66 14.11 -16.03
N ASN H 67 -13.94 14.58 -17.06
CA ASN H 67 -13.53 13.74 -18.20
C ASN H 67 -12.00 13.59 -18.16
N PHE H 68 -11.55 12.60 -17.39
CA PHE H 68 -10.12 12.38 -17.18
C PHE H 68 -9.52 11.57 -18.32
N LYS H 69 -8.58 12.16 -19.06
CA LYS H 69 -7.81 11.51 -20.11
C LYS H 69 -6.35 11.52 -19.63
N LYS H 70 -5.94 10.43 -18.96
CA LYS H 70 -4.68 10.43 -18.23
C LYS H 70 -3.48 10.53 -19.17
N ALA H 71 -3.55 9.88 -20.33
CA ALA H 71 -2.42 9.90 -21.25
C ALA H 71 -2.14 11.31 -21.76
N ALA H 72 -3.20 12.04 -22.15
CA ALA H 72 -3.05 13.40 -22.65
C ALA H 72 -2.79 14.40 -21.54
N LYS H 73 -2.90 13.98 -20.28
CA LYS H 73 -2.78 14.86 -19.12
C LYS H 73 -3.78 16.01 -19.21
N SER H 74 -5.04 15.66 -19.40
CA SER H 74 -6.15 16.60 -19.53
C SER H 74 -7.29 16.15 -18.63
N VAL H 75 -7.86 17.09 -17.89
CA VAL H 75 -8.83 16.75 -16.85
C VAL H 75 -9.98 17.77 -16.87
N ALA H 76 -10.75 17.75 -17.96
CA ALA H 76 -11.81 18.73 -18.12
C ALA H 76 -12.95 18.49 -17.14
N LEU H 77 -13.50 19.57 -16.61
CA LEU H 77 -14.66 19.53 -15.73
C LEU H 77 -15.91 19.95 -16.50
N THR H 78 -17.00 19.21 -16.30
CA THR H 78 -18.27 19.48 -16.98
C THR H 78 -19.31 19.90 -15.95
N ILE H 79 -19.91 21.07 -16.18
CA ILE H 79 -21.01 21.59 -15.35
C ILE H 79 -22.25 21.64 -16.22
N SER H 80 -23.33 21.03 -15.74
CA SER H 80 -24.59 21.03 -16.48
C SER H 80 -25.59 22.00 -15.86
N ALA H 81 -26.55 22.41 -16.69
CA ALA H 81 -27.66 23.26 -16.29
C ALA H 81 -27.16 24.47 -15.49
N LEU H 82 -26.32 25.28 -16.15
CA LEU H 82 -25.70 26.40 -15.46
C LEU H 82 -26.74 27.36 -14.91
N GLN H 83 -26.51 27.79 -13.67
CA GLN H 83 -27.33 28.77 -13.00
C GLN H 83 -26.52 30.04 -12.79
N LEU H 84 -27.22 31.13 -12.49
CA LEU H 84 -26.54 32.41 -12.27
C LEU H 84 -25.55 32.32 -11.11
N GLU H 85 -25.86 31.50 -10.10
CA GLU H 85 -24.96 31.33 -8.98
C GLU H 85 -23.64 30.69 -9.39
N ASP H 86 -23.63 30.01 -10.54
CA ASP H 86 -22.38 29.43 -11.04
C ASP H 86 -21.40 30.47 -11.56
N SER H 87 -21.85 31.72 -11.75
CA SER H 87 -20.92 32.77 -12.18
C SER H 87 -19.87 33.00 -11.10
N ALA H 88 -18.62 32.67 -11.42
CA ALA H 88 -17.53 32.66 -10.45
C ALA H 88 -16.23 32.34 -11.17
N LYS H 89 -15.11 32.35 -10.45
CA LYS H 89 -13.82 31.97 -11.02
C LYS H 89 -13.48 30.56 -10.55
N TYR H 90 -13.18 29.68 -11.50
CA TYR H 90 -13.00 28.25 -11.23
C TYR H 90 -11.54 27.88 -11.42
N PHE H 91 -11.01 27.08 -10.49
CA PHE H 91 -9.60 26.74 -10.45
C PHE H 91 -9.39 25.24 -10.55
N CYS H 92 -8.35 24.84 -11.29
CA CYS H 92 -7.92 23.46 -11.39
C CYS H 92 -6.60 23.31 -10.64
N ALA H 93 -6.49 22.25 -9.85
CA ALA H 93 -5.34 22.08 -8.97
C ALA H 93 -4.84 20.64 -9.00
N LEU H 94 -3.52 20.49 -8.91
CA LEU H 94 -2.85 19.19 -8.98
C LEU H 94 -2.21 18.88 -7.63
N GLY H 95 -2.44 17.67 -7.12
CA GLY H 95 -1.87 17.29 -5.84
C GLY H 95 -1.31 15.88 -5.88
N ASP H 96 -0.36 15.62 -4.98
CA ASP H 96 0.33 14.34 -4.91
C ASP H 96 -0.26 13.46 -3.81
N THR H 97 0.47 12.43 -3.41
CA THR H 97 0.05 11.49 -2.38
C THR H 97 0.55 11.88 -1.00
N ALA H 98 1.15 13.06 -0.86
CA ALA H 98 1.77 13.48 0.40
C ALA H 98 1.59 14.98 0.62
N GLY H 99 0.45 15.52 0.18
CA GLY H 99 0.03 16.84 0.58
C GLY H 99 0.48 17.99 -0.29
N LYS H 100 1.43 17.80 -1.20
CA LYS H 100 1.85 18.89 -2.05
C LYS H 100 0.77 19.21 -3.09
N SER H 101 0.70 20.48 -3.49
CA SER H 101 -0.29 20.88 -4.48
C SER H 101 0.19 22.10 -5.25
N THR H 102 -0.35 22.24 -6.47
CA THR H 102 -0.04 23.36 -7.36
C THR H 102 -1.33 23.81 -8.03
N PHE H 103 -1.61 25.11 -7.98
CA PHE H 103 -2.83 25.67 -8.55
C PHE H 103 -2.55 26.30 -9.90
N GLY H 104 -3.48 26.11 -10.84
CA GLY H 104 -3.51 26.89 -12.05
C GLY H 104 -3.99 28.31 -11.77
N ASP H 105 -4.02 29.12 -12.83
CA ASP H 105 -4.32 30.55 -12.70
C ASP H 105 -5.77 30.87 -13.03
N GLY H 106 -6.64 29.87 -13.17
CA GLY H 106 -8.07 30.09 -13.09
C GLY H 106 -8.74 30.37 -14.43
N THR H 107 -10.06 30.36 -14.38
CA THR H 107 -10.92 30.56 -15.55
C THR H 107 -12.15 31.32 -15.11
N THR H 108 -12.38 32.51 -15.67
CA THR H 108 -13.51 33.35 -15.27
C THR H 108 -14.74 32.97 -16.08
N LEU H 109 -15.78 32.51 -15.38
CA LEU H 109 -17.06 32.16 -16.00
C LEU H 109 -18.12 33.20 -15.64
N THR H 110 -18.73 33.79 -16.66
CA THR H 110 -19.88 34.67 -16.49
C THR H 110 -21.09 33.99 -17.14
N VAL H 111 -22.11 33.68 -16.34
CA VAL H 111 -23.31 33.05 -16.86
C VAL H 111 -24.31 34.14 -17.23
N LYS H 112 -24.71 34.15 -18.50
CA LYS H 112 -25.65 35.17 -19.02
C LYS H 112 -27.09 34.72 -18.85
N PRO H 113 -27.96 35.55 -18.29
CA PRO H 113 -29.38 35.19 -18.19
C PRO H 113 -30.11 35.40 -19.52
N ASN H 114 -31.21 34.68 -19.66
CA ASN H 114 -32.06 34.80 -20.85
C ASN H 114 -33.10 35.88 -20.56
N ILE H 115 -32.85 37.08 -21.09
CA ILE H 115 -33.75 38.21 -20.91
C ILE H 115 -34.89 38.09 -21.91
N GLN H 116 -36.11 37.87 -21.42
CA GLN H 116 -37.23 37.61 -22.31
C GLN H 116 -37.95 38.86 -22.79
N ASN H 117 -37.86 39.98 -22.07
CA ASN H 117 -38.52 41.23 -22.46
C ASN H 117 -37.58 42.42 -22.23
N PRO H 118 -36.50 42.51 -23.01
CA PRO H 118 -35.58 43.65 -22.85
C PRO H 118 -36.30 44.97 -23.07
N ASP H 119 -35.77 46.01 -22.43
CA ASP H 119 -36.33 47.35 -22.50
C ASP H 119 -35.21 48.36 -22.23
N PRO H 120 -34.12 48.31 -23.01
CA PRO H 120 -32.91 49.06 -22.65
C PRO H 120 -33.15 50.56 -22.50
N ALA H 121 -32.58 51.14 -21.45
CA ALA H 121 -32.70 52.56 -21.18
C ALA H 121 -31.55 53.01 -20.30
N VAL H 122 -31.22 54.30 -20.40
CA VAL H 122 -30.23 54.94 -19.56
C VAL H 122 -30.94 55.99 -18.71
N TYR H 123 -30.92 55.82 -17.38
CA TYR H 123 -31.63 56.66 -16.45
C TYR H 123 -30.67 57.51 -15.62
N GLN H 124 -31.15 58.66 -15.14
CA GLN H 124 -30.42 59.53 -14.23
C GLN H 124 -30.99 59.45 -12.82
N LEU H 125 -30.10 59.37 -11.83
CA LEU H 125 -30.49 59.27 -10.42
C LEU H 125 -29.77 60.37 -9.64
N ARG H 126 -30.53 61.14 -8.87
CA ARG H 126 -30.00 62.23 -8.07
C ARG H 126 -29.74 61.81 -6.63
N ASP H 127 -28.82 62.52 -5.99
CA ASP H 127 -28.43 62.21 -4.63
C ASP H 127 -29.60 62.50 -3.69
N SER H 128 -29.90 61.55 -2.81
CA SER H 128 -30.98 61.74 -1.84
C SER H 128 -30.72 62.94 -0.93
N LYS H 129 -29.47 63.16 -0.55
CA LYS H 129 -29.14 64.21 0.41
C LYS H 129 -28.51 65.45 -0.21
N SER H 130 -27.73 65.29 -1.28
CA SER H 130 -26.95 66.40 -1.79
C SER H 130 -27.36 66.78 -3.20
N SER H 131 -26.51 67.53 -3.89
CA SER H 131 -26.80 67.98 -5.24
C SER H 131 -25.51 68.10 -6.04
N ASP H 132 -25.69 68.18 -7.37
CA ASP H 132 -24.65 67.98 -8.39
C ASP H 132 -24.38 66.49 -8.54
N LYS H 133 -24.19 65.81 -7.42
CA LYS H 133 -23.87 64.38 -7.43
C LYS H 133 -25.03 63.62 -8.05
N SER H 134 -24.85 63.18 -9.29
CA SER H 134 -25.85 62.40 -9.98
C SER H 134 -25.19 61.16 -10.55
N VAL H 135 -26.01 60.20 -11.00
CA VAL H 135 -25.53 58.92 -11.48
C VAL H 135 -26.40 58.50 -12.66
N CYS H 136 -25.78 57.88 -13.66
CA CYS H 136 -26.48 57.34 -14.82
C CYS H 136 -26.47 55.83 -14.76
N LEU H 137 -27.63 55.23 -15.01
CA LEU H 137 -27.83 53.78 -14.84
C LEU H 137 -28.32 53.21 -16.17
N PHE H 138 -27.46 52.44 -16.82
CA PHE H 138 -27.84 51.70 -18.02
C PHE H 138 -28.28 50.31 -17.58
N THR H 139 -29.50 49.91 -17.98
CA THR H 139 -30.09 48.68 -17.48
C THR H 139 -31.05 48.12 -18.51
N ASP H 140 -31.41 46.85 -18.31
CA ASP H 140 -32.44 46.11 -19.04
C ASP H 140 -32.02 45.72 -20.46
N PHE H 141 -30.74 45.83 -20.78
CA PHE H 141 -30.28 45.44 -22.11
C PHE H 141 -30.09 43.93 -22.17
N ASP H 142 -29.94 43.41 -23.40
CA ASP H 142 -29.75 41.99 -23.60
C ASP H 142 -28.36 41.55 -23.17
N SER H 143 -28.26 40.28 -22.78
CA SER H 143 -27.02 39.73 -22.23
C SER H 143 -25.91 39.62 -23.27
N GLN H 144 -26.25 39.73 -24.55
CA GLN H 144 -25.22 39.75 -25.59
C GLN H 144 -24.64 41.15 -25.80
N THR H 145 -25.36 42.18 -25.39
CA THR H 145 -24.80 43.52 -25.37
C THR H 145 -23.71 43.62 -24.30
N ASN H 146 -22.59 44.24 -24.64
CA ASN H 146 -21.43 44.34 -23.76
C ASN H 146 -21.11 45.80 -23.45
N VAL H 147 -20.99 46.11 -22.17
CA VAL H 147 -20.66 47.46 -21.70
C VAL H 147 -19.16 47.67 -21.78
N SER H 148 -18.74 48.87 -22.18
CA SER H 148 -17.33 49.14 -22.46
C SER H 148 -16.68 49.92 -21.32
N GLN H 149 -15.56 49.38 -20.83
CA GLN H 149 -14.67 50.06 -19.90
C GLN H 149 -14.51 51.54 -20.22
N SER H 150 -14.54 52.35 -19.17
CA SER H 150 -14.17 53.75 -19.30
C SER H 150 -12.68 53.86 -19.65
N LYS H 151 -12.37 54.71 -20.64
CA LYS H 151 -10.98 55.02 -20.97
C LYS H 151 -10.64 56.45 -20.60
N ASP H 152 -11.49 57.10 -19.80
CA ASP H 152 -11.33 58.47 -19.34
C ASP H 152 -11.22 58.41 -17.82
N SER H 153 -10.04 58.74 -17.30
CA SER H 153 -9.77 58.51 -15.87
C SER H 153 -10.59 59.40 -14.95
N ASP H 154 -11.20 60.46 -15.46
CA ASP H 154 -12.07 61.30 -14.68
C ASP H 154 -13.55 60.97 -14.86
N VAL H 155 -13.86 59.91 -15.59
CA VAL H 155 -15.22 59.41 -15.76
C VAL H 155 -15.22 57.92 -15.45
N TYR H 156 -16.10 57.49 -14.55
CA TYR H 156 -16.10 56.13 -14.05
C TYR H 156 -17.27 55.35 -14.62
N ILE H 157 -17.00 54.16 -15.16
CA ILE H 157 -18.02 53.27 -15.72
C ILE H 157 -17.71 51.87 -15.23
N THR H 158 -18.69 51.23 -14.57
CA THR H 158 -18.55 49.89 -14.03
C THR H 158 -18.84 48.82 -15.08
N ASP H 159 -18.42 47.60 -14.77
CA ASP H 159 -18.77 46.45 -15.59
C ASP H 159 -20.26 46.11 -15.38
N LYS H 160 -20.76 45.19 -16.22
CA LYS H 160 -22.12 44.69 -16.10
C LYS H 160 -22.39 44.13 -14.70
N CYS H 161 -23.67 43.98 -14.36
CA CYS H 161 -24.08 43.46 -13.05
C CYS H 161 -25.44 42.81 -13.20
N VAL H 162 -25.53 41.54 -12.88
CA VAL H 162 -26.77 40.76 -13.00
C VAL H 162 -27.43 40.74 -11.63
N LEU H 163 -28.60 41.37 -11.51
CA LEU H 163 -29.42 41.29 -10.32
C LEU H 163 -30.61 40.37 -10.57
N ASP H 164 -31.15 39.81 -9.49
CA ASP H 164 -32.18 38.76 -9.59
C ASP H 164 -33.26 39.09 -8.56
N MET H 165 -34.40 39.59 -9.04
CA MET H 165 -35.59 39.85 -8.22
C MET H 165 -36.35 38.54 -8.06
N ARG H 166 -36.09 37.85 -6.94
CA ARG H 166 -36.56 36.47 -6.77
C ARG H 166 -38.08 36.37 -6.72
N SER H 167 -38.74 37.32 -6.07
CA SER H 167 -40.19 37.22 -5.89
C SER H 167 -40.93 37.28 -7.23
N MET H 168 -40.34 37.93 -8.23
CA MET H 168 -41.00 38.13 -9.53
C MET H 168 -40.41 37.29 -10.65
N ASP H 169 -39.36 36.50 -10.37
CA ASP H 169 -38.67 35.72 -11.39
C ASP H 169 -38.20 36.62 -12.54
N PHE H 170 -37.68 37.80 -12.19
CA PHE H 170 -37.27 38.80 -13.16
C PHE H 170 -35.78 39.07 -12.97
N LYS H 171 -35.00 38.83 -14.02
CA LYS H 171 -33.57 39.11 -14.01
C LYS H 171 -33.31 40.31 -14.90
N SER H 172 -32.39 41.18 -14.47
CA SER H 172 -32.02 42.31 -15.31
C SER H 172 -30.54 42.64 -15.10
N ASN H 173 -29.90 43.06 -16.18
CA ASN H 173 -28.53 43.54 -16.14
C ASN H 173 -28.51 45.05 -15.95
N SER H 174 -27.41 45.55 -15.40
CA SER H 174 -27.28 46.99 -15.24
C SER H 174 -25.80 47.35 -15.11
N ALA H 175 -25.49 48.58 -15.52
CA ALA H 175 -24.17 49.16 -15.33
C ALA H 175 -24.32 50.63 -14.98
N VAL H 176 -23.37 51.14 -14.21
CA VAL H 176 -23.46 52.47 -13.61
C VAL H 176 -22.32 53.33 -14.13
N ALA H 177 -22.61 54.61 -14.35
CA ALA H 177 -21.61 55.59 -14.76
C ALA H 177 -21.90 56.92 -14.08
N TRP H 178 -20.84 57.56 -13.60
CA TRP H 178 -20.96 58.86 -12.96
C TRP H 178 -19.65 59.63 -13.14
N SER H 179 -19.69 60.91 -12.83
CA SER H 179 -18.53 61.78 -13.02
C SER H 179 -18.79 63.13 -12.36
N ASN H 180 -17.69 63.81 -12.04
CA ASN H 180 -17.72 65.15 -11.47
C ASN H 180 -17.58 66.23 -12.54
N LYS H 181 -17.41 65.84 -13.81
CA LYS H 181 -17.05 66.75 -14.88
C LYS H 181 -18.16 67.77 -15.14
N SER H 182 -17.83 68.79 -15.92
CA SER H 182 -18.80 69.80 -16.32
C SER H 182 -19.70 69.27 -17.44
N ASP H 183 -21.00 69.49 -17.27
CA ASP H 183 -22.04 68.98 -18.17
C ASP H 183 -21.79 67.53 -18.56
N PHE H 184 -21.42 66.70 -17.60
CA PHE H 184 -21.50 65.26 -17.81
C PHE H 184 -22.97 64.85 -17.77
N ALA H 185 -23.41 64.17 -18.83
CA ALA H 185 -24.82 63.88 -19.03
C ALA H 185 -24.99 62.41 -19.38
N CYS H 186 -26.15 61.85 -18.99
CA CYS H 186 -26.40 60.44 -19.18
C CYS H 186 -26.41 60.05 -20.65
N ALA H 187 -26.84 60.97 -21.52
CA ALA H 187 -26.83 60.68 -22.95
C ALA H 187 -25.42 60.41 -23.47
N ASN H 188 -24.40 61.02 -22.86
CA ASN H 188 -23.02 60.87 -23.31
C ASN H 188 -22.26 59.77 -22.57
N ALA H 189 -22.77 59.31 -21.43
CA ALA H 189 -22.01 58.42 -20.55
C ALA H 189 -21.48 57.18 -21.26
N PHE H 190 -22.36 56.46 -21.95
CA PHE H 190 -22.02 55.14 -22.49
C PHE H 190 -21.78 55.17 -24.00
N ASN H 191 -21.41 56.32 -24.56
CA ASN H 191 -21.06 56.39 -25.98
C ASN H 191 -19.83 55.55 -26.32
N ASN H 192 -19.05 55.15 -25.32
CA ASN H 192 -17.90 54.29 -25.57
C ASN H 192 -18.30 52.85 -25.85
N SER H 193 -19.60 52.54 -25.72
CA SER H 193 -20.16 51.22 -25.96
C SER H 193 -21.11 51.25 -27.15
N ILE H 194 -21.47 50.06 -27.60
CA ILE H 194 -22.44 49.87 -28.67
C ILE H 194 -23.77 49.54 -28.02
N ILE H 195 -24.67 50.51 -27.98
CA ILE H 195 -25.96 50.36 -27.31
C ILE H 195 -27.03 50.09 -28.37
N PRO H 196 -28.09 49.33 -28.04
CA PRO H 196 -29.13 49.05 -29.05
C PRO H 196 -29.73 50.31 -29.63
N GLU H 197 -30.22 50.21 -30.87
CA GLU H 197 -30.72 51.39 -31.56
C GLU H 197 -32.03 51.88 -30.98
N ASP H 198 -32.81 51.01 -30.33
CA ASP H 198 -34.04 51.40 -29.65
C ASP H 198 -33.82 51.71 -28.18
N THR H 199 -32.61 52.13 -27.81
CA THR H 199 -32.32 52.47 -26.42
C THR H 199 -33.14 53.68 -25.99
N PHE H 200 -33.97 53.49 -24.97
CA PHE H 200 -34.82 54.55 -24.47
C PHE H 200 -34.02 55.61 -23.73
N PHE H 201 -34.16 56.87 -24.15
CA PHE H 201 -33.59 58.01 -23.45
C PHE H 201 -34.70 58.97 -23.01
N PRO H 202 -34.98 59.09 -21.71
CA PRO H 202 -36.11 59.93 -21.27
C PRO H 202 -35.86 61.40 -21.56
N SER H 203 -36.90 62.07 -22.10
CA SER H 203 -36.76 63.44 -22.57
C SER H 203 -37.14 64.49 -21.53
N PRO H 204 -38.23 64.32 -20.75
CA PRO H 204 -38.44 65.34 -19.72
C PRO H 204 -37.61 65.11 -18.46
#